data_6C9U
#
_entry.id   6C9U
#
_cell.length_a   115.768
_cell.length_b   139.684
_cell.length_c   102.580
_cell.angle_alpha   90.00
_cell.angle_beta   97.05
_cell.angle_gamma   90.00
#
_symmetry.space_group_name_H-M   'C 1 2 1'
#
loop_
_entity.id
_entity.type
_entity.pdbx_description
1 polymer '6-deoxyerythronolide-B synthase EryA2, modules 3 and 4'
2 polymer 'Light chain of Fab 1B2'
3 polymer 'Heavy chain of Fab 1B2'
4 non-polymer 'POTASSIUM ION'
5 non-polymer 'SODIUM ION'
6 water water
#
loop_
_entity_poly.entity_id
_entity_poly.type
_entity_poly.pdbx_seq_one_letter_code
_entity_poly.pdbx_strand_id
1 'polypeptide(L)'
;MVTDSEKVAEYLRRATLDLRAARQRIRELESDPIAIVSMACRLPGGVNTPQRLWELLREGGETLSGFPTDRGWDLARLHH
PDPDNPGTSYVDKGGFLDDAAGFDAEFFGVSPREAAAMDPQQRLLLETSWELVENAGIDPHSLRGTATGVFLGVAKFGYG
EDTAAAEDVEGYSVTGVAPAVASGRISYTMGLEGPSISVDTA(CSD)SSSLVALHLAVESLRKGESSMAVVGGAAVMATP
GVFVDFSRQRALAADGRSKAFGAGADGFGFSEGVTLVLLERLSEARRNGHEVLAVVRGSALNQDGASNGLSAPSGPAQRR
VIRQALESCGLEPGDVDAVEAHGTGTALGDPIEANALLDTYGRDRDADRPLWLGSVKSNIGHTQAAAGVTGLLKVVLALR
NGELPATLHVEEPTPHVDWSSGGVALLAGNQPWRRGERTRRAAVSAFGISGTNAHVIVEEAPEREHRETTAHDGRPVPLV
VSARSTAALRAQAAQIAELLERPDADLAGVGLGLATTRARHEHRAAVVASTREEAVRGLREIAAGAATADAVVEGVTEVD
GRNVVFLFPGQGSQWAGMGAELLSSSPVFAGKIRACDESMAPMQDWKVSDVLRQAPGAPGLDRVDVVQPVLFAVMVSLAE
LWRSYGVEPAAVVGHSQGEIAAAHVAGALTLEDAAKLVVGRSRLMRSLSGEGGMAAVALGEAAVRERLRPWQDRLSVAAV
NGPRSVVVSGEPGALRAFSEDCAAEGIRVRDIDVDYASHSPQIERVREELLETTGDIAPRPARVTFHSTVESRSMDGTEL
DARYWYRNLRETVRFADAVTRLAESGYDAFIEVSPHPVVVQAVEEAVEEADGAEDAVVVGSLHRDGGDLSAFLRSMATAH
VSGVDIRWDVALPGAAPFALPTYPFQRKRYWLQPAAPAAASDELAYRSSSVDKLAAALEHHHHHH
;
A
2 'polypeptide(L)'
;LFAIPLVVPFYSHSALDVVMTQSPLSLPVTPGEPASISCRSSQSLLHSNGYNYLDWYLQKPGQSPQLLIYLGSNRASGVP
DRFSGSGSGTDFTLKISRVEAEDVGVYYCMQSLQTPRLTFGPGTKVDIKRTVAAPSVFIFPPSDEQLKSGTASVVCLLNN
FYPRGAKVQWKVDNALQSGNSQESVTEQDSKDSTYSLSSTLTLSKADYEKHKVYACEVTHQGLSSPVTKSFNRGEC
;
L
3 'polypeptide(L)'
;MAEVQLVQSGGGLVQPGRSLRLSCTASGFTFGDYAMSWVRQAPGKGLEWVGFIRSKAYGGTTEYAASVKGRFTISRDDSK
SIAYLQMNSLKTEDTAVYYCTRGGTLFDYWGQGTLVTVSSASTKGPSVFPLAPSSKSTSGGTAALGCLVKDYFPEPVTVS
WNSGALTSGVHTFPAVLQSSGLYSLSSVVTVPSSSLGTQTYICNVNHKPSNTKVDKKVEPKSCAALVPRGSAHHHHHHAA
DYKDDDDKA
;
H
#
# COMPACT_ATOMS: atom_id res chain seq x y z
N MET A 1 1.26 -44.39 -18.28
CA MET A 1 -0.05 -43.78 -17.97
C MET A 1 0.01 -43.20 -16.54
N VAL A 2 -0.88 -42.26 -16.24
CA VAL A 2 -0.87 -41.58 -14.94
C VAL A 2 -1.60 -42.43 -13.92
N THR A 3 -1.02 -42.60 -12.74
CA THR A 3 -1.69 -43.33 -11.69
C THR A 3 -2.86 -42.52 -11.13
N ASP A 4 -3.65 -43.18 -10.26
CA ASP A 4 -4.72 -42.46 -9.60
C ASP A 4 -4.18 -41.40 -8.64
N SER A 5 -3.10 -41.68 -7.93
CA SER A 5 -2.51 -40.67 -7.07
C SER A 5 -2.01 -39.45 -7.86
N GLU A 6 -1.38 -39.67 -9.01
CA GLU A 6 -0.90 -38.55 -9.80
C GLU A 6 -2.03 -37.67 -10.28
N LYS A 7 -3.19 -38.26 -10.56
CA LYS A 7 -4.32 -37.45 -10.99
C LYS A 7 -4.94 -36.72 -9.80
N VAL A 8 -5.08 -37.42 -8.67
CA VAL A 8 -5.60 -36.78 -7.47
C VAL A 8 -4.73 -35.61 -7.05
N ALA A 9 -3.42 -35.74 -7.19
CA ALA A 9 -2.54 -34.64 -6.84
C ALA A 9 -2.92 -33.38 -7.62
N GLU A 10 -3.23 -33.52 -8.90
CA GLU A 10 -3.54 -32.35 -9.72
C GLU A 10 -4.90 -31.75 -9.36
N TYR A 11 -5.89 -32.61 -9.07
CA TYR A 11 -7.22 -32.12 -8.75
C TYR A 11 -7.24 -31.44 -7.39
N LEU A 12 -6.63 -32.08 -6.39
CA LEU A 12 -6.56 -31.50 -5.07
C LEU A 12 -5.75 -30.21 -5.08
N ARG A 13 -4.71 -30.15 -5.91
N ARG A 13 -4.71 -30.14 -5.92
CA ARG A 13 -3.94 -28.91 -6.04
CA ARG A 13 -3.95 -28.91 -6.02
C ARG A 13 -4.83 -27.79 -6.55
C ARG A 13 -4.81 -27.78 -6.57
N ARG A 14 -5.61 -28.05 -7.60
CA ARG A 14 -6.52 -27.03 -8.12
C ARG A 14 -7.52 -26.56 -7.04
N ALA A 15 -8.08 -27.49 -6.27
CA ALA A 15 -9.03 -27.13 -5.20
C ALA A 15 -8.36 -26.27 -4.13
N THR A 16 -7.13 -26.59 -3.76
CA THR A 16 -6.47 -25.76 -2.74
C THR A 16 -6.00 -24.44 -3.32
N LEU A 17 -5.63 -24.39 -4.59
CA LEU A 17 -5.35 -23.10 -5.20
C LEU A 17 -6.61 -22.25 -5.34
N ASP A 18 -7.75 -22.85 -5.71
CA ASP A 18 -9.01 -22.11 -5.76
C ASP A 18 -9.29 -21.51 -4.38
N LEU A 19 -9.13 -22.32 -3.34
CA LEU A 19 -9.35 -21.83 -1.98
C LEU A 19 -8.41 -20.68 -1.63
N ARG A 20 -7.15 -20.81 -1.99
CA ARG A 20 -6.17 -19.80 -1.67
C ARG A 20 -6.53 -18.48 -2.35
N ALA A 21 -6.92 -18.53 -3.63
CA ALA A 21 -7.33 -17.32 -4.33
C ALA A 21 -8.58 -16.70 -3.73
N ALA A 22 -9.54 -17.52 -3.30
CA ALA A 22 -10.73 -17.00 -2.66
C ALA A 22 -10.39 -16.32 -1.35
N ARG A 23 -9.55 -16.94 -0.53
CA ARG A 23 -9.15 -16.36 0.74
C ARG A 23 -8.38 -15.06 0.54
N GLN A 24 -7.49 -15.01 -0.43
CA GLN A 24 -6.81 -13.75 -0.75
C GLN A 24 -7.80 -12.65 -1.12
N ARG A 25 -8.80 -13.00 -1.93
CA ARG A 25 -9.82 -12.06 -2.32
C ARG A 25 -10.59 -11.53 -1.11
N ILE A 26 -10.95 -12.41 -0.17
CA ILE A 26 -11.60 -11.96 1.06
C ILE A 26 -10.72 -10.95 1.78
N ARG A 27 -9.44 -11.27 1.95
N ARG A 27 -9.43 -11.29 1.95
CA ARG A 27 -8.56 -10.41 2.72
CA ARG A 27 -8.52 -10.43 2.70
C ARG A 27 -8.34 -9.07 2.03
C ARG A 27 -8.40 -9.06 2.03
N GLU A 28 -8.37 -9.04 0.70
CA GLU A 28 -8.29 -7.76 -0.01
C GLU A 28 -9.53 -6.91 0.26
N LEU A 29 -10.71 -7.53 0.15
CA LEU A 29 -11.94 -6.80 0.36
C LEU A 29 -12.05 -6.30 1.78
N GLU A 30 -11.49 -7.02 2.75
CA GLU A 30 -11.68 -6.70 4.16
C GLU A 30 -10.59 -5.85 4.76
N SER A 31 -9.37 -6.01 4.32
CA SER A 31 -8.24 -5.48 5.10
C SER A 31 -7.01 -5.25 4.23
N ASP A 32 -7.15 -5.16 2.91
CA ASP A 32 -6.03 -4.81 2.04
C ASP A 32 -5.31 -3.56 2.56
N PRO A 33 -3.98 -3.59 2.75
CA PRO A 33 -3.27 -2.40 3.20
C PRO A 33 -3.34 -1.28 2.16
N ILE A 34 -3.42 -0.05 2.65
CA ILE A 34 -3.59 1.12 1.82
C ILE A 34 -2.36 2.01 1.99
N ALA A 35 -1.68 2.27 0.88
CA ALA A 35 -0.54 3.17 0.84
C ALA A 35 -0.98 4.64 0.90
N ILE A 36 -0.32 5.39 1.76
CA ILE A 36 -0.33 6.85 1.68
C ILE A 36 0.81 7.22 0.74
N VAL A 37 0.47 7.70 -0.45
CA VAL A 37 1.51 7.94 -1.43
C VAL A 37 1.97 9.38 -1.37
N SER A 38 1.12 10.30 -0.96
CA SER A 38 1.63 11.64 -0.74
C SER A 38 0.67 12.44 0.13
N MET A 39 1.09 13.68 0.39
CA MET A 39 0.41 14.61 1.27
C MET A 39 0.60 16.05 0.77
N ALA A 40 -0.32 16.92 1.22
CA ALA A 40 -0.26 18.35 0.93
C ALA A 40 -1.09 19.10 1.98
N CYS A 41 -0.78 20.37 2.14
CA CYS A 41 -1.47 21.08 3.22
C CYS A 41 -1.30 22.59 3.10
N ARG A 42 -2.29 23.26 3.67
CA ARG A 42 -2.26 24.67 4.03
C ARG A 42 -2.68 24.74 5.49
N LEU A 43 -1.77 25.18 6.32
CA LEU A 43 -1.94 25.32 7.75
C LEU A 43 -1.46 26.69 8.20
N PRO A 44 -1.83 27.10 9.43
CA PRO A 44 -1.52 28.45 9.89
C PRO A 44 -0.02 28.71 9.96
N GLY A 45 0.31 30.01 9.93
CA GLY A 45 1.68 30.46 9.97
C GLY A 45 2.48 30.18 8.71
N GLY A 46 1.83 30.07 7.56
CA GLY A 46 2.58 29.80 6.33
C GLY A 46 3.03 28.36 6.22
N VAL A 47 2.42 27.48 6.98
CA VAL A 47 2.84 26.08 6.91
C VAL A 47 2.14 25.48 5.70
N ASN A 48 2.72 25.67 4.51
N ASN A 48 2.74 25.62 4.53
CA ASN A 48 2.06 25.29 3.25
CA ASN A 48 2.08 25.29 3.27
C ASN A 48 2.71 24.08 2.58
C ASN A 48 2.70 24.08 2.59
N THR A 49 3.54 23.35 3.29
CA THR A 49 3.99 22.05 2.85
C THR A 49 4.08 21.16 4.06
N PRO A 50 4.08 19.84 3.84
CA PRO A 50 4.24 18.94 4.99
C PRO A 50 5.59 19.06 5.66
N GLN A 51 6.64 19.36 4.89
CA GLN A 51 7.93 19.54 5.53
C GLN A 51 7.93 20.73 6.50
N ARG A 52 7.33 21.87 6.10
CA ARG A 52 7.19 23.00 7.02
C ARG A 52 6.42 22.58 8.28
N LEU A 53 5.38 21.77 8.14
CA LEU A 53 4.69 21.29 9.34
C LEU A 53 5.65 20.51 10.22
N TRP A 54 6.42 19.61 9.59
CA TRP A 54 7.39 18.86 10.38
C TRP A 54 8.37 19.80 11.06
N GLU A 55 8.87 20.79 10.34
CA GLU A 55 9.78 21.76 10.94
C GLU A 55 9.15 22.41 12.17
N LEU A 56 7.88 22.82 12.04
CA LEU A 56 7.19 23.45 13.19
C LEU A 56 7.11 22.48 14.36
N LEU A 57 6.69 21.24 14.09
CA LEU A 57 6.46 20.28 15.16
C LEU A 57 7.74 19.86 15.86
N ARG A 58 8.83 19.72 15.11
N ARG A 58 8.83 19.71 15.12
CA ARG A 58 10.09 19.30 15.73
CA ARG A 58 10.07 19.28 15.77
C ARG A 58 10.63 20.37 16.66
C ARG A 58 10.61 20.37 16.69
N GLU A 59 10.40 21.65 16.35
CA GLU A 59 10.80 22.75 17.25
C GLU A 59 9.84 22.97 18.42
N GLY A 60 8.63 22.40 18.40
CA GLY A 60 7.64 22.77 19.38
C GLY A 60 6.97 24.12 19.16
N GLY A 61 6.85 24.53 17.91
CA GLY A 61 6.25 25.83 17.61
C GLY A 61 4.74 25.79 17.74
N GLU A 62 4.19 26.97 17.99
CA GLU A 62 2.74 27.21 18.12
C GLU A 62 2.42 28.40 17.23
N THR A 63 1.51 28.23 16.28
CA THR A 63 1.28 29.22 15.24
C THR A 63 0.12 30.17 15.55
N LEU A 64 -0.43 30.12 16.75
CA LEU A 64 -1.54 31.01 17.14
C LEU A 64 -1.26 32.47 16.77
N SER A 65 -2.27 33.20 16.28
CA SER A 65 -2.12 34.63 15.97
C SER A 65 -3.41 35.37 16.34
N GLY A 66 -3.42 36.69 16.12
CA GLY A 66 -4.63 37.49 16.21
C GLY A 66 -5.54 37.28 15.01
N PHE A 67 -6.78 37.73 15.15
CA PHE A 67 -7.77 37.59 14.09
C PHE A 67 -7.32 38.32 12.84
N PRO A 68 -7.69 37.82 11.65
CA PRO A 68 -7.29 38.49 10.40
C PRO A 68 -7.90 39.87 10.25
N THR A 69 -7.13 40.77 9.66
CA THR A 69 -7.56 42.14 9.44
C THR A 69 -7.87 42.42 7.99
N ASP A 70 -7.78 41.43 7.10
CA ASP A 70 -7.93 41.66 5.69
C ASP A 70 -9.07 40.83 5.14
N ARG A 71 -10.04 40.51 6.01
CA ARG A 71 -11.20 39.71 5.64
C ARG A 71 -12.49 40.45 5.81
N GLY A 72 -12.42 41.74 6.15
CA GLY A 72 -13.60 42.55 6.34
C GLY A 72 -14.29 42.36 7.67
N TRP A 73 -13.69 41.65 8.61
CA TRP A 73 -14.32 41.54 9.91
C TRP A 73 -14.24 42.87 10.65
N ASP A 74 -15.22 43.09 11.53
CA ASP A 74 -15.28 44.33 12.30
C ASP A 74 -14.72 44.03 13.68
N LEU A 75 -13.40 44.12 13.81
CA LEU A 75 -12.73 43.53 14.94
C LEU A 75 -13.10 44.24 16.24
N ALA A 76 -13.17 45.57 16.21
CA ALA A 76 -13.68 46.36 17.34
C ALA A 76 -15.03 45.82 17.86
N ARG A 77 -16.04 45.79 16.99
CA ARG A 77 -17.35 45.36 17.46
C ARG A 77 -17.37 43.89 17.80
N LEU A 78 -16.46 43.09 17.23
CA LEU A 78 -16.55 41.64 17.40
C LEU A 78 -16.12 41.18 18.79
N HIS A 79 -15.14 41.84 19.40
CA HIS A 79 -14.65 41.43 20.72
C HIS A 79 -15.44 42.09 21.83
N HIS A 80 -15.64 41.35 22.91
CA HIS A 80 -16.33 41.77 24.10
C HIS A 80 -16.04 40.68 25.13
N PRO A 81 -15.55 41.01 26.33
CA PRO A 81 -15.08 39.96 27.24
C PRO A 81 -16.17 39.15 27.89
N ASP A 82 -17.43 39.58 27.84
CA ASP A 82 -18.45 38.86 28.58
C ASP A 82 -19.00 37.73 27.74
N PRO A 83 -18.99 36.50 28.22
CA PRO A 83 -19.52 35.39 27.42
C PRO A 83 -20.97 35.53 27.03
N ASP A 84 -21.77 36.24 27.82
CA ASP A 84 -23.22 36.27 27.60
C ASP A 84 -23.64 37.39 26.66
N ASN A 85 -22.71 38.26 26.26
CA ASN A 85 -23.00 39.34 25.33
C ASN A 85 -23.26 38.79 23.93
N PRO A 86 -24.47 38.91 23.39
CA PRO A 86 -24.73 38.34 22.06
C PRO A 86 -23.85 38.97 20.98
N GLY A 87 -23.53 38.15 19.97
CA GLY A 87 -22.89 38.60 18.73
C GLY A 87 -21.41 38.82 18.81
N THR A 88 -20.79 38.58 19.95
CA THR A 88 -19.37 38.85 20.14
C THR A 88 -18.61 37.59 20.57
N SER A 89 -17.29 37.70 20.48
CA SER A 89 -16.35 36.69 20.93
C SER A 89 -15.55 37.27 22.08
N TYR A 90 -15.31 36.46 23.09
CA TYR A 90 -14.35 36.83 24.14
C TYR A 90 -12.92 36.42 23.85
N VAL A 91 -12.65 35.71 22.76
CA VAL A 91 -11.29 35.43 22.33
C VAL A 91 -11.03 36.25 21.09
N ASP A 92 -9.78 36.59 20.89
CA ASP A 92 -9.35 37.32 19.72
C ASP A 92 -8.11 36.67 19.10
N LYS A 93 -7.94 35.37 19.34
CA LYS A 93 -6.79 34.61 18.88
C LYS A 93 -7.31 33.35 18.21
N GLY A 94 -6.65 32.91 17.15
CA GLY A 94 -6.94 31.63 16.52
C GLY A 94 -5.78 31.24 15.63
N GLY A 95 -5.93 30.10 14.94
CA GLY A 95 -5.00 29.68 13.90
C GLY A 95 -5.55 30.03 12.53
N PHE A 96 -4.89 30.95 11.84
CA PHE A 96 -5.37 31.44 10.57
C PHE A 96 -4.33 31.24 9.48
N LEU A 97 -4.81 30.96 8.27
CA LEU A 97 -3.90 30.79 7.14
C LEU A 97 -3.26 32.12 6.77
N ASP A 98 -2.04 32.02 6.25
CA ASP A 98 -1.31 33.17 5.69
C ASP A 98 -2.16 33.97 4.71
N ASP A 99 -2.75 33.31 3.73
CA ASP A 99 -3.28 33.98 2.55
C ASP A 99 -4.48 33.17 2.06
N ALA A 100 -5.52 33.12 2.89
CA ALA A 100 -6.74 32.40 2.54
C ALA A 100 -7.39 32.96 1.29
N ALA A 101 -7.20 34.24 1.00
CA ALA A 101 -7.81 34.88 -0.17
C ALA A 101 -7.02 34.68 -1.46
N GLY A 102 -5.78 34.22 -1.37
CA GLY A 102 -4.91 34.14 -2.57
C GLY A 102 -5.22 32.92 -3.41
N PHE A 103 -5.30 33.12 -4.73
CA PHE A 103 -5.68 32.06 -5.65
C PHE A 103 -5.11 32.36 -7.02
N ASP A 104 -4.57 31.32 -7.67
CA ASP A 104 -4.22 31.39 -9.09
C ASP A 104 -5.39 30.94 -9.92
N ALA A 105 -6.27 31.89 -10.24
CA ALA A 105 -7.51 31.57 -10.94
C ALA A 105 -7.23 31.05 -12.34
N GLU A 106 -6.36 31.75 -13.09
CA GLU A 106 -6.13 31.38 -14.47
C GLU A 106 -5.53 29.99 -14.61
N PHE A 107 -4.65 29.61 -13.68
CA PHE A 107 -4.12 28.25 -13.72
C PHE A 107 -5.25 27.24 -13.79
N PHE A 108 -6.29 27.47 -13.00
CA PHE A 108 -7.38 26.51 -12.88
C PHE A 108 -8.49 26.79 -13.86
N GLY A 109 -8.28 27.70 -14.82
CA GLY A 109 -9.30 28.00 -15.81
C GLY A 109 -10.55 28.67 -15.24
N VAL A 110 -10.40 29.40 -14.15
CA VAL A 110 -11.51 30.05 -13.47
C VAL A 110 -11.44 31.54 -13.75
N SER A 111 -12.59 32.13 -14.09
CA SER A 111 -12.64 33.57 -14.34
C SER A 111 -12.53 34.34 -13.03
N PRO A 112 -12.10 35.60 -13.14
CA PRO A 112 -12.04 36.45 -11.95
C PRO A 112 -13.34 36.51 -11.16
N ARG A 113 -14.49 36.57 -11.84
CA ARG A 113 -15.74 36.67 -11.10
C ARG A 113 -16.09 35.33 -10.47
N GLU A 114 -15.80 34.21 -11.14
CA GLU A 114 -16.04 32.94 -10.48
C GLU A 114 -15.16 32.81 -9.25
N ALA A 115 -13.88 33.20 -9.35
CA ALA A 115 -12.93 33.08 -8.24
C ALA A 115 -13.43 33.81 -7.00
N ALA A 116 -13.92 35.04 -7.17
CA ALA A 116 -14.36 35.84 -6.04
C ALA A 116 -15.58 35.21 -5.37
N ALA A 117 -16.44 34.58 -6.17
CA ALA A 117 -17.61 33.92 -5.67
C ALA A 117 -17.29 32.56 -5.05
N MET A 118 -16.09 32.03 -5.27
CA MET A 118 -15.73 30.73 -4.71
C MET A 118 -15.29 30.85 -3.26
N ASP A 119 -15.89 30.03 -2.42
CA ASP A 119 -15.40 29.73 -1.10
C ASP A 119 -13.90 29.50 -1.17
N PRO A 120 -13.12 30.13 -0.30
CA PRO A 120 -11.68 29.84 -0.26
C PRO A 120 -11.37 28.39 0.05
N GLN A 121 -12.23 27.69 0.79
CA GLN A 121 -12.07 26.25 0.93
C GLN A 121 -11.96 25.58 -0.43
N GLN A 122 -12.78 25.98 -1.38
CA GLN A 122 -12.76 25.35 -2.70
C GLN A 122 -11.47 25.72 -3.42
N ARG A 123 -11.03 26.96 -3.25
CA ARG A 123 -9.87 27.44 -3.98
C ARG A 123 -8.61 26.81 -3.46
N LEU A 124 -8.46 26.73 -2.13
CA LEU A 124 -7.29 26.09 -1.60
C LEU A 124 -7.30 24.59 -1.80
N LEU A 125 -8.47 23.95 -1.93
CA LEU A 125 -8.49 22.52 -2.25
C LEU A 125 -8.00 22.28 -3.66
N LEU A 126 -8.22 23.23 -4.56
CA LEU A 126 -7.68 23.04 -5.90
C LEU A 126 -6.16 23.11 -5.90
N GLU A 127 -5.61 24.07 -5.18
CA GLU A 127 -4.15 24.19 -5.15
C GLU A 127 -3.52 23.00 -4.47
N THR A 128 -4.04 22.62 -3.31
CA THR A 128 -3.46 21.53 -2.56
C THR A 128 -3.65 20.22 -3.28
N SER A 129 -4.78 20.01 -3.96
CA SER A 129 -4.95 18.76 -4.69
C SER A 129 -3.96 18.67 -5.86
N TRP A 130 -3.67 19.79 -6.52
CA TRP A 130 -2.62 19.80 -7.54
C TRP A 130 -1.27 19.43 -6.94
N GLU A 131 -0.91 20.10 -5.85
CA GLU A 131 0.32 19.81 -5.15
C GLU A 131 0.37 18.37 -4.70
N LEU A 132 -0.75 17.85 -4.22
CA LEU A 132 -0.80 16.50 -3.71
C LEU A 132 -0.31 15.50 -4.75
N VAL A 133 -0.81 15.62 -5.98
CA VAL A 133 -0.48 14.68 -7.02
C VAL A 133 0.97 14.90 -7.50
N GLU A 134 1.40 16.17 -7.62
CA GLU A 134 2.81 16.48 -7.89
C GLU A 134 3.72 15.87 -6.85
N ASN A 135 3.31 15.89 -5.57
CA ASN A 135 4.17 15.35 -4.51
C ASN A 135 4.23 13.82 -4.56
N ALA A 136 3.32 13.19 -5.27
CA ALA A 136 3.40 11.75 -5.45
C ALA A 136 4.35 11.38 -6.59
N GLY A 137 4.91 12.38 -7.28
CA GLY A 137 5.71 12.14 -8.45
C GLY A 137 4.88 11.75 -9.63
N ILE A 138 3.64 12.23 -9.70
CA ILE A 138 2.71 11.89 -10.78
C ILE A 138 2.39 13.16 -11.55
N ASP A 139 2.55 13.10 -12.87
CA ASP A 139 2.08 14.13 -13.79
C ASP A 139 0.56 14.21 -13.61
N PRO A 140 0.03 15.29 -13.02
CA PRO A 140 -1.44 15.32 -12.74
C PRO A 140 -2.29 15.08 -13.96
N HIS A 141 -1.81 15.44 -15.14
CA HIS A 141 -2.56 15.23 -16.38
C HIS A 141 -2.76 13.74 -16.63
N SER A 142 -1.92 12.90 -16.06
CA SER A 142 -2.12 11.49 -16.29
C SER A 142 -3.29 10.91 -15.48
N LEU A 143 -3.88 11.67 -14.53
CA LEU A 143 -5.07 11.19 -13.81
C LEU A 143 -6.37 11.51 -14.54
N ARG A 144 -6.31 12.27 -15.65
CA ARG A 144 -7.49 12.57 -16.44
C ARG A 144 -8.07 11.27 -16.95
N GLY A 145 -9.38 11.09 -16.78
CA GLY A 145 -10.05 9.86 -17.15
C GLY A 145 -9.85 8.67 -16.24
N THR A 146 -9.14 8.81 -15.12
CA THR A 146 -8.96 7.68 -14.23
C THR A 146 -10.09 7.63 -13.20
N ALA A 147 -10.20 6.49 -12.54
CA ALA A 147 -11.17 6.30 -11.46
C ALA A 147 -10.58 6.73 -10.11
N THR A 148 -9.98 7.91 -10.11
CA THR A 148 -9.58 8.54 -8.87
C THR A 148 -10.81 9.10 -8.19
N GLY A 149 -10.95 8.77 -6.93
CA GLY A 149 -12.08 9.24 -6.15
C GLY A 149 -11.63 10.42 -5.30
N VAL A 150 -12.61 11.23 -4.89
CA VAL A 150 -12.40 12.36 -3.99
C VAL A 150 -13.34 12.23 -2.79
N PHE A 151 -12.77 12.27 -1.57
CA PHE A 151 -13.50 12.06 -0.31
C PHE A 151 -13.06 13.16 0.66
N LEU A 152 -13.91 14.16 0.88
CA LEU A 152 -13.53 15.33 1.64
C LEU A 152 -14.50 15.63 2.76
N GLY A 153 -13.94 16.02 3.90
CA GLY A 153 -14.65 16.65 5.00
C GLY A 153 -14.68 18.16 4.80
N VAL A 154 -15.86 18.74 4.70
CA VAL A 154 -15.99 20.18 4.43
C VAL A 154 -17.37 20.64 4.88
N ALA A 155 -17.44 21.85 5.46
CA ALA A 155 -18.67 22.50 5.89
C ALA A 155 -18.61 23.98 5.51
N LYS A 156 -19.78 24.60 5.34
CA LYS A 156 -19.87 26.03 5.09
C LYS A 156 -19.49 26.82 6.33
N PHE A 157 -18.84 27.98 6.12
CA PHE A 157 -18.48 28.91 7.19
C PHE A 157 -18.98 30.32 6.87
N GLY A 158 -19.95 30.44 5.98
CA GLY A 158 -20.61 31.70 5.73
C GLY A 158 -19.94 32.61 4.72
N TYR A 159 -19.00 32.12 3.91
CA TYR A 159 -18.41 32.95 2.88
C TYR A 159 -19.48 33.51 1.96
N GLY A 160 -19.45 34.83 1.78
CA GLY A 160 -20.37 35.50 0.90
C GLY A 160 -21.77 35.73 1.45
N GLU A 161 -22.08 35.24 2.66
N GLU A 161 -22.10 35.25 2.64
CA GLU A 161 -23.46 35.31 3.16
CA GLU A 161 -23.51 35.33 3.06
C GLU A 161 -23.90 36.76 3.35
C GLU A 161 -23.92 36.78 3.34
N ASP A 162 -22.97 37.65 3.69
CA ASP A 162 -23.27 39.05 3.96
C ASP A 162 -22.84 39.97 2.83
N THR A 163 -22.79 39.46 1.61
CA THR A 163 -22.52 40.29 0.45
C THR A 163 -23.83 40.55 -0.28
N ALA A 164 -23.99 41.77 -0.78
CA ALA A 164 -25.22 42.16 -1.44
C ALA A 164 -25.48 41.23 -2.62
N ALA A 165 -26.72 40.74 -2.71
CA ALA A 165 -27.15 40.00 -3.87
C ALA A 165 -26.82 40.77 -5.14
N ALA A 166 -26.34 40.04 -6.16
CA ALA A 166 -25.94 40.66 -7.40
C ALA A 166 -26.45 39.82 -8.55
N GLU A 167 -26.13 40.27 -9.76
CA GLU A 167 -26.40 39.47 -10.94
C GLU A 167 -25.40 38.31 -11.01
N ASP A 168 -25.85 37.22 -11.60
CA ASP A 168 -25.07 35.99 -11.59
C ASP A 168 -25.63 35.04 -12.63
N VAL A 169 -25.50 35.46 -13.89
CA VAL A 169 -25.97 34.70 -15.04
C VAL A 169 -25.43 33.28 -15.02
N GLU A 170 -24.15 33.11 -14.60
CA GLU A 170 -23.48 31.81 -14.64
C GLU A 170 -23.72 30.96 -13.39
N GLY A 171 -24.38 31.50 -12.36
CA GLY A 171 -24.64 30.71 -11.17
C GLY A 171 -23.44 30.49 -10.30
N TYR A 172 -22.44 31.36 -10.44
CA TYR A 172 -21.20 31.23 -9.68
C TYR A 172 -21.47 31.28 -8.20
N SER A 173 -22.55 31.95 -7.80
CA SER A 173 -22.79 32.11 -6.38
C SER A 173 -23.23 30.79 -5.75
N VAL A 174 -23.92 29.96 -6.51
CA VAL A 174 -24.43 28.71 -6.00
C VAL A 174 -23.32 27.68 -5.88
N THR A 175 -22.63 27.44 -7.00
CA THR A 175 -21.59 26.44 -7.01
C THR A 175 -20.39 26.90 -6.21
N GLY A 176 -20.23 28.20 -6.06
CA GLY A 176 -19.05 28.71 -5.38
C GLY A 176 -18.99 28.40 -3.91
N VAL A 177 -20.14 28.21 -3.24
CA VAL A 177 -20.15 27.95 -1.81
C VAL A 177 -20.70 26.58 -1.42
N ALA A 178 -21.18 25.78 -2.37
CA ALA A 178 -21.78 24.47 -2.02
C ALA A 178 -20.69 23.47 -1.62
N PRO A 179 -20.74 22.89 -0.43
CA PRO A 179 -19.76 21.84 -0.06
C PRO A 179 -19.68 20.67 -1.03
N ALA A 180 -20.78 20.33 -1.71
CA ALA A 180 -20.73 19.26 -2.70
C ALA A 180 -19.72 19.58 -3.79
N VAL A 181 -19.68 20.86 -4.21
CA VAL A 181 -18.80 21.29 -5.28
C VAL A 181 -17.36 21.34 -4.83
N ALA A 182 -17.10 21.49 -3.53
CA ALA A 182 -15.72 21.44 -3.06
C ALA A 182 -15.00 20.15 -3.47
N SER A 183 -15.71 19.01 -3.44
CA SER A 183 -15.16 17.75 -3.95
C SER A 183 -15.35 17.61 -5.46
N GLY A 184 -16.54 17.92 -5.94
CA GLY A 184 -16.83 17.80 -7.37
C GLY A 184 -15.94 18.67 -8.27
N ARG A 185 -15.54 19.84 -7.79
CA ARG A 185 -14.70 20.74 -8.57
C ARG A 185 -13.30 20.17 -8.74
N ILE A 186 -12.78 19.44 -7.75
CA ILE A 186 -11.51 18.76 -7.93
C ILE A 186 -11.62 17.75 -9.06
N SER A 187 -12.69 16.96 -9.05
CA SER A 187 -12.91 15.95 -10.07
C SER A 187 -13.06 16.60 -11.44
N TYR A 188 -13.88 17.65 -11.50
CA TYR A 188 -14.11 18.37 -12.73
C TYR A 188 -12.81 18.91 -13.31
N THR A 189 -11.99 19.57 -12.49
CA THR A 189 -10.85 20.24 -13.05
C THR A 189 -9.71 19.30 -13.36
N MET A 190 -9.54 18.21 -12.61
CA MET A 190 -8.47 17.24 -12.89
C MET A 190 -8.94 16.07 -13.72
N GLY A 191 -10.19 16.11 -14.17
CA GLY A 191 -10.76 15.08 -15.01
C GLY A 191 -10.91 13.73 -14.34
N LEU A 192 -11.12 13.72 -13.04
CA LEU A 192 -11.26 12.49 -12.27
C LEU A 192 -12.66 11.92 -12.41
N GLU A 193 -12.77 10.58 -12.35
CA GLU A 193 -14.04 9.94 -12.65
C GLU A 193 -14.52 8.98 -11.60
N GLY A 194 -13.77 8.81 -10.53
CA GLY A 194 -14.22 8.05 -9.38
C GLY A 194 -15.30 8.82 -8.62
N PRO A 195 -15.91 8.18 -7.63
CA PRO A 195 -16.87 8.91 -6.78
C PRO A 195 -16.20 10.14 -6.13
N SER A 196 -16.98 11.22 -5.99
CA SER A 196 -16.52 12.45 -5.37
C SER A 196 -17.57 12.84 -4.35
N ILE A 197 -17.20 12.82 -3.07
CA ILE A 197 -18.17 12.95 -1.97
C ILE A 197 -17.62 13.91 -0.97
N SER A 198 -18.50 14.80 -0.48
CA SER A 198 -18.24 15.66 0.66
C SER A 198 -19.10 15.15 1.81
N VAL A 199 -18.49 15.07 2.97
CA VAL A 199 -19.14 14.51 4.15
C VAL A 199 -18.97 15.49 5.30
N ASP A 200 -19.90 15.38 6.24
CA ASP A 200 -19.89 16.27 7.41
C ASP A 200 -20.28 15.43 8.61
N THR A 201 -19.30 15.11 9.42
CA THR A 201 -19.53 14.60 10.74
C THR A 201 -18.74 15.46 11.73
N ALA A 202 -18.69 16.76 11.44
CA ALA A 202 -18.02 17.71 12.31
C ALA A 202 -16.56 17.30 12.38
N SER A 204 -14.83 14.75 13.03
CA SER A 204 -14.32 13.45 12.62
C SER A 204 -14.40 13.37 11.09
N SER A 205 -14.82 14.48 10.45
CA SER A 205 -15.23 14.42 9.06
C SER A 205 -14.12 13.87 8.18
N SER A 206 -12.87 14.33 8.37
CA SER A 206 -11.85 13.90 7.43
C SER A 206 -11.42 12.46 7.65
N LEU A 207 -11.50 11.92 8.87
CA LEU A 207 -11.25 10.48 9.02
C LEU A 207 -12.43 9.64 8.60
N VAL A 208 -13.67 10.14 8.72
CA VAL A 208 -14.76 9.43 8.05
C VAL A 208 -14.53 9.40 6.54
N ALA A 209 -14.11 10.54 5.95
CA ALA A 209 -13.79 10.52 4.52
C ALA A 209 -12.71 9.46 4.23
N LEU A 210 -11.69 9.41 5.06
CA LEU A 210 -10.65 8.39 4.87
C LEU A 210 -11.22 6.97 4.93
N HIS A 211 -12.12 6.72 5.88
CA HIS A 211 -12.72 5.40 6.05
C HIS A 211 -13.51 5.00 4.81
N LEU A 212 -14.23 5.94 4.24
CA LEU A 212 -14.98 5.68 3.02
C LEU A 212 -14.07 5.52 1.82
N ALA A 213 -12.96 6.22 1.81
CA ALA A 213 -12.03 6.09 0.66
C ALA A 213 -11.37 4.72 0.66
N VAL A 214 -10.91 4.27 1.82
CA VAL A 214 -10.33 2.94 2.00
C VAL A 214 -11.30 1.87 1.49
N GLU A 215 -12.59 1.97 1.90
CA GLU A 215 -13.62 1.08 1.36
C GLU A 215 -13.68 1.13 -0.17
N SER A 216 -13.70 2.34 -0.75
CA SER A 216 -13.79 2.50 -2.18
C SER A 216 -12.58 1.85 -2.88
N LEU A 217 -11.41 1.95 -2.26
CA LEU A 217 -10.19 1.39 -2.85
C LEU A 217 -10.20 -0.13 -2.74
N ARG A 218 -10.65 -0.65 -1.60
CA ARG A 218 -10.61 -2.11 -1.40
C ARG A 218 -11.59 -2.79 -2.33
N LYS A 219 -12.70 -2.14 -2.60
CA LYS A 219 -13.68 -2.66 -3.54
C LYS A 219 -13.26 -2.51 -5.00
N GLY A 220 -12.22 -1.73 -5.29
CA GLY A 220 -11.86 -1.52 -6.69
C GLY A 220 -12.70 -0.48 -7.38
N GLU A 221 -13.50 0.27 -6.63
CA GLU A 221 -14.32 1.33 -7.22
C GLU A 221 -13.48 2.56 -7.59
N SER A 222 -12.54 2.91 -6.72
CA SER A 222 -11.58 3.96 -6.95
C SER A 222 -10.23 3.27 -7.20
N SER A 223 -9.46 3.79 -8.15
CA SER A 223 -8.08 3.33 -8.34
C SER A 223 -7.08 4.04 -7.46
N MET A 224 -7.26 5.35 -7.24
CA MET A 224 -6.62 6.08 -6.16
C MET A 224 -7.66 6.99 -5.52
N ALA A 225 -7.30 7.62 -4.41
CA ALA A 225 -8.27 8.49 -3.74
C ALA A 225 -7.60 9.72 -3.14
N VAL A 226 -8.22 10.86 -3.39
CA VAL A 226 -7.82 12.12 -2.77
C VAL A 226 -8.66 12.27 -1.53
N VAL A 227 -8.02 12.37 -0.37
CA VAL A 227 -8.73 12.27 0.90
C VAL A 227 -8.32 13.44 1.78
N GLY A 228 -9.30 14.08 2.44
CA GLY A 228 -8.89 14.97 3.53
C GLY A 228 -10.06 15.89 3.91
N GLY A 229 -9.69 17.12 4.23
CA GLY A 229 -10.69 18.08 4.71
C GLY A 229 -10.22 19.50 4.52
N ALA A 230 -11.18 20.43 4.61
CA ALA A 230 -10.92 21.87 4.46
C ALA A 230 -11.76 22.64 5.47
N ALA A 231 -11.12 23.54 6.22
CA ALA A 231 -11.79 24.51 7.11
C ALA A 231 -11.10 25.86 7.00
N VAL A 232 -11.81 26.81 6.40
CA VAL A 232 -11.42 28.21 6.36
C VAL A 232 -12.59 29.05 6.88
N MET A 233 -12.37 29.74 7.99
CA MET A 233 -13.40 30.54 8.66
C MET A 233 -13.49 31.88 7.97
N ALA A 234 -14.40 31.96 7.00
CA ALA A 234 -14.57 33.19 6.22
C ALA A 234 -15.16 34.30 7.08
N THR A 235 -15.98 33.92 8.05
CA THR A 235 -16.64 34.80 9.01
C THR A 235 -16.23 34.37 10.41
N PRO A 236 -16.36 35.25 11.38
CA PRO A 236 -16.01 34.88 12.76
C PRO A 236 -17.10 34.09 13.50
N GLY A 237 -18.06 33.52 12.77
CA GLY A 237 -19.26 32.98 13.40
C GLY A 237 -18.99 31.91 14.44
N VAL A 238 -17.96 31.10 14.22
CA VAL A 238 -17.69 30.00 15.15
C VAL A 238 -17.11 30.52 16.47
N PHE A 239 -16.33 31.60 16.44
CA PHE A 239 -15.86 32.19 17.69
C PHE A 239 -17.01 32.80 18.47
N VAL A 240 -17.98 33.40 17.78
CA VAL A 240 -19.14 33.99 18.43
C VAL A 240 -20.02 32.89 19.00
N ASP A 241 -20.39 31.91 18.15
CA ASP A 241 -21.30 30.85 18.58
C ASP A 241 -20.75 30.10 19.77
N PHE A 242 -19.46 29.74 19.75
CA PHE A 242 -18.91 28.95 20.85
C PHE A 242 -18.57 29.78 22.06
N SER A 243 -18.47 31.10 21.89
CA SER A 243 -18.29 31.99 23.04
C SER A 243 -19.54 31.97 23.95
N ARG A 244 -20.74 32.01 23.37
CA ARG A 244 -21.97 31.95 24.17
C ARG A 244 -21.98 30.76 25.12
N GLN A 245 -21.24 29.69 24.78
CA GLN A 245 -21.18 28.48 25.59
C GLN A 245 -20.00 28.45 26.54
N ARG A 246 -19.16 29.48 26.53
CA ARG A 246 -17.90 29.42 27.29
C ARG A 246 -17.09 28.17 26.92
N ALA A 247 -17.16 27.77 25.65
CA ALA A 247 -16.46 26.57 25.18
C ALA A 247 -15.04 26.84 24.70
N LEU A 248 -14.69 28.11 24.49
CA LEU A 248 -13.37 28.48 23.97
C LEU A 248 -12.39 28.73 25.11
N ALA A 249 -11.14 28.25 24.92
CA ALA A 249 -10.03 28.63 25.77
C ALA A 249 -9.81 30.12 25.66
N ALA A 250 -9.66 30.78 26.81
CA ALA A 250 -9.60 32.23 26.83
C ALA A 250 -8.35 32.75 26.14
N ASP A 251 -7.24 32.05 26.27
CA ASP A 251 -6.00 32.50 25.62
C ASP A 251 -5.81 31.91 24.24
N GLY A 252 -6.76 31.09 23.75
CA GLY A 252 -6.73 30.50 22.43
C GLY A 252 -5.94 29.22 22.30
N ARG A 253 -5.34 28.74 23.38
CA ARG A 253 -4.45 27.59 23.32
C ARG A 253 -5.19 26.28 23.58
N SER A 254 -4.82 25.25 22.83
CA SER A 254 -5.45 23.96 22.94
C SER A 254 -4.54 23.14 23.84
N LYS A 255 -4.89 23.07 25.12
CA LYS A 255 -3.98 22.53 26.13
C LYS A 255 -4.32 21.07 26.43
N ALA A 256 -4.22 20.27 25.37
CA ALA A 256 -4.66 18.88 25.39
C ALA A 256 -3.96 18.06 26.47
N PHE A 257 -4.78 17.48 27.34
CA PHE A 257 -4.37 16.63 28.46
C PHE A 257 -3.54 17.36 29.51
N GLY A 258 -3.44 18.70 29.43
CA GLY A 258 -2.83 19.47 30.50
C GLY A 258 -3.86 19.96 31.53
N ALA A 259 -3.39 20.20 32.76
CA ALA A 259 -4.28 20.68 33.81
C ALA A 259 -4.88 22.03 33.48
N GLY A 260 -4.25 22.80 32.60
CA GLY A 260 -4.81 24.08 32.21
C GLY A 260 -5.94 24.02 31.18
N ALA A 261 -6.29 22.83 30.71
CA ALA A 261 -7.21 22.70 29.60
C ALA A 261 -8.53 23.37 29.91
N ASP A 262 -8.93 24.32 29.07
CA ASP A 262 -10.12 25.12 29.35
C ASP A 262 -10.88 25.47 28.08
N GLY A 263 -10.87 24.59 27.08
CA GLY A 263 -11.75 24.77 25.94
C GLY A 263 -10.98 24.73 24.64
N PHE A 264 -11.72 25.02 23.57
CA PHE A 264 -11.25 24.85 22.21
C PHE A 264 -10.36 26.02 21.80
N GLY A 265 -9.42 25.74 20.91
CA GLY A 265 -8.79 26.79 20.15
C GLY A 265 -8.92 26.46 18.68
N PHE A 266 -9.66 27.27 17.93
CA PHE A 266 -10.03 26.89 16.58
C PHE A 266 -9.04 27.40 15.55
N SER A 267 -8.87 26.63 14.49
CA SER A 267 -7.89 26.92 13.46
C SER A 267 -8.44 26.57 12.09
N GLU A 268 -7.72 27.04 11.09
CA GLU A 268 -7.99 26.80 9.69
C GLU A 268 -6.97 25.80 9.18
N GLY A 269 -7.38 25.01 8.21
CA GLY A 269 -6.53 24.04 7.61
C GLY A 269 -7.16 23.41 6.41
N VAL A 270 -6.32 23.06 5.45
CA VAL A 270 -6.72 22.32 4.28
C VAL A 270 -5.65 21.25 4.15
N THR A 271 -6.00 20.01 4.41
CA THR A 271 -5.04 18.91 4.48
C THR A 271 -5.55 17.75 3.67
N LEU A 272 -4.65 17.16 2.85
CA LEU A 272 -5.01 16.09 1.95
C LEU A 272 -3.94 15.00 1.96
N VAL A 273 -4.39 13.74 1.76
CA VAL A 273 -3.49 12.63 1.47
C VAL A 273 -4.00 11.95 0.20
N LEU A 274 -3.09 11.26 -0.46
CA LEU A 274 -3.39 10.48 -1.65
C LEU A 274 -3.22 9.01 -1.32
N LEU A 275 -4.26 8.23 -1.53
CA LEU A 275 -4.29 6.84 -1.10
C LEU A 275 -4.38 5.90 -2.29
N GLU A 276 -3.78 4.74 -2.11
CA GLU A 276 -3.88 3.73 -3.13
C GLU A 276 -3.67 2.38 -2.46
N ARG A 277 -4.24 1.32 -3.03
CA ARG A 277 -3.89 0.01 -2.51
C ARG A 277 -2.38 -0.11 -2.53
N LEU A 278 -1.80 -0.60 -1.43
CA LEU A 278 -0.36 -0.78 -1.37
C LEU A 278 0.16 -1.62 -2.53
N SER A 279 -0.53 -2.71 -2.82
CA SER A 279 -0.08 -3.57 -3.90
C SER A 279 -0.14 -2.84 -5.23
N GLU A 280 -1.06 -1.91 -5.35
CA GLU A 280 -1.12 -1.15 -6.59
C GLU A 280 -0.02 -0.11 -6.63
N ALA A 281 0.30 0.51 -5.47
CA ALA A 281 1.40 1.45 -5.46
C ALA A 281 2.70 0.75 -5.86
N ARG A 282 2.93 -0.44 -5.33
CA ARG A 282 4.14 -1.18 -5.67
C ARG A 282 4.16 -1.54 -7.15
N ARG A 283 3.03 -2.01 -7.68
CA ARG A 283 2.93 -2.31 -9.11
C ARG A 283 3.24 -1.09 -9.96
N ASN A 284 2.74 0.08 -9.58
CA ASN A 284 2.82 1.26 -10.43
C ASN A 284 4.07 2.06 -10.15
N GLY A 285 4.85 1.68 -9.14
CA GLY A 285 6.07 2.37 -8.79
C GLY A 285 5.90 3.69 -8.06
N HIS A 286 4.85 3.82 -7.24
CA HIS A 286 4.62 5.07 -6.51
C HIS A 286 5.33 4.96 -5.16
N GLU A 287 5.77 6.09 -4.62
CA GLU A 287 6.40 6.00 -3.31
C GLU A 287 5.30 5.74 -2.29
N VAL A 288 5.70 5.14 -1.18
CA VAL A 288 4.81 4.75 -0.11
C VAL A 288 5.40 5.39 1.11
N LEU A 289 4.69 6.39 1.66
CA LEU A 289 5.17 7.07 2.86
C LEU A 289 4.80 6.33 4.13
N ALA A 290 3.65 5.70 4.13
CA ALA A 290 3.14 4.96 5.26
C ALA A 290 1.95 4.16 4.77
N VAL A 291 1.37 3.38 5.67
CA VAL A 291 0.31 2.47 5.31
C VAL A 291 -0.85 2.68 6.27
N VAL A 292 -2.06 2.77 5.73
CA VAL A 292 -3.27 2.64 6.56
C VAL A 292 -3.63 1.16 6.65
N ARG A 293 -3.65 0.64 7.85
CA ARG A 293 -3.99 -0.77 8.06
C ARG A 293 -5.48 -1.00 8.25
N GLY A 294 -6.14 -0.12 8.97
CA GLY A 294 -7.48 -0.41 9.37
C GLY A 294 -8.06 0.81 10.02
N SER A 295 -9.38 0.77 10.19
CA SER A 295 -10.10 1.90 10.72
C SER A 295 -11.47 1.42 11.13
N ALA A 296 -12.08 2.19 12.01
CA ALA A 296 -13.44 1.93 12.44
C ALA A 296 -14.16 3.25 12.72
N LEU A 297 -15.47 3.24 12.45
CA LEU A 297 -16.38 4.33 12.79
C LEU A 297 -17.47 3.81 13.72
N ASN A 298 -17.87 4.59 14.72
CA ASN A 298 -19.13 4.26 15.38
C ASN A 298 -19.77 5.53 15.90
N GLN A 299 -20.84 5.37 16.70
CA GLN A 299 -21.58 6.46 17.31
C GLN A 299 -21.56 6.37 18.82
N ASP A 300 -21.52 7.54 19.50
CA ASP A 300 -21.74 7.56 20.94
C ASP A 300 -23.11 7.03 21.31
N GLY A 301 -24.10 7.22 20.44
CA GLY A 301 -25.47 6.80 20.78
C GLY A 301 -26.05 7.72 21.83
N ALA A 302 -26.78 7.14 22.78
CA ALA A 302 -27.47 7.94 23.82
C ALA A 302 -26.46 8.29 24.91
N SER A 303 -25.68 9.33 24.63
CA SER A 303 -24.68 9.86 25.54
C SER A 303 -25.36 10.79 26.53
N ASN A 304 -24.58 11.35 27.46
CA ASN A 304 -25.15 12.26 28.45
C ASN A 304 -25.22 13.66 27.84
N GLY A 305 -26.12 13.80 26.88
CA GLY A 305 -26.17 15.04 26.12
C GLY A 305 -25.71 14.83 24.68
N LEU A 306 -26.38 15.55 23.77
CA LEU A 306 -26.14 15.39 22.35
C LEU A 306 -24.66 15.47 22.03
N SER A 307 -23.99 16.48 22.56
CA SER A 307 -22.61 16.72 22.17
C SER A 307 -21.62 16.24 23.21
N ALA A 308 -22.04 15.46 24.21
CA ALA A 308 -21.08 14.92 25.19
C ALA A 308 -20.40 13.65 24.64
N PRO A 309 -19.10 13.48 24.86
CA PRO A 309 -18.44 12.25 24.42
C PRO A 309 -18.92 11.06 25.24
N SER A 310 -18.56 9.87 24.78
CA SER A 310 -18.89 8.64 25.49
C SER A 310 -17.63 7.78 25.54
N GLY A 311 -17.05 7.68 26.73
CA GLY A 311 -15.95 6.76 26.98
C GLY A 311 -16.16 5.38 26.42
N PRO A 312 -17.29 4.74 26.76
CA PRO A 312 -17.53 3.39 26.24
C PRO A 312 -17.53 3.31 24.72
N ALA A 313 -18.09 4.31 24.02
CA ALA A 313 -18.07 4.29 22.56
C ALA A 313 -16.65 4.43 22.01
N GLN A 314 -15.83 5.24 22.66
CA GLN A 314 -14.44 5.37 22.21
C GLN A 314 -13.67 4.07 22.40
N ARG A 315 -13.86 3.44 23.57
CA ARG A 315 -13.28 2.12 23.77
C ARG A 315 -13.67 1.18 22.64
N ARG A 316 -14.95 1.16 22.27
CA ARG A 316 -15.39 0.23 21.24
C ARG A 316 -14.77 0.56 19.90
N VAL A 317 -14.67 1.83 19.54
CA VAL A 317 -14.17 2.10 18.20
C VAL A 317 -12.67 1.78 18.12
N ILE A 318 -11.95 1.99 19.22
CA ILE A 318 -10.55 1.59 19.27
C ILE A 318 -10.44 0.09 19.03
N ARG A 319 -11.25 -0.71 19.74
CA ARG A 319 -11.13 -2.16 19.62
C ARG A 319 -11.55 -2.61 18.25
N GLN A 320 -12.60 -1.98 17.68
CA GLN A 320 -13.03 -2.35 16.33
C GLN A 320 -11.94 -2.00 15.30
N ALA A 321 -11.25 -0.86 15.47
CA ALA A 321 -10.20 -0.50 14.51
C ALA A 321 -9.11 -1.55 14.50
N LEU A 322 -8.64 -1.92 15.70
CA LEU A 322 -7.57 -2.92 15.83
C LEU A 322 -8.02 -4.28 15.33
N GLU A 323 -9.26 -4.66 15.63
CA GLU A 323 -9.75 -5.94 15.17
C GLU A 323 -9.95 -5.97 13.66
N SER A 324 -10.32 -4.85 13.05
CA SER A 324 -10.49 -4.86 11.60
C SER A 324 -9.17 -5.14 10.84
N CYS A 325 -8.02 -4.93 11.46
CA CYS A 325 -6.78 -5.23 10.77
C CYS A 325 -5.97 -6.32 11.47
N GLY A 326 -6.55 -7.00 12.45
CA GLY A 326 -5.92 -8.15 13.07
C GLY A 326 -4.78 -7.79 13.98
N LEU A 327 -4.80 -6.60 14.55
CA LEU A 327 -3.72 -6.19 15.41
C LEU A 327 -4.20 -6.17 16.84
N GLU A 328 -3.26 -6.14 17.74
CA GLU A 328 -3.49 -6.06 19.17
C GLU A 328 -3.08 -4.68 19.68
N PRO A 329 -3.64 -4.18 20.79
CA PRO A 329 -3.26 -2.84 21.24
C PRO A 329 -1.77 -2.70 21.51
N GLY A 330 -1.14 -3.76 22.01
CA GLY A 330 0.30 -3.75 22.21
C GLY A 330 1.10 -3.54 20.94
N ASP A 331 0.47 -3.70 19.75
CA ASP A 331 1.17 -3.45 18.51
C ASP A 331 1.34 -1.97 18.21
N VAL A 332 0.69 -1.10 18.95
CA VAL A 332 0.61 0.33 18.62
C VAL A 332 1.56 1.07 19.54
N ASP A 333 2.45 1.88 18.95
CA ASP A 333 3.43 2.65 19.70
C ASP A 333 2.91 3.98 20.24
N ALA A 334 1.93 4.60 19.61
CA ALA A 334 1.60 5.98 19.95
C ALA A 334 0.21 6.28 19.40
N VAL A 335 -0.45 7.25 20.01
CA VAL A 335 -1.75 7.74 19.57
C VAL A 335 -1.63 9.23 19.35
N GLU A 336 -2.07 9.67 18.19
CA GLU A 336 -2.35 11.07 17.92
C GLU A 336 -3.82 11.28 18.25
N ALA A 337 -4.06 12.02 19.32
CA ALA A 337 -5.37 12.02 19.94
C ALA A 337 -6.28 13.04 19.27
N HIS A 338 -7.57 12.85 19.52
CA HIS A 338 -8.52 13.91 19.22
C HIS A 338 -8.08 15.18 19.95
N GLY A 339 -7.85 15.08 21.26
CA GLY A 339 -6.99 16.00 21.99
C GLY A 339 -7.28 17.48 21.86
N THR A 340 -8.52 17.87 22.13
CA THR A 340 -9.01 19.20 21.87
C THR A 340 -8.73 20.21 22.99
N GLY A 341 -8.33 19.77 24.16
CA GLY A 341 -8.07 20.70 25.23
C GLY A 341 -9.31 21.16 25.99
N THR A 342 -10.41 20.42 25.90
CA THR A 342 -11.59 20.73 26.70
C THR A 342 -11.51 19.98 28.03
N ALA A 343 -12.06 20.61 29.08
CA ALA A 343 -11.92 20.04 30.43
C ALA A 343 -12.74 18.76 30.59
N LEU A 344 -13.92 18.66 29.95
CA LEU A 344 -14.72 17.43 30.01
C LEU A 344 -14.13 16.32 29.14
N GLY A 345 -13.65 16.64 27.93
CA GLY A 345 -13.39 15.62 26.93
C GLY A 345 -12.02 14.98 27.03
N ASP A 346 -11.01 15.75 27.46
CA ASP A 346 -9.65 15.21 27.61
C ASP A 346 -9.60 14.03 28.55
N PRO A 347 -10.18 14.09 29.75
CA PRO A 347 -10.15 12.89 30.61
C PRO A 347 -10.85 11.68 30.03
N ILE A 348 -11.99 11.88 29.37
CA ILE A 348 -12.72 10.76 28.80
C ILE A 348 -11.90 10.10 27.71
N GLU A 349 -11.21 10.91 26.91
CA GLU A 349 -10.39 10.36 25.85
C GLU A 349 -9.23 9.58 26.46
N ALA A 350 -8.55 10.19 27.44
CA ALA A 350 -7.40 9.57 28.09
C ALA A 350 -7.80 8.29 28.80
N ASN A 351 -8.92 8.33 29.53
CA ASN A 351 -9.40 7.11 30.18
C ASN A 351 -9.73 6.01 29.19
N ALA A 352 -10.32 6.37 28.03
CA ALA A 352 -10.59 5.32 27.05
C ALA A 352 -9.28 4.71 26.56
N LEU A 353 -8.24 5.54 26.38
CA LEU A 353 -6.94 4.99 26.01
C LEU A 353 -6.33 4.14 27.14
N LEU A 354 -6.35 4.65 28.37
CA LEU A 354 -5.85 3.89 29.52
C LEU A 354 -6.53 2.53 29.63
N ASP A 355 -7.82 2.47 29.29
CA ASP A 355 -8.60 1.24 29.43
C ASP A 355 -8.49 0.30 28.24
N THR A 356 -7.89 0.75 27.13
CA THR A 356 -7.70 -0.14 25.99
C THR A 356 -6.21 -0.38 25.77
N TYR A 357 -5.46 0.61 25.28
CA TYR A 357 -4.02 0.44 25.06
C TYR A 357 -3.28 0.26 26.38
N GLY A 358 -3.70 0.99 27.42
CA GLY A 358 -2.98 1.03 28.68
C GLY A 358 -3.17 -0.16 29.60
N ARG A 359 -4.17 -1.02 29.34
CA ARG A 359 -4.38 -2.22 30.15
C ARG A 359 -3.34 -3.27 29.81
N ASP A 360 -2.65 -3.77 30.83
CA ASP A 360 -1.66 -4.84 30.67
C ASP A 360 -0.55 -4.46 29.69
N ARG A 361 -0.18 -3.18 29.71
CA ARG A 361 0.82 -2.65 28.78
C ARG A 361 2.22 -2.90 29.33
N ASP A 362 3.09 -3.41 28.47
CA ASP A 362 4.51 -3.51 28.74
C ASP A 362 4.99 -2.32 29.54
N ALA A 363 5.54 -2.61 30.73
CA ALA A 363 5.98 -1.54 31.64
C ALA A 363 7.08 -0.67 31.03
N ASP A 364 7.90 -1.24 30.13
CA ASP A 364 9.02 -0.53 29.51
C ASP A 364 8.65 0.14 28.19
N ARG A 365 7.37 0.22 27.85
CA ARG A 365 6.94 0.75 26.57
C ARG A 365 5.51 1.24 26.70
N PRO A 366 5.28 2.30 27.47
CA PRO A 366 3.94 2.88 27.54
C PRO A 366 3.52 3.43 26.20
N LEU A 367 2.21 3.55 26.02
CA LEU A 367 1.70 4.17 24.82
C LEU A 367 2.03 5.65 24.87
N TRP A 368 2.65 6.16 23.82
CA TRP A 368 2.89 7.59 23.72
C TRP A 368 1.64 8.30 23.22
N LEU A 369 1.34 9.43 23.84
CA LEU A 369 0.12 10.17 23.58
C LEU A 369 0.47 11.61 23.30
N GLY A 370 -0.09 12.15 22.22
CA GLY A 370 -0.03 13.58 22.00
C GLY A 370 -1.12 14.05 21.06
N SER A 371 -1.05 15.34 20.72
CA SER A 371 -2.07 15.99 19.91
C SER A 371 -1.46 17.17 19.18
N VAL A 372 -1.57 17.17 17.85
CA VAL A 372 -1.09 18.27 17.03
C VAL A 372 -1.85 19.56 17.31
N LYS A 373 -3.05 19.44 17.90
CA LYS A 373 -3.83 20.63 18.26
C LYS A 373 -3.09 21.49 19.26
N SER A 374 -2.24 20.89 20.08
CA SER A 374 -1.50 21.70 21.02
C SER A 374 -0.51 22.61 20.29
N ASN A 375 -0.10 22.25 19.08
CA ASN A 375 0.74 23.13 18.28
C ASN A 375 -0.05 24.10 17.41
N ILE A 376 -1.03 23.59 16.67
CA ILE A 376 -1.64 24.39 15.63
C ILE A 376 -3.13 24.59 15.86
N GLY A 377 -3.66 24.13 16.98
CA GLY A 377 -5.10 24.22 17.19
C GLY A 377 -5.96 23.20 16.43
N HIS A 378 -7.27 23.48 16.49
CA HIS A 378 -8.30 22.53 16.10
C HIS A 378 -8.78 22.90 14.70
N THR A 379 -8.39 22.09 13.70
CA THR A 379 -8.66 22.45 12.32
C THR A 379 -9.96 21.89 11.82
N GLN A 380 -10.81 21.46 12.73
CA GLN A 380 -12.23 21.28 12.46
C GLN A 380 -12.43 20.15 11.46
N ALA A 381 -13.07 20.40 10.33
CA ALA A 381 -13.20 19.33 9.34
C ALA A 381 -11.87 18.73 8.89
N ALA A 382 -10.77 19.48 8.92
CA ALA A 382 -9.45 18.94 8.56
C ALA A 382 -8.69 18.30 9.72
N ALA A 383 -9.28 18.25 10.92
CA ALA A 383 -8.52 17.83 12.11
C ALA A 383 -7.94 16.42 11.99
N GLY A 384 -8.74 15.45 11.52
CA GLY A 384 -8.31 14.06 11.58
C GLY A 384 -7.14 13.78 10.63
N VAL A 385 -7.29 14.18 9.39
CA VAL A 385 -6.21 13.98 8.42
C VAL A 385 -5.01 14.85 8.77
N THR A 386 -5.21 15.97 9.48
CA THR A 386 -4.07 16.73 9.96
C THR A 386 -3.28 15.95 11.00
N GLY A 387 -3.96 15.27 11.91
CA GLY A 387 -3.23 14.38 12.81
C GLY A 387 -2.56 13.23 12.08
N LEU A 388 -3.18 12.74 11.01
CA LEU A 388 -2.54 11.72 10.20
C LEU A 388 -1.26 12.25 9.56
N LEU A 389 -1.29 13.48 9.04
CA LEU A 389 -0.08 14.09 8.50
C LEU A 389 1.06 14.05 9.50
N LYS A 390 0.76 14.38 10.77
CA LYS A 390 1.80 14.38 11.80
C LYS A 390 2.37 12.99 11.99
N VAL A 391 1.51 11.99 12.00
CA VAL A 391 1.97 10.63 12.21
C VAL A 391 2.93 10.22 11.10
N VAL A 392 2.55 10.49 9.84
CA VAL A 392 3.34 10.11 8.68
C VAL A 392 4.68 10.84 8.71
N LEU A 393 4.67 12.11 9.10
CA LEU A 393 5.91 12.88 9.17
C LEU A 393 6.80 12.36 10.28
N ALA A 394 6.19 11.95 11.40
CA ALA A 394 6.92 11.38 12.52
C ALA A 394 7.52 10.03 12.13
N LEU A 395 6.76 9.19 11.42
CA LEU A 395 7.32 7.95 10.93
C LEU A 395 8.51 8.20 10.01
N ARG A 396 8.35 9.10 9.03
CA ARG A 396 9.36 9.35 8.01
C ARG A 396 10.63 9.97 8.58
N ASN A 397 10.54 10.77 9.63
CA ASN A 397 11.69 11.38 10.27
C ASN A 397 12.15 10.65 11.53
N GLY A 398 11.55 9.52 11.87
CA GLY A 398 12.06 8.71 12.95
C GLY A 398 11.90 9.29 14.32
N GLU A 399 10.84 10.06 14.57
CA GLU A 399 10.75 10.83 15.81
C GLU A 399 9.29 11.20 16.07
N LEU A 400 8.89 11.06 17.34
CA LEU A 400 7.60 11.49 17.84
C LEU A 400 7.74 12.88 18.42
N PRO A 401 7.13 13.89 17.83
CA PRO A 401 7.24 15.24 18.39
C PRO A 401 6.56 15.32 19.74
N ALA A 402 7.03 16.28 20.53
CA ALA A 402 6.38 16.64 21.76
C ALA A 402 5.00 17.23 21.50
N THR A 403 4.11 16.98 22.46
CA THR A 403 2.83 17.65 22.57
C THR A 403 2.98 18.72 23.65
N LEU A 404 2.35 19.86 23.47
CA LEU A 404 2.63 21.03 24.26
C LEU A 404 1.67 21.15 25.43
N HIS A 405 2.09 21.95 26.43
CA HIS A 405 1.20 22.39 27.50
C HIS A 405 0.83 21.27 28.44
N VAL A 406 1.75 20.34 28.66
CA VAL A 406 1.53 19.24 29.59
C VAL A 406 2.60 19.21 30.68
N GLU A 407 3.26 20.34 30.94
CA GLU A 407 4.21 20.38 32.05
C GLU A 407 3.57 19.84 33.33
N GLU A 408 2.26 20.04 33.52
CA GLU A 408 1.49 19.28 34.51
C GLU A 408 0.38 18.50 33.81
N PRO A 409 0.46 17.17 33.73
CA PRO A 409 -0.68 16.41 33.20
C PRO A 409 -1.94 16.64 34.01
N THR A 410 -3.07 16.50 33.35
CA THR A 410 -4.34 16.81 34.02
C THR A 410 -4.54 15.88 35.20
N PRO A 411 -4.87 16.40 36.39
CA PRO A 411 -5.15 15.53 37.53
C PRO A 411 -6.52 14.89 37.48
N HIS A 412 -7.36 15.25 36.52
CA HIS A 412 -8.62 14.56 36.36
C HIS A 412 -8.47 13.23 35.68
N VAL A 413 -7.23 12.79 35.47
CA VAL A 413 -6.94 11.48 34.91
C VAL A 413 -5.93 10.80 35.83
N ASP A 414 -6.18 9.54 36.14
CA ASP A 414 -5.30 8.75 37.01
C ASP A 414 -4.26 8.06 36.14
N TRP A 415 -3.19 8.77 35.84
CA TRP A 415 -2.12 8.24 35.01
C TRP A 415 -1.34 7.12 35.69
N SER A 416 -1.67 6.79 36.96
CA SER A 416 -0.82 5.90 37.75
C SER A 416 -0.69 4.53 37.12
N SER A 417 -1.73 4.06 36.42
CA SER A 417 -1.64 2.80 35.71
C SER A 417 -0.36 2.70 34.90
N GLY A 418 0.16 3.83 34.41
CA GLY A 418 1.45 3.84 33.76
C GLY A 418 1.45 3.35 32.33
N GLY A 419 0.31 2.89 31.80
CA GLY A 419 0.27 2.39 30.44
C GLY A 419 0.33 3.44 29.34
N VAL A 420 0.10 4.71 29.67
CA VAL A 420 0.05 5.79 28.69
C VAL A 420 0.90 6.92 29.23
N ALA A 421 1.82 7.42 28.40
CA ALA A 421 2.68 8.54 28.77
C ALA A 421 2.52 9.68 27.76
N LEU A 422 2.39 10.90 28.25
CA LEU A 422 2.36 12.06 27.37
C LEU A 422 3.74 12.32 26.77
N LEU A 423 3.79 12.76 25.51
CA LEU A 423 5.05 13.15 24.87
C LEU A 423 5.46 14.54 25.34
N ALA A 424 5.95 14.60 26.59
CA ALA A 424 6.40 15.89 27.12
C ALA A 424 7.61 16.40 26.35
N GLY A 425 8.46 15.51 25.82
CA GLY A 425 9.46 15.90 24.84
C GLY A 425 9.49 14.96 23.64
N ASN A 426 10.23 15.39 22.60
CA ASN A 426 10.48 14.54 21.45
C ASN A 426 11.02 13.18 21.92
N GLN A 427 10.75 12.15 21.13
CA GLN A 427 11.10 10.75 21.47
C GLN A 427 11.56 10.11 20.17
N PRO A 428 12.70 9.44 20.16
CA PRO A 428 13.10 8.72 18.96
C PRO A 428 12.12 7.62 18.66
N TRP A 429 11.96 7.33 17.39
CA TRP A 429 10.96 6.39 16.92
C TRP A 429 11.54 5.82 15.62
N ARG A 430 12.64 5.08 15.75
CA ARG A 430 13.43 4.64 14.61
C ARG A 430 12.97 3.29 14.10
N ARG A 431 13.08 3.12 12.79
CA ARG A 431 12.85 1.82 12.17
C ARG A 431 13.83 0.80 12.74
N GLY A 432 13.32 -0.40 12.95
CA GLY A 432 14.01 -1.46 13.66
C GLY A 432 13.23 -2.74 13.55
N GLU A 433 13.49 -3.66 14.48
CA GLU A 433 12.84 -4.98 14.45
C GLU A 433 11.33 -4.85 14.68
N ARG A 434 10.95 -4.05 15.67
CA ARG A 434 9.53 -3.84 15.98
C ARG A 434 8.90 -2.92 14.95
N THR A 435 7.87 -3.42 14.27
CA THR A 435 7.18 -2.58 13.29
C THR A 435 6.52 -1.39 13.99
N ARG A 436 6.75 -0.19 13.44
CA ARG A 436 6.25 1.02 14.08
C ARG A 436 4.81 1.24 13.64
N ARG A 437 3.92 1.42 14.61
CA ARG A 437 2.53 1.71 14.30
C ARG A 437 2.01 2.80 15.22
N ALA A 438 1.06 3.58 14.70
CA ALA A 438 0.40 4.57 15.53
C ALA A 438 -1.05 4.69 15.09
N ALA A 439 -1.88 5.27 15.96
CA ALA A 439 -3.30 5.45 15.67
C ALA A 439 -3.69 6.92 15.75
N VAL A 440 -4.72 7.25 15.00
CA VAL A 440 -5.26 8.60 14.98
C VAL A 440 -6.73 8.49 15.33
N SER A 441 -7.16 9.33 16.27
CA SER A 441 -8.55 9.41 16.71
C SER A 441 -9.17 10.72 16.26
N ALA A 442 -10.46 10.69 15.93
CA ALA A 442 -11.24 11.91 15.83
C ALA A 442 -12.67 11.63 16.31
N PHE A 443 -13.16 12.47 17.23
CA PHE A 443 -14.49 12.29 17.87
C PHE A 443 -15.33 13.54 17.70
N GLY A 444 -16.29 13.51 16.80
CA GLY A 444 -17.08 14.70 16.50
C GLY A 444 -18.19 15.02 17.50
N ILE A 445 -18.61 16.28 17.46
CA ILE A 445 -19.67 16.72 18.31
C ILE A 445 -21.02 16.17 17.87
N SER A 446 -21.14 15.68 16.64
CA SER A 446 -22.36 14.96 16.31
C SER A 446 -22.34 13.52 16.82
N GLY A 447 -21.25 13.07 17.48
CA GLY A 447 -21.20 11.75 18.09
C GLY A 447 -20.55 10.66 17.27
N THR A 448 -20.11 10.96 16.04
CA THR A 448 -19.52 9.94 15.20
C THR A 448 -18.03 9.92 15.43
N ASN A 449 -17.51 8.74 15.80
CA ASN A 449 -16.13 8.53 16.23
C ASN A 449 -15.37 7.75 15.18
N ALA A 450 -14.07 8.06 15.06
CA ALA A 450 -13.18 7.41 14.12
C ALA A 450 -11.87 7.08 14.81
N HIS A 451 -11.32 5.94 14.47
CA HIS A 451 -10.01 5.55 14.94
C HIS A 451 -9.36 4.80 13.78
N VAL A 452 -8.13 5.18 13.44
CA VAL A 452 -7.46 4.72 12.25
C VAL A 452 -6.09 4.24 12.67
N ILE A 453 -5.67 3.06 12.16
CA ILE A 453 -4.35 2.47 12.46
C ILE A 453 -3.42 2.71 11.29
N VAL A 454 -2.26 3.26 11.59
CA VAL A 454 -1.27 3.65 10.60
C VAL A 454 0.01 2.92 10.94
N GLU A 455 0.70 2.43 9.90
CA GLU A 455 1.90 1.62 10.03
C GLU A 455 2.98 2.15 9.09
N GLU A 456 4.24 1.99 9.52
CA GLU A 456 5.35 2.39 8.66
C GLU A 456 5.25 1.73 7.30
N ALA A 457 5.83 2.41 6.33
CA ALA A 457 5.94 1.85 5.01
C ALA A 457 6.86 0.63 5.07
N PRO A 458 6.63 -0.36 4.24
CA PRO A 458 7.50 -1.53 4.23
C PRO A 458 8.90 -1.14 3.78
N GLU A 459 9.89 -1.79 4.37
CA GLU A 459 11.27 -1.47 4.02
C GLU A 459 11.45 -1.54 2.50
N ARG A 460 12.06 -0.50 1.95
CA ARG A 460 12.39 -0.46 0.53
C ARG A 460 13.90 -0.30 0.31
N ASP A 469 26.88 10.61 -13.67
CA ASP A 469 28.01 10.54 -14.61
C ASP A 469 28.33 11.97 -15.09
N GLY A 470 28.75 12.15 -16.35
CA GLY A 470 28.94 13.49 -16.89
C GLY A 470 28.24 13.78 -18.21
N ARG A 471 27.26 12.96 -18.58
CA ARG A 471 26.56 13.07 -19.85
C ARG A 471 25.57 14.24 -19.84
N PRO A 472 25.13 14.67 -21.02
CA PRO A 472 24.21 15.83 -21.10
C PRO A 472 22.81 15.50 -20.56
N VAL A 473 22.25 16.44 -19.81
CA VAL A 473 20.94 16.27 -19.19
C VAL A 473 20.00 17.33 -19.77
N PRO A 474 18.88 16.95 -20.36
CA PRO A 474 17.88 17.94 -20.77
C PRO A 474 16.97 18.26 -19.61
N LEU A 475 16.90 19.52 -19.20
CA LEU A 475 16.01 20.00 -18.14
C LEU A 475 14.85 20.77 -18.74
N VAL A 476 13.63 20.27 -18.58
CA VAL A 476 12.46 20.86 -19.20
C VAL A 476 11.56 21.41 -18.09
N VAL A 477 11.23 22.71 -18.15
CA VAL A 477 10.29 23.32 -17.22
C VAL A 477 9.12 23.86 -18.02
N SER A 478 7.92 23.83 -17.44
CA SER A 478 6.79 24.50 -18.07
C SER A 478 5.84 25.09 -17.03
N ALA A 479 4.99 26.01 -17.46
CA ALA A 479 3.99 26.61 -16.60
C ALA A 479 2.94 27.25 -17.50
N ARG A 480 1.90 27.77 -16.88
CA ARG A 480 0.77 28.30 -17.63
C ARG A 480 0.82 29.79 -17.78
N SER A 481 1.87 30.45 -17.33
CA SER A 481 2.08 31.85 -17.65
C SER A 481 3.58 32.09 -17.73
N THR A 482 3.98 33.22 -18.32
CA THR A 482 5.41 33.53 -18.34
C THR A 482 5.95 33.77 -16.94
N ALA A 483 5.18 34.44 -16.07
CA ALA A 483 5.68 34.67 -14.71
C ALA A 483 5.87 33.35 -13.95
N ALA A 484 4.92 32.44 -14.11
CA ALA A 484 5.03 31.11 -13.50
C ALA A 484 6.20 30.31 -14.10
N LEU A 485 6.50 30.52 -15.39
CA LEU A 485 7.66 29.83 -15.99
C LEU A 485 8.97 30.31 -15.33
N ARG A 486 9.11 31.62 -15.17
N ARG A 486 9.11 31.62 -15.17
CA ARG A 486 10.30 32.13 -14.51
CA ARG A 486 10.29 32.15 -14.51
C ARG A 486 10.42 31.57 -13.10
C ARG A 486 10.41 31.57 -13.10
N ALA A 487 9.30 31.51 -12.37
CA ALA A 487 9.34 30.99 -11.02
C ALA A 487 9.73 29.53 -11.03
N GLN A 488 9.25 28.75 -12.00
CA GLN A 488 9.57 27.32 -11.99
C GLN A 488 11.03 27.10 -12.28
N ALA A 489 11.62 27.91 -13.15
CA ALA A 489 13.07 27.82 -13.36
C ALA A 489 13.83 28.24 -12.12
N ALA A 490 13.37 29.30 -11.45
CA ALA A 490 14.11 29.75 -10.29
C ALA A 490 14.05 28.74 -9.17
N GLN A 491 12.92 28.03 -9.04
CA GLN A 491 12.82 26.97 -8.03
C GLN A 491 13.78 25.83 -8.33
N ILE A 492 13.87 25.42 -9.61
CA ILE A 492 14.79 24.34 -9.98
C ILE A 492 16.23 24.80 -9.86
N ALA A 493 16.50 26.07 -10.20
CA ALA A 493 17.81 26.64 -9.97
C ALA A 493 18.21 26.47 -8.50
N GLU A 494 17.32 26.84 -7.59
CA GLU A 494 17.66 26.68 -6.18
C GLU A 494 17.89 25.21 -5.84
N LEU A 495 17.05 24.34 -6.34
CA LEU A 495 17.23 22.91 -6.05
C LEU A 495 18.60 22.44 -6.50
N LEU A 496 19.04 22.86 -7.68
CA LEU A 496 20.31 22.35 -8.20
C LEU A 496 21.52 23.07 -7.65
N GLU A 497 21.34 24.18 -6.92
CA GLU A 497 22.44 24.77 -6.20
C GLU A 497 22.76 24.02 -4.92
N ARG A 498 22.02 22.98 -4.59
CA ARG A 498 22.29 22.20 -3.39
C ARG A 498 23.40 21.19 -3.68
N PRO A 499 23.99 20.59 -2.63
CA PRO A 499 24.95 19.49 -2.86
C PRO A 499 24.26 18.15 -3.05
N ASP A 500 23.17 17.95 -2.31
CA ASP A 500 22.28 16.80 -2.44
C ASP A 500 21.77 16.52 -3.86
N ALA A 501 22.05 17.42 -4.81
CA ALA A 501 21.28 17.51 -6.06
C ALA A 501 21.82 16.55 -7.10
N ASP A 502 20.93 15.74 -7.65
CA ASP A 502 21.25 14.75 -8.67
C ASP A 502 20.77 15.32 -10.00
N LEU A 503 21.72 15.84 -10.79
CA LEU A 503 21.34 16.51 -12.01
C LEU A 503 20.42 15.64 -12.84
N ALA A 504 20.85 14.40 -13.11
CA ALA A 504 20.08 13.53 -13.98
C ALA A 504 18.74 13.18 -13.35
N GLY A 505 18.71 13.01 -12.04
CA GLY A 505 17.45 12.69 -11.36
C GLY A 505 16.45 13.83 -11.45
N VAL A 506 16.93 15.07 -11.36
CA VAL A 506 16.09 16.26 -11.50
C VAL A 506 15.52 16.32 -12.90
N GLY A 507 16.36 16.07 -13.92
CA GLY A 507 15.88 16.09 -15.28
C GLY A 507 14.80 15.06 -15.53
N LEU A 508 15.02 13.86 -15.01
CA LEU A 508 14.05 12.83 -15.24
C LEU A 508 12.75 13.14 -14.50
N GLY A 509 12.86 13.68 -13.28
CA GLY A 509 11.66 14.11 -12.55
C GLY A 509 10.91 15.20 -13.29
N LEU A 510 11.64 16.21 -13.80
CA LEU A 510 11.00 17.25 -14.59
C LEU A 510 10.28 16.70 -15.80
N ALA A 511 10.83 15.64 -16.40
CA ALA A 511 10.25 15.15 -17.65
C ALA A 511 9.08 14.23 -17.45
N THR A 512 9.06 13.49 -16.35
CA THR A 512 8.07 12.43 -16.21
C THR A 512 7.07 12.64 -15.07
N THR A 513 7.30 13.56 -14.15
CA THR A 513 6.39 13.74 -13.03
C THR A 513 5.67 15.08 -13.01
N ARG A 514 5.77 15.85 -14.08
CA ARG A 514 5.18 17.16 -14.11
C ARG A 514 4.42 17.29 -15.40
N ALA A 515 3.23 17.86 -15.31
CA ALA A 515 2.43 18.23 -16.47
C ALA A 515 3.22 19.15 -17.37
N ARG A 516 3.01 18.98 -18.67
CA ARG A 516 3.69 19.81 -19.66
C ARG A 516 2.73 20.92 -20.04
N HIS A 517 3.01 22.14 -19.61
CA HIS A 517 2.08 23.23 -19.84
C HIS A 517 2.49 24.00 -21.07
N GLU A 518 1.80 25.14 -21.31
CA GLU A 518 1.85 25.90 -22.55
C GLU A 518 3.15 26.66 -22.70
N HIS A 519 3.62 27.32 -21.65
CA HIS A 519 4.88 28.03 -21.67
C HIS A 519 5.99 27.08 -21.24
N ARG A 520 6.98 26.89 -22.11
CA ARG A 520 7.96 25.84 -22.00
C ARG A 520 9.35 26.40 -22.21
N ALA A 521 10.31 25.89 -21.45
CA ALA A 521 11.71 26.26 -21.65
C ALA A 521 12.51 25.03 -21.31
N ALA A 522 13.73 24.98 -21.84
CA ALA A 522 14.60 23.85 -21.64
C ALA A 522 16.04 24.32 -21.58
N VAL A 523 16.81 23.63 -20.75
CA VAL A 523 18.23 23.79 -20.65
C VAL A 523 18.86 22.41 -20.88
N VAL A 524 19.89 22.35 -21.70
CA VAL A 524 20.68 21.14 -21.89
C VAL A 524 22.03 21.43 -21.26
N ALA A 525 22.39 20.64 -20.25
CA ALA A 525 23.59 20.92 -19.47
C ALA A 525 24.26 19.62 -19.09
N SER A 526 25.57 19.70 -18.91
CA SER A 526 26.37 18.57 -18.45
C SER A 526 26.85 18.71 -17.02
N THR A 527 26.82 19.89 -16.43
CA THR A 527 27.10 20.02 -15.01
C THR A 527 25.97 20.78 -14.34
N ARG A 528 25.89 20.65 -12.99
CA ARG A 528 24.97 21.44 -12.20
C ARG A 528 25.19 22.92 -12.41
N GLU A 529 26.45 23.35 -12.49
CA GLU A 529 26.74 24.77 -12.62
C GLU A 529 26.21 25.32 -13.94
N GLU A 530 26.38 24.58 -15.03
CA GLU A 530 25.83 24.97 -16.32
C GLU A 530 24.31 24.95 -16.28
N ALA A 531 23.74 23.95 -15.64
CA ALA A 531 22.29 23.87 -15.51
C ALA A 531 21.75 25.09 -14.78
N VAL A 532 22.41 25.51 -13.69
CA VAL A 532 21.94 26.66 -12.93
C VAL A 532 22.06 27.93 -13.74
N ARG A 533 23.17 28.09 -14.47
CA ARG A 533 23.31 29.26 -15.33
C ARG A 533 22.18 29.33 -16.36
N GLY A 534 21.84 28.22 -16.99
CA GLY A 534 20.77 28.27 -17.98
C GLY A 534 19.40 28.48 -17.34
N LEU A 535 19.16 27.85 -16.20
CA LEU A 535 17.86 28.05 -15.52
C LEU A 535 17.70 29.48 -15.02
N ARG A 536 18.80 30.08 -14.56
CA ARG A 536 18.73 31.48 -14.17
C ARG A 536 18.38 32.40 -15.33
N GLU A 537 18.84 32.09 -16.53
CA GLU A 537 18.39 32.82 -17.71
C GLU A 537 16.88 32.71 -17.90
N ILE A 538 16.36 31.50 -17.85
CA ILE A 538 14.93 31.32 -17.96
C ILE A 538 14.22 32.09 -16.85
N ALA A 539 14.77 32.06 -15.64
CA ALA A 539 14.13 32.73 -14.51
C ALA A 539 14.09 34.24 -14.70
N ALA A 540 14.94 34.77 -15.59
CA ALA A 540 14.97 36.20 -15.92
C ALA A 540 14.22 36.49 -17.20
N GLY A 541 13.58 35.49 -17.80
CA GLY A 541 12.87 35.67 -19.04
C GLY A 541 13.76 35.78 -20.24
N ALA A 542 15.01 35.33 -20.15
CA ALA A 542 15.95 35.40 -21.25
C ALA A 542 16.30 34.00 -21.73
N ALA A 543 16.77 33.94 -22.96
CA ALA A 543 17.23 32.68 -23.56
C ALA A 543 18.44 32.98 -24.46
N THR A 544 19.39 33.75 -23.94
CA THR A 544 20.47 34.20 -24.79
C THR A 544 21.49 33.09 -25.00
N ALA A 545 21.74 32.25 -24.00
CA ALA A 545 22.69 31.16 -24.19
C ALA A 545 22.18 30.15 -25.21
N ASP A 546 23.12 29.51 -25.89
CA ASP A 546 22.76 28.48 -26.88
C ASP A 546 22.13 27.27 -26.23
N ALA A 547 22.52 26.94 -24.98
CA ALA A 547 22.01 25.76 -24.31
C ALA A 547 20.58 25.94 -23.77
N VAL A 548 19.97 27.12 -23.97
CA VAL A 548 18.66 27.49 -23.42
C VAL A 548 17.70 27.82 -24.57
N VAL A 549 16.51 27.25 -24.51
CA VAL A 549 15.46 27.55 -25.50
C VAL A 549 14.12 27.71 -24.78
N GLU A 550 13.27 28.56 -25.35
CA GLU A 550 11.99 28.90 -24.78
C GLU A 550 10.99 28.86 -25.92
N GLY A 551 9.77 28.48 -25.61
CA GLY A 551 8.69 28.74 -26.53
C GLY A 551 7.35 28.62 -25.82
N VAL A 552 6.30 28.73 -26.62
CA VAL A 552 4.95 28.59 -26.11
C VAL A 552 4.19 27.79 -27.14
N THR A 553 3.32 26.90 -26.65
CA THR A 553 2.53 26.08 -27.54
C THR A 553 1.16 25.85 -26.91
N GLU A 554 0.14 25.84 -27.77
CA GLU A 554 -1.25 25.57 -27.42
C GLU A 554 -1.66 24.11 -27.61
N VAL A 555 -0.90 23.32 -28.38
CA VAL A 555 -1.13 21.88 -28.48
C VAL A 555 0.00 21.13 -27.79
N ASP A 556 -0.24 19.85 -27.50
CA ASP A 556 0.80 18.97 -26.96
C ASP A 556 1.33 17.96 -27.99
N GLY A 557 0.84 17.99 -29.24
CA GLY A 557 1.39 17.14 -30.28
C GLY A 557 1.35 17.79 -31.65
N ARG A 558 2.16 17.24 -32.56
CA ARG A 558 2.29 17.75 -33.92
C ARG A 558 2.24 16.62 -34.95
N ASN A 559 1.95 17.00 -36.17
CA ASN A 559 1.98 16.11 -37.32
C ASN A 559 3.31 16.41 -37.98
N VAL A 560 4.25 15.48 -37.88
CA VAL A 560 5.65 15.72 -38.13
C VAL A 560 6.04 15.29 -39.54
N VAL A 561 6.84 16.13 -40.17
CA VAL A 561 7.50 15.85 -41.44
C VAL A 561 9.00 15.84 -41.18
N PHE A 562 9.66 14.75 -41.63
CA PHE A 562 11.11 14.66 -41.74
C PHE A 562 11.52 15.11 -43.14
N LEU A 563 12.41 16.08 -43.19
CA LEU A 563 12.98 16.60 -44.44
C LEU A 563 14.42 16.17 -44.57
N PHE A 564 14.76 15.63 -45.74
CA PHE A 564 16.10 15.13 -46.02
C PHE A 564 16.72 15.95 -47.16
N PRO A 565 17.64 16.87 -46.88
CA PRO A 565 18.20 17.69 -47.95
C PRO A 565 19.28 16.90 -48.70
N GLY A 566 19.80 17.52 -49.76
CA GLY A 566 20.83 16.90 -50.56
C GLY A 566 22.22 17.25 -50.07
N GLN A 567 23.04 17.82 -50.95
CA GLN A 567 24.38 18.23 -50.59
C GLN A 567 24.37 19.63 -49.97
N GLY A 568 25.49 20.01 -49.38
CA GLY A 568 25.63 21.27 -48.69
C GLY A 568 25.72 21.15 -47.18
N SER A 569 25.28 20.02 -46.60
CA SER A 569 25.23 19.87 -45.16
C SER A 569 26.52 19.36 -44.56
N GLN A 570 27.38 18.75 -45.37
CA GLN A 570 28.45 17.98 -44.80
C GLN A 570 29.47 18.91 -44.14
N TRP A 571 30.25 18.33 -43.26
CA TRP A 571 31.34 19.02 -42.60
C TRP A 571 32.22 17.96 -41.96
N ALA A 572 33.50 18.29 -41.83
CA ALA A 572 34.51 17.32 -41.42
C ALA A 572 34.30 16.91 -39.97
N GLY A 573 34.20 15.60 -39.75
CA GLY A 573 33.98 15.02 -38.44
C GLY A 573 32.54 15.06 -37.99
N MET A 574 31.62 15.50 -38.86
CA MET A 574 30.22 15.53 -38.52
C MET A 574 29.77 14.19 -37.96
N GLY A 575 29.08 14.23 -36.82
CA GLY A 575 28.51 13.06 -36.21
C GLY A 575 29.48 12.17 -35.49
N ALA A 576 30.75 12.58 -35.41
CA ALA A 576 31.76 11.72 -34.80
C ALA A 576 31.48 11.55 -33.31
N GLU A 577 31.19 12.65 -32.61
CA GLU A 577 30.78 12.56 -31.22
C GLU A 577 29.65 11.54 -31.04
N LEU A 578 28.63 11.61 -31.91
CA LEU A 578 27.49 10.73 -31.76
C LEU A 578 27.83 9.24 -31.85
N LEU A 579 28.93 8.89 -32.52
CA LEU A 579 29.35 7.48 -32.54
C LEU A 579 29.65 6.98 -31.12
N SER A 580 30.34 7.78 -30.32
CA SER A 580 30.60 7.42 -28.92
C SER A 580 29.34 7.56 -28.06
N SER A 581 28.67 8.72 -28.12
CA SER A 581 27.62 9.06 -27.14
C SER A 581 26.27 8.43 -27.44
N SER A 582 26.04 7.94 -28.65
CA SER A 582 24.71 7.45 -29.03
C SER A 582 24.78 6.08 -29.69
N PRO A 583 24.46 5.01 -28.95
CA PRO A 583 24.37 3.68 -29.61
C PRO A 583 23.37 3.58 -30.75
N VAL A 584 22.31 4.40 -30.73
CA VAL A 584 21.29 4.26 -31.76
C VAL A 584 21.86 4.75 -33.10
N PHE A 585 22.64 5.80 -33.04
CA PHE A 585 23.23 6.40 -34.21
C PHE A 585 24.34 5.51 -34.77
N ALA A 586 25.24 5.05 -33.89
CA ALA A 586 26.32 4.17 -34.33
C ALA A 586 25.78 2.84 -34.84
N GLY A 587 24.79 2.27 -34.17
CA GLY A 587 24.16 1.07 -34.69
C GLY A 587 23.65 1.23 -36.11
N LYS A 588 23.12 2.41 -36.44
CA LYS A 588 22.59 2.59 -37.79
C LYS A 588 23.72 2.79 -38.77
N ILE A 589 24.73 3.57 -38.39
CA ILE A 589 25.92 3.70 -39.22
C ILE A 589 26.49 2.32 -39.52
N ARG A 590 26.85 1.57 -38.48
CA ARG A 590 27.34 0.22 -38.68
C ARG A 590 26.43 -0.56 -39.62
N ALA A 591 25.11 -0.38 -39.51
CA ALA A 591 24.25 -1.11 -40.42
C ALA A 591 24.44 -0.61 -41.84
N CYS A 592 24.73 0.70 -41.99
CA CYS A 592 24.98 1.26 -43.32
C CYS A 592 26.27 0.68 -43.92
N ASP A 593 27.32 0.52 -43.11
CA ASP A 593 28.58 0.01 -43.66
C ASP A 593 28.45 -1.47 -44.04
N GLU A 594 27.63 -2.26 -43.33
CA GLU A 594 27.45 -3.65 -43.72
C GLU A 594 26.78 -3.76 -45.08
N SER A 595 25.84 -2.86 -45.37
CA SER A 595 25.10 -2.92 -46.63
C SER A 595 25.87 -2.24 -47.75
N MET A 596 26.75 -1.30 -47.44
CA MET A 596 27.62 -0.72 -48.45
C MET A 596 28.87 -1.56 -48.71
N ALA A 597 29.01 -2.70 -48.03
CA ALA A 597 30.26 -3.44 -48.07
C ALA A 597 30.60 -3.92 -49.48
N PRO A 598 29.77 -4.75 -50.14
CA PRO A 598 30.15 -5.30 -51.45
C PRO A 598 30.01 -4.31 -52.61
N MET A 599 30.36 -3.04 -52.38
CA MET A 599 30.24 -2.01 -53.39
C MET A 599 31.32 -0.96 -53.21
N GLN A 600 31.98 -0.97 -52.06
CA GLN A 600 33.07 -0.06 -51.84
C GLN A 600 34.00 -0.67 -50.81
N ASP A 601 35.21 -0.12 -50.75
CA ASP A 601 36.30 -0.61 -49.92
C ASP A 601 36.41 0.12 -48.59
N TRP A 602 36.03 1.39 -48.56
CA TRP A 602 36.09 2.23 -47.38
C TRP A 602 34.80 2.10 -46.56
N LYS A 603 34.81 2.67 -45.35
CA LYS A 603 33.67 2.59 -44.44
C LYS A 603 33.25 3.98 -43.97
N VAL A 604 31.93 4.21 -43.93
CA VAL A 604 31.42 5.53 -43.56
C VAL A 604 31.92 5.91 -42.17
N SER A 605 31.88 4.95 -41.25
CA SER A 605 32.32 5.23 -39.88
C SER A 605 33.74 5.77 -39.87
N ASP A 606 34.64 5.16 -40.65
CA ASP A 606 36.02 5.62 -40.76
C ASP A 606 36.11 7.05 -41.31
N VAL A 607 35.21 7.43 -42.22
CA VAL A 607 35.20 8.80 -42.73
C VAL A 607 34.78 9.78 -41.65
N LEU A 608 33.69 9.48 -40.94
CA LEU A 608 33.22 10.40 -39.89
C LEU A 608 34.28 10.56 -38.81
N ARG A 609 34.86 9.44 -38.33
CA ARG A 609 35.95 9.53 -37.37
C ARG A 609 37.19 10.19 -37.97
N GLN A 610 37.24 10.36 -39.29
CA GLN A 610 38.44 10.89 -39.96
C GLN A 610 39.64 9.96 -39.77
N ALA A 611 39.40 8.66 -39.89
CA ALA A 611 40.43 7.63 -39.71
C ALA A 611 41.60 7.90 -40.66
N PRO A 612 42.74 7.21 -40.50
CA PRO A 612 43.85 7.40 -41.44
C PRO A 612 43.67 6.59 -42.71
N GLY A 613 43.98 7.21 -43.84
CA GLY A 613 43.79 6.55 -45.12
C GLY A 613 42.32 6.40 -45.45
N ALA A 614 41.50 7.27 -44.92
CA ALA A 614 40.09 7.26 -45.21
C ALA A 614 39.78 8.41 -46.17
N PRO A 615 38.85 8.19 -47.12
CA PRO A 615 38.49 9.27 -48.06
C PRO A 615 38.05 10.56 -47.38
N GLY A 616 38.01 11.65 -48.14
CA GLY A 616 37.63 12.95 -47.64
C GLY A 616 36.35 13.42 -48.30
N LEU A 617 35.80 14.51 -47.77
CA LEU A 617 34.51 15.04 -48.24
C LEU A 617 34.69 16.01 -49.40
N ASP A 618 35.39 15.56 -50.43
CA ASP A 618 35.41 16.26 -51.70
C ASP A 618 34.91 15.42 -52.86
N ARG A 619 35.02 14.10 -52.75
CA ARG A 619 34.55 13.19 -53.79
C ARG A 619 33.04 12.95 -53.64
N VAL A 620 32.27 13.34 -54.66
CA VAL A 620 30.85 13.06 -54.67
C VAL A 620 30.56 11.63 -54.24
N ASP A 621 31.44 10.70 -54.61
CA ASP A 621 31.16 9.28 -54.41
C ASP A 621 31.45 8.81 -52.99
N VAL A 622 31.97 9.70 -52.14
CA VAL A 622 32.03 9.45 -50.71
C VAL A 622 31.03 10.33 -49.94
N VAL A 623 30.94 11.61 -50.29
CA VAL A 623 30.00 12.52 -49.62
C VAL A 623 28.60 11.93 -49.62
N GLN A 624 28.04 11.67 -50.80
CA GLN A 624 26.65 11.27 -50.88
C GLN A 624 26.34 10.03 -50.05
N PRO A 625 27.14 8.97 -50.08
CA PRO A 625 26.83 7.82 -49.21
C PRO A 625 27.06 8.12 -47.74
N VAL A 626 27.96 9.04 -47.42
CA VAL A 626 28.16 9.42 -46.02
C VAL A 626 26.92 10.15 -45.51
N LEU A 627 26.57 11.25 -46.19
CA LEU A 627 25.41 12.03 -45.85
C LEU A 627 24.17 11.17 -45.80
N PHE A 628 24.04 10.22 -46.72
CA PHE A 628 22.91 9.31 -46.62
C PHE A 628 22.91 8.57 -45.29
N ALA A 629 24.07 8.04 -44.90
CA ALA A 629 24.20 7.29 -43.65
C ALA A 629 23.93 8.19 -42.44
N VAL A 630 24.47 9.40 -42.45
CA VAL A 630 24.24 10.35 -41.37
C VAL A 630 22.76 10.67 -41.25
N MET A 631 22.11 10.97 -42.38
CA MET A 631 20.70 11.33 -42.37
C MET A 631 19.84 10.18 -41.87
N VAL A 632 20.01 8.97 -42.40
CA VAL A 632 19.13 7.89 -41.95
C VAL A 632 19.42 7.52 -40.50
N SER A 633 20.64 7.84 -40.02
CA SER A 633 21.04 7.59 -38.64
C SER A 633 20.49 8.67 -37.70
N LEU A 634 20.47 9.92 -38.12
CA LEU A 634 19.78 10.95 -37.37
C LEU A 634 18.29 10.67 -37.32
N ALA A 635 17.72 10.14 -38.41
CA ALA A 635 16.32 9.77 -38.41
C ALA A 635 16.05 8.74 -37.33
N GLU A 636 16.91 7.72 -37.23
CA GLU A 636 16.70 6.71 -36.19
C GLU A 636 16.88 7.31 -34.80
N LEU A 637 17.80 8.25 -34.62
CA LEU A 637 17.94 8.88 -33.32
C LEU A 637 16.67 9.65 -32.91
N TRP A 638 16.12 10.47 -33.82
CA TRP A 638 14.84 11.13 -33.58
C TRP A 638 13.79 10.11 -33.21
N ARG A 639 13.79 8.97 -33.89
CA ARG A 639 12.73 8.00 -33.66
C ARG A 639 12.89 7.28 -32.31
N SER A 640 14.10 7.17 -31.80
CA SER A 640 14.27 6.57 -30.50
C SER A 640 13.81 7.48 -29.37
N TYR A 641 13.70 8.79 -29.65
CA TYR A 641 13.10 9.72 -28.73
C TYR A 641 11.61 9.85 -28.95
N GLY A 642 11.02 8.95 -29.70
CA GLY A 642 9.59 8.90 -29.82
C GLY A 642 9.04 9.78 -30.91
N VAL A 643 9.88 10.39 -31.73
CA VAL A 643 9.39 11.25 -32.80
C VAL A 643 9.32 10.43 -34.09
N GLU A 644 8.15 10.12 -34.50
CA GLU A 644 7.88 9.35 -35.71
C GLU A 644 7.41 10.27 -36.82
N PRO A 645 7.98 10.21 -38.02
CA PRO A 645 7.45 11.05 -39.09
C PRO A 645 6.06 10.58 -39.51
N ALA A 646 5.18 11.54 -39.70
CA ALA A 646 3.93 11.27 -40.39
C ALA A 646 4.10 11.36 -41.90
N ALA A 647 5.11 12.09 -42.35
CA ALA A 647 5.46 12.13 -43.77
C ALA A 647 6.93 12.42 -43.88
N VAL A 648 7.52 12.06 -45.03
CA VAL A 648 8.89 12.37 -45.35
C VAL A 648 8.94 13.10 -46.70
N VAL A 649 9.97 13.91 -46.85
CA VAL A 649 10.25 14.66 -48.06
C VAL A 649 11.76 14.75 -48.21
N GLY A 650 12.24 14.54 -49.44
CA GLY A 650 13.66 14.62 -49.72
C GLY A 650 13.91 15.58 -50.85
N HIS A 651 15.15 16.07 -50.88
CA HIS A 651 15.66 17.00 -51.86
C HIS A 651 16.74 16.27 -52.64
N SER A 652 16.48 15.96 -53.91
CA SER A 652 17.46 15.29 -54.79
C SER A 652 17.78 13.93 -54.18
N GLN A 653 19.06 13.55 -54.01
CA GLN A 653 19.37 12.24 -53.48
C GLN A 653 18.88 12.08 -52.04
N GLY A 654 18.58 13.19 -51.33
CA GLY A 654 17.93 13.09 -50.03
C GLY A 654 16.66 12.28 -50.08
N GLU A 655 15.98 12.24 -51.24
CA GLU A 655 14.83 11.35 -51.41
C GLU A 655 15.18 9.91 -51.11
N ILE A 656 16.46 9.52 -51.26
CA ILE A 656 16.82 8.12 -51.04
C ILE A 656 16.82 7.79 -49.53
N ALA A 657 17.40 8.68 -48.72
CA ALA A 657 17.23 8.62 -47.26
C ALA A 657 15.74 8.62 -46.88
N ALA A 658 15.01 9.58 -47.44
CA ALA A 658 13.59 9.65 -47.21
C ALA A 658 12.91 8.31 -47.47
N ALA A 659 13.16 7.72 -48.64
CA ALA A 659 12.48 6.48 -49.02
C ALA A 659 12.86 5.32 -48.09
N HIS A 660 14.13 5.29 -47.66
CA HIS A 660 14.49 4.27 -46.68
C HIS A 660 13.75 4.50 -45.36
N VAL A 661 13.75 5.74 -44.86
CA VAL A 661 13.08 6.01 -43.59
C VAL A 661 11.61 5.67 -43.70
N ALA A 662 11.00 5.96 -44.85
CA ALA A 662 9.58 5.64 -45.04
C ALA A 662 9.29 4.16 -45.10
N GLY A 663 10.31 3.31 -45.23
CA GLY A 663 10.05 1.90 -45.40
C GLY A 663 9.99 1.42 -46.84
N ALA A 664 10.15 2.31 -47.83
CA ALA A 664 9.92 1.89 -49.22
C ALA A 664 11.16 1.19 -49.79
N LEU A 665 12.34 1.53 -49.32
CA LEU A 665 13.56 0.81 -49.68
C LEU A 665 14.14 0.08 -48.47
N THR A 666 14.51 -1.20 -48.66
CA THR A 666 15.44 -1.80 -47.74
C THR A 666 16.74 -1.00 -47.76
N LEU A 667 17.55 -1.18 -46.71
CA LEU A 667 18.80 -0.44 -46.64
C LEU A 667 19.78 -0.94 -47.69
N GLU A 668 19.73 -2.24 -48.00
CA GLU A 668 20.56 -2.77 -49.08
C GLU A 668 20.23 -2.08 -50.39
N ASP A 669 18.94 -1.97 -50.71
CA ASP A 669 18.57 -1.36 -51.99
C ASP A 669 18.86 0.13 -51.99
N ALA A 670 18.64 0.83 -50.87
CA ALA A 670 18.96 2.26 -50.83
C ALA A 670 20.46 2.51 -50.95
N ALA A 671 21.29 1.66 -50.32
CA ALA A 671 22.74 1.75 -50.51
C ALA A 671 23.12 1.57 -51.98
N LYS A 672 22.63 0.52 -52.64
CA LYS A 672 22.81 0.39 -54.08
C LYS A 672 22.54 1.70 -54.78
N LEU A 673 21.33 2.26 -54.56
CA LEU A 673 20.92 3.45 -55.29
C LEU A 673 21.86 4.61 -55.04
N VAL A 674 22.38 4.74 -53.81
CA VAL A 674 23.19 5.92 -53.49
C VAL A 674 24.62 5.72 -53.95
N VAL A 675 25.16 4.52 -53.75
CA VAL A 675 26.49 4.21 -54.26
C VAL A 675 26.48 4.21 -55.78
N GLY A 676 25.56 3.47 -56.37
CA GLY A 676 25.35 3.48 -57.81
C GLY A 676 25.35 4.89 -58.37
N ARG A 677 24.35 5.69 -57.97
CA ARG A 677 24.24 7.06 -58.45
C ARG A 677 25.50 7.87 -58.15
N SER A 678 26.15 7.64 -57.01
CA SER A 678 27.23 8.53 -56.60
C SER A 678 28.52 8.28 -57.41
N ARG A 679 28.88 7.02 -57.66
CA ARG A 679 29.98 6.76 -58.59
C ARG A 679 29.69 7.45 -59.92
N LEU A 680 28.56 7.11 -60.55
CA LEU A 680 28.21 7.63 -61.87
C LEU A 680 28.22 9.16 -61.94
N MET A 681 28.12 9.85 -60.82
CA MET A 681 28.35 11.29 -60.82
C MET A 681 29.82 11.62 -60.81
N ARG A 682 30.64 10.69 -60.33
CA ARG A 682 32.08 10.90 -60.37
C ARG A 682 32.55 10.98 -61.82
N SER A 683 32.01 10.10 -62.68
CA SER A 683 32.35 10.11 -64.10
C SER A 683 32.23 11.51 -64.70
N LEU A 684 31.15 12.22 -64.36
CA LEU A 684 30.90 13.53 -64.94
C LEU A 684 31.67 14.63 -64.23
N SER A 685 32.85 14.33 -63.71
CA SER A 685 33.64 15.30 -62.95
C SER A 685 34.23 16.38 -63.87
N GLY A 686 34.15 17.63 -63.42
CA GLY A 686 34.66 18.77 -64.16
C GLY A 686 33.80 19.20 -65.34
N GLU A 687 32.77 18.43 -65.67
CA GLU A 687 31.99 18.63 -66.87
C GLU A 687 30.72 19.45 -66.63
N GLY A 688 30.43 19.84 -65.39
CA GLY A 688 29.21 20.57 -65.08
C GLY A 688 29.37 21.51 -63.89
N GLY A 689 28.37 22.37 -63.74
CA GLY A 689 28.34 23.31 -62.63
C GLY A 689 26.90 23.53 -62.17
N MET A 690 26.76 24.23 -61.06
CA MET A 690 25.45 24.60 -60.52
C MET A 690 25.59 25.86 -59.68
N ALA A 691 24.49 26.58 -59.52
CA ALA A 691 24.50 27.79 -58.72
C ALA A 691 23.07 28.13 -58.31
N ALA A 692 22.95 29.12 -57.40
CA ALA A 692 21.68 29.49 -56.79
C ALA A 692 21.21 30.87 -57.27
N VAL A 693 19.99 31.23 -56.89
CA VAL A 693 19.39 32.49 -57.38
C VAL A 693 18.58 33.24 -56.32
N GLY A 696 13.08 33.97 -58.97
CA GLY A 696 11.78 33.49 -59.43
C GLY A 696 11.91 32.53 -60.60
N GLU A 697 11.03 31.52 -60.67
CA GLU A 697 11.20 30.46 -61.67
C GLU A 697 10.91 30.97 -63.08
N ALA A 698 9.70 31.48 -63.31
CA ALA A 698 9.35 31.93 -64.65
C ALA A 698 10.36 32.93 -65.19
N ALA A 699 10.83 33.83 -64.33
CA ALA A 699 11.79 34.85 -64.75
C ALA A 699 13.10 34.21 -65.20
N VAL A 700 13.64 33.31 -64.38
CA VAL A 700 14.91 32.66 -64.70
C VAL A 700 14.82 31.80 -65.95
N ARG A 701 13.61 31.35 -66.31
CA ARG A 701 13.47 30.54 -67.51
C ARG A 701 13.51 31.41 -68.76
N GLU A 702 12.90 32.61 -68.71
CA GLU A 702 13.09 33.59 -69.77
C GLU A 702 14.57 33.85 -70.00
N ARG A 703 15.30 34.11 -68.92
CA ARG A 703 16.72 34.41 -69.01
C ARG A 703 17.53 33.25 -69.56
N LEU A 704 17.00 32.03 -69.50
CA LEU A 704 17.75 30.86 -69.92
C LEU A 704 17.45 30.42 -71.36
N ARG A 705 16.53 31.10 -72.05
CA ARG A 705 16.29 30.76 -73.45
C ARG A 705 17.55 30.85 -74.29
N PRO A 706 18.38 31.91 -74.18
CA PRO A 706 19.60 32.00 -75.02
C PRO A 706 20.49 30.77 -74.95
N TRP A 707 20.56 30.14 -73.78
CA TRP A 707 21.32 28.91 -73.60
C TRP A 707 20.39 27.71 -73.59
N GLN A 708 20.97 26.52 -73.72
CA GLN A 708 20.26 25.27 -73.47
C GLN A 708 21.14 24.40 -72.58
N ASP A 709 21.43 24.92 -71.38
CA ASP A 709 22.25 24.24 -70.39
C ASP A 709 21.38 23.61 -69.30
N VAL A 713 17.38 24.39 -65.14
CA VAL A 713 16.71 24.63 -63.85
C VAL A 713 16.57 23.34 -63.05
N ALA A 714 17.34 23.26 -61.97
CA ALA A 714 17.49 22.01 -61.21
C ALA A 714 16.51 21.89 -60.05
N ALA A 715 16.22 23.01 -59.38
CA ALA A 715 15.43 23.00 -58.15
C ALA A 715 14.73 24.33 -57.95
N VAL A 716 13.50 24.26 -57.45
CA VAL A 716 12.74 25.45 -57.06
C VAL A 716 12.56 25.38 -55.54
N ASN A 717 13.41 26.12 -54.82
CA ASN A 717 13.39 26.11 -53.36
C ASN A 717 12.47 27.18 -52.80
N GLY A 718 12.24 28.27 -53.53
CA GLY A 718 11.31 29.29 -53.14
C GLY A 718 10.98 30.21 -54.30
N PRO A 719 10.22 31.27 -54.04
CA PRO A 719 9.90 32.24 -55.11
C PRO A 719 11.08 33.12 -55.55
N ARG A 720 12.14 33.24 -54.74
CA ARG A 720 13.38 33.91 -55.15
C ARG A 720 14.59 33.00 -55.13
N SER A 721 14.44 31.78 -54.58
CA SER A 721 15.53 30.82 -54.52
C SER A 721 15.32 29.76 -55.60
N VAL A 722 16.31 29.60 -56.44
CA VAL A 722 16.24 28.65 -57.55
C VAL A 722 17.66 28.19 -57.79
N VAL A 723 17.77 27.02 -58.42
CA VAL A 723 19.07 26.46 -58.76
C VAL A 723 19.10 26.19 -60.26
N VAL A 724 20.11 26.72 -60.94
CA VAL A 724 20.34 26.48 -62.35
C VAL A 724 21.52 25.53 -62.48
N SER A 725 21.43 24.63 -63.46
CA SER A 725 22.45 23.64 -63.70
C SER A 725 22.75 23.59 -65.19
N GLY A 726 23.97 23.18 -65.53
CA GLY A 726 24.37 23.07 -66.93
C GLY A 726 25.85 22.87 -67.20
N GLU A 727 26.39 23.56 -68.28
CA GLU A 727 27.80 23.47 -68.65
C GLU A 727 28.61 24.59 -68.00
N PRO A 728 29.88 24.32 -67.66
CA PRO A 728 30.69 25.36 -67.01
C PRO A 728 30.71 26.70 -67.74
N GLY A 729 30.86 26.68 -69.07
CA GLY A 729 30.89 27.90 -69.85
C GLY A 729 29.67 28.77 -69.61
N ALA A 730 28.52 28.32 -70.11
CA ALA A 730 27.27 29.05 -69.94
C ALA A 730 27.10 29.52 -68.50
N LEU A 731 27.47 28.67 -67.54
CA LEU A 731 27.33 29.02 -66.12
C LEU A 731 27.94 30.39 -65.83
N ARG A 732 29.18 30.61 -66.25
CA ARG A 732 29.81 31.90 -66.00
C ARG A 732 29.22 33.01 -66.86
N ALA A 733 29.01 32.72 -68.15
CA ALA A 733 28.35 33.69 -69.02
C ALA A 733 27.04 34.16 -68.41
N PHE A 734 26.23 33.22 -67.94
CA PHE A 734 24.93 33.57 -67.36
C PHE A 734 25.10 34.44 -66.11
N SER A 735 26.07 34.10 -65.26
CA SER A 735 26.30 34.88 -64.05
C SER A 735 26.62 36.33 -64.37
N GLU A 736 27.47 36.57 -65.38
CA GLU A 736 27.84 37.94 -65.75
C GLU A 736 26.60 38.80 -65.93
N ASP A 737 25.60 38.30 -66.64
CA ASP A 737 24.34 39.03 -66.82
C ASP A 737 23.71 39.34 -65.47
N CYS A 738 23.40 38.30 -64.70
CA CYS A 738 22.84 38.52 -63.36
C CYS A 738 23.79 39.33 -62.51
N ALA A 739 25.10 39.15 -62.70
CA ALA A 739 26.10 39.96 -62.03
C ALA A 739 25.86 41.43 -62.39
N ALA A 740 26.09 41.78 -63.66
CA ALA A 740 25.91 43.15 -64.13
C ALA A 740 24.45 43.55 -64.30
N GLU A 741 23.56 43.10 -63.40
CA GLU A 741 22.15 43.47 -63.46
C GLU A 741 21.53 43.55 -62.08
N GLY A 742 21.89 42.65 -61.18
CA GLY A 742 21.29 42.66 -59.85
C GLY A 742 21.62 41.47 -58.97
N ILE A 743 20.63 40.62 -58.72
CA ILE A 743 20.68 39.63 -57.61
C ILE A 743 21.77 38.60 -57.84
N ARG A 744 22.24 38.01 -56.73
CA ARG A 744 23.49 37.25 -56.67
C ARG A 744 23.31 35.83 -57.21
N VAL A 745 24.45 35.17 -57.40
CA VAL A 745 24.52 33.86 -58.05
C VAL A 745 25.55 33.00 -57.32
N ARG A 746 25.18 32.45 -56.17
CA ARG A 746 26.13 31.69 -55.37
C ARG A 746 26.41 30.33 -56.00
N ASP A 747 27.69 30.05 -56.27
CA ASP A 747 28.08 28.80 -56.91
C ASP A 747 27.77 27.63 -55.97
N ILE A 748 28.26 26.44 -56.33
CA ILE A 748 28.03 25.22 -55.57
C ILE A 748 29.24 24.33 -55.72
N ASP A 749 29.75 23.84 -54.60
CA ASP A 749 30.96 23.02 -54.57
C ASP A 749 30.62 21.66 -55.19
N VAL A 750 30.70 21.59 -56.50
CA VAL A 750 30.30 20.37 -57.22
C VAL A 750 31.04 20.29 -58.55
N ASP A 751 31.44 19.07 -58.92
CA ASP A 751 32.17 18.74 -60.15
C ASP A 751 31.24 18.42 -61.32
N TYR A 752 29.94 18.60 -61.19
CA TYR A 752 28.97 18.07 -62.14
C TYR A 752 27.73 18.97 -62.16
N ALA A 753 26.74 18.57 -62.96
CA ALA A 753 25.56 19.39 -63.24
C ALA A 753 24.33 18.49 -63.20
N SER A 754 23.59 18.52 -62.09
CA SER A 754 22.51 17.58 -61.86
C SER A 754 21.18 18.19 -62.26
N HIS A 755 20.22 17.32 -62.59
CA HIS A 755 18.88 17.75 -62.97
C HIS A 755 18.90 18.59 -64.26
N SER A 756 19.84 18.26 -65.17
CA SER A 756 20.01 18.92 -66.46
C SER A 756 20.25 17.84 -67.51
N PRO A 757 20.16 18.18 -68.81
CA PRO A 757 20.35 17.12 -69.83
C PRO A 757 21.71 16.47 -69.77
N GLN A 758 22.71 17.15 -69.20
CA GLN A 758 24.03 16.57 -69.05
C GLN A 758 23.97 15.16 -68.46
N ILE A 759 22.88 14.84 -67.76
CA ILE A 759 22.76 13.58 -67.05
C ILE A 759 22.47 12.40 -67.96
N GLU A 760 22.01 12.64 -69.20
CA GLU A 760 21.38 11.56 -69.93
C GLU A 760 22.36 10.44 -70.25
N ARG A 761 23.64 10.76 -70.47
CA ARG A 761 24.57 9.74 -70.97
C ARG A 761 24.66 8.56 -70.02
N VAL A 762 24.44 8.79 -68.72
CA VAL A 762 24.62 7.75 -67.75
C VAL A 762 23.33 6.99 -67.44
N ARG A 763 22.20 7.48 -67.96
CA ARG A 763 20.93 6.79 -67.84
C ARG A 763 21.10 5.27 -67.96
N GLU A 764 21.66 4.83 -69.09
CA GLU A 764 21.67 3.40 -69.41
C GLU A 764 22.35 2.59 -68.31
N GLU A 765 23.55 3.01 -67.90
CA GLU A 765 24.29 2.22 -66.92
C GLU A 765 23.61 2.29 -65.56
N LEU A 766 23.23 3.50 -65.12
CA LEU A 766 22.51 3.65 -63.88
C LEU A 766 21.41 2.60 -63.76
N LEU A 767 20.49 2.59 -64.73
CA LEU A 767 19.32 1.72 -64.67
C LEU A 767 19.71 0.25 -64.60
N GLU A 768 20.74 -0.16 -65.35
CA GLU A 768 21.15 -1.56 -65.32
C GLU A 768 21.83 -1.91 -64.01
N THR A 769 22.70 -1.02 -63.53
CA THR A 769 23.33 -1.21 -62.23
C THR A 769 22.27 -1.37 -61.13
N THR A 770 21.31 -0.46 -61.08
CA THR A 770 20.38 -0.38 -59.96
C THR A 770 19.08 -1.11 -60.23
N GLY A 771 18.87 -1.63 -61.45
CA GLY A 771 17.58 -2.17 -61.81
C GLY A 771 17.16 -3.36 -60.98
N ASP A 772 18.05 -3.86 -60.11
CA ASP A 772 17.78 -5.03 -59.29
C ASP A 772 16.92 -4.72 -58.05
N ILE A 773 16.72 -3.45 -57.70
CA ILE A 773 16.09 -3.09 -56.43
C ILE A 773 14.62 -3.50 -56.42
N ALA A 774 14.09 -3.75 -55.23
CA ALA A 774 12.70 -4.16 -55.05
C ALA A 774 11.97 -3.26 -54.05
N PRO A 775 11.45 -2.11 -54.52
CA PRO A 775 10.76 -1.18 -53.60
C PRO A 775 9.56 -1.86 -52.93
N ARG A 776 9.30 -1.46 -51.69
CA ARG A 776 8.19 -1.98 -50.92
C ARG A 776 7.18 -0.88 -50.65
N PRO A 777 5.98 -1.24 -50.22
CA PRO A 777 5.04 -0.21 -49.75
C PRO A 777 5.70 0.64 -48.65
N ALA A 778 5.46 1.94 -48.69
CA ALA A 778 5.97 2.82 -47.65
C ALA A 778 5.04 2.77 -46.44
N ARG A 779 5.64 2.69 -45.27
CA ARG A 779 4.86 2.77 -44.03
C ARG A 779 4.55 4.20 -43.65
N VAL A 780 5.27 5.15 -44.24
CA VAL A 780 5.13 6.58 -43.95
C VAL A 780 4.93 7.26 -45.29
N THR A 781 3.96 8.17 -45.33
CA THR A 781 3.74 8.97 -46.52
C THR A 781 5.05 9.49 -47.08
N PHE A 782 5.24 9.25 -48.38
CA PHE A 782 6.40 9.72 -49.11
C PHE A 782 5.88 10.72 -50.13
N HIS A 783 6.12 12.00 -49.89
CA HIS A 783 5.64 13.03 -50.80
C HIS A 783 6.78 13.39 -51.75
N SER A 784 6.66 12.96 -53.01
CA SER A 784 7.77 13.10 -53.93
C SER A 784 7.95 14.55 -54.34
N THR A 785 9.20 15.00 -54.34
CA THR A 785 9.52 16.28 -54.93
C THR A 785 9.74 16.18 -56.43
N VAL A 786 9.64 14.98 -56.99
CA VAL A 786 9.77 14.80 -58.43
C VAL A 786 8.38 14.95 -59.05
N GLU A 787 7.45 14.11 -58.61
CA GLU A 787 6.12 14.08 -59.19
C GLU A 787 5.09 14.85 -58.37
N SER A 788 5.54 15.53 -57.32
CA SER A 788 4.70 16.46 -56.56
C SER A 788 3.44 15.77 -56.10
N ARG A 789 3.63 14.61 -55.50
CA ARG A 789 2.49 13.92 -54.93
C ARG A 789 2.99 12.83 -54.02
N SER A 790 2.08 12.38 -53.17
CA SER A 790 2.29 11.20 -52.36
C SER A 790 2.29 9.97 -53.25
N MET A 791 3.26 9.10 -53.02
CA MET A 791 3.50 7.97 -53.92
C MET A 791 3.55 6.67 -53.15
N ASP A 792 2.99 5.62 -53.74
CA ASP A 792 3.18 4.28 -53.22
C ASP A 792 4.66 3.93 -53.34
N GLY A 793 5.19 3.31 -52.29
CA GLY A 793 6.61 2.97 -52.31
C GLY A 793 6.97 2.04 -53.45
N THR A 794 6.04 1.17 -53.86
CA THR A 794 6.31 0.23 -54.96
C THR A 794 6.63 0.95 -56.27
N GLU A 795 6.14 2.19 -56.45
CA GLU A 795 6.47 2.96 -57.65
C GLU A 795 7.90 3.46 -57.65
N LEU A 796 8.66 3.29 -56.57
CA LEU A 796 9.98 3.92 -56.48
C LEU A 796 11.08 2.97 -56.98
N ASP A 797 10.95 2.54 -58.23
CA ASP A 797 11.90 1.61 -58.84
C ASP A 797 13.06 2.39 -59.46
N ALA A 798 13.94 1.69 -60.19
CA ALA A 798 15.13 2.32 -60.73
C ALA A 798 14.79 3.43 -61.71
N ARG A 799 13.66 3.30 -62.41
CA ARG A 799 13.28 4.35 -63.34
C ARG A 799 12.95 5.62 -62.59
N TYR A 800 12.22 5.50 -61.48
CA TYR A 800 11.96 6.66 -60.63
C TYR A 800 13.26 7.30 -60.15
N TRP A 801 14.22 6.50 -59.69
CA TRP A 801 15.44 7.10 -59.16
C TRP A 801 16.25 7.80 -60.24
N TYR A 802 16.19 7.33 -61.50
CA TYR A 802 16.80 8.12 -62.58
C TYR A 802 16.03 9.43 -62.79
N ARG A 803 14.71 9.37 -62.83
CA ARG A 803 13.93 10.60 -62.99
C ARG A 803 14.21 11.61 -61.88
N ASN A 804 14.58 11.15 -60.68
CA ASN A 804 14.98 12.07 -59.61
C ASN A 804 16.32 12.73 -59.92
N LEU A 805 17.29 11.95 -60.36
CA LEU A 805 18.53 12.54 -60.85
C LEU A 805 18.28 13.50 -62.01
N ARG A 806 17.32 13.16 -62.90
CA ARG A 806 17.19 13.93 -64.14
C ARG A 806 16.36 15.20 -63.98
N GLU A 807 15.21 15.11 -63.32
CA GLU A 807 14.22 16.18 -63.40
C GLU A 807 14.41 17.21 -62.30
N THR A 808 13.52 18.20 -62.30
CA THR A 808 13.61 19.36 -61.42
C THR A 808 13.02 19.07 -60.03
N VAL A 809 13.74 19.51 -59.00
CA VAL A 809 13.35 19.29 -57.61
C VAL A 809 12.31 20.35 -57.23
N ARG A 810 11.05 19.95 -57.10
CA ARG A 810 9.99 20.88 -56.76
C ARG A 810 9.80 20.92 -55.23
N PHE A 811 10.84 21.40 -54.54
CA PHE A 811 10.88 21.34 -53.08
C PHE A 811 9.84 22.25 -52.45
N ALA A 812 9.87 23.54 -52.77
CA ALA A 812 8.92 24.47 -52.16
C ALA A 812 7.47 24.02 -52.30
N ASP A 813 7.12 23.37 -53.42
CA ASP A 813 5.74 22.96 -53.63
C ASP A 813 5.36 21.81 -52.71
N ALA A 814 6.29 20.89 -52.45
CA ALA A 814 6.05 19.79 -51.53
C ALA A 814 5.76 20.32 -50.11
N VAL A 815 6.64 21.20 -49.60
CA VAL A 815 6.42 21.88 -48.33
C VAL A 815 5.05 22.55 -48.31
N THR A 816 4.82 23.40 -49.30
CA THR A 816 3.56 24.11 -49.38
C THR A 816 2.39 23.14 -49.32
N ARG A 817 2.43 22.10 -50.16
CA ARG A 817 1.35 21.12 -50.14
C ARG A 817 1.16 20.54 -48.74
N LEU A 818 2.25 20.25 -48.03
CA LEU A 818 2.13 19.61 -46.72
C LEU A 818 1.63 20.58 -45.66
N ALA A 819 2.16 21.81 -45.66
CA ALA A 819 1.62 22.85 -44.78
C ALA A 819 0.11 22.99 -44.99
N GLU A 820 -0.32 23.05 -46.25
CA GLU A 820 -1.73 23.26 -46.53
C GLU A 820 -2.57 22.04 -46.20
N SER A 821 -1.95 20.89 -46.03
CA SER A 821 -2.65 19.68 -45.65
C SER A 821 -2.64 19.40 -44.15
N GLY A 822 -2.03 20.26 -43.34
CA GLY A 822 -2.12 20.16 -41.91
C GLY A 822 -0.89 19.65 -41.17
N TYR A 823 0.24 19.42 -41.86
CA TYR A 823 1.48 19.08 -41.17
C TYR A 823 2.04 20.37 -40.60
N ASP A 824 2.42 20.36 -39.31
CA ASP A 824 2.84 21.60 -38.68
C ASP A 824 4.16 21.49 -37.92
N ALA A 825 4.91 20.40 -38.12
CA ALA A 825 6.25 20.33 -37.59
C ALA A 825 7.12 19.76 -38.70
N PHE A 826 8.19 20.48 -38.99
CA PHE A 826 9.07 20.21 -40.12
C PHE A 826 10.45 20.08 -39.51
N ILE A 827 11.00 18.88 -39.57
CA ILE A 827 12.27 18.56 -38.95
C ILE A 827 13.27 18.27 -40.06
N GLU A 828 14.31 19.10 -40.15
CA GLU A 828 15.38 18.85 -41.12
C GLU A 828 16.33 17.84 -40.51
N VAL A 829 16.33 16.64 -41.07
CA VAL A 829 17.17 15.54 -40.58
C VAL A 829 18.49 15.64 -41.35
N SER A 830 19.41 16.44 -40.82
CA SER A 830 20.66 16.69 -41.52
C SER A 830 21.73 17.13 -40.53
N PRO A 831 23.02 17.02 -40.92
CA PRO A 831 24.12 17.47 -40.05
C PRO A 831 24.36 18.96 -40.06
N HIS A 832 23.62 19.70 -40.88
CA HIS A 832 23.72 21.15 -40.82
C HIS A 832 22.48 21.71 -41.49
N PRO A 833 21.86 22.76 -40.95
CA PRO A 833 20.56 23.19 -41.48
C PRO A 833 20.68 23.92 -42.82
N VAL A 834 20.36 23.26 -43.92
CA VAL A 834 20.42 23.90 -45.23
C VAL A 834 19.05 24.24 -45.84
N VAL A 835 17.94 23.69 -45.35
CA VAL A 835 16.63 24.05 -45.90
C VAL A 835 15.71 24.69 -44.89
N VAL A 836 16.14 24.89 -43.64
CA VAL A 836 15.23 25.43 -42.64
C VAL A 836 14.64 26.77 -43.09
N GLN A 837 15.48 27.66 -43.62
CA GLN A 837 14.97 28.97 -44.01
C GLN A 837 13.91 28.85 -45.10
N ALA A 838 14.23 28.12 -46.16
CA ALA A 838 13.26 27.93 -47.24
C ALA A 838 11.98 27.27 -46.74
N VAL A 839 12.11 26.25 -45.87
CA VAL A 839 10.88 25.70 -45.30
C VAL A 839 10.12 26.78 -44.58
N GLU A 840 10.81 27.56 -43.74
CA GLU A 840 10.12 28.57 -42.94
C GLU A 840 9.36 29.55 -43.84
N GLU A 841 10.04 30.11 -44.85
CA GLU A 841 9.36 31.05 -45.75
C GLU A 841 8.16 30.39 -46.42
N ALA A 842 8.35 29.18 -46.96
CA ALA A 842 7.25 28.52 -47.62
C ALA A 842 6.09 28.26 -46.67
N VAL A 843 6.39 27.80 -45.45
CA VAL A 843 5.30 27.54 -44.52
C VAL A 843 4.55 28.82 -44.18
N GLU A 844 5.24 29.95 -44.16
CA GLU A 844 4.56 31.21 -43.81
C GLU A 844 3.59 31.63 -44.92
N GLU A 845 4.05 31.64 -46.17
CA GLU A 845 3.20 32.03 -47.29
C GLU A 845 2.03 31.10 -47.49
N ALA A 846 2.09 29.89 -46.95
CA ALA A 846 1.09 28.88 -47.25
C ALA A 846 -0.15 29.05 -46.39
N ASP A 847 -1.27 28.58 -46.94
CA ASP A 847 -2.52 28.55 -46.21
C ASP A 847 -2.54 27.37 -45.22
N GLY A 848 -1.41 27.11 -44.56
CA GLY A 848 -1.32 26.09 -43.54
C GLY A 848 -1.17 26.73 -42.17
N ALA A 849 -1.05 25.86 -41.16
CA ALA A 849 -1.05 26.32 -39.77
C ALA A 849 -0.14 27.52 -39.62
N GLU A 850 -0.60 28.50 -38.84
CA GLU A 850 0.19 29.70 -38.64
C GLU A 850 1.08 29.60 -37.42
N ASP A 851 1.08 28.46 -36.71
CA ASP A 851 2.01 28.20 -35.62
C ASP A 851 2.92 26.98 -35.86
N ALA A 852 3.27 26.69 -37.12
CA ALA A 852 4.15 25.56 -37.40
C ALA A 852 5.52 25.76 -36.75
N VAL A 853 6.22 24.65 -36.54
CA VAL A 853 7.60 24.71 -36.08
C VAL A 853 8.52 24.08 -37.12
N VAL A 854 9.71 24.66 -37.25
CA VAL A 854 10.74 24.20 -38.16
C VAL A 854 12.03 24.16 -37.38
N VAL A 855 12.68 23.01 -37.39
CA VAL A 855 13.94 22.88 -36.70
C VAL A 855 14.84 21.94 -37.49
N GLY A 856 16.13 22.03 -37.19
CA GLY A 856 17.14 21.15 -37.73
C GLY A 856 17.54 20.09 -36.74
N SER A 857 18.64 19.41 -37.05
CA SER A 857 19.13 18.33 -36.20
C SER A 857 20.49 18.69 -35.64
N LEU A 858 21.53 18.77 -36.45
CA LEU A 858 22.83 19.20 -35.99
C LEU A 858 23.28 20.42 -36.79
N HIS A 859 24.40 21.00 -36.33
CA HIS A 859 24.98 22.22 -36.88
C HIS A 859 26.47 22.00 -37.06
N ARG A 860 27.05 22.70 -38.05
CA ARG A 860 28.47 22.59 -38.43
C ARG A 860 29.34 22.58 -37.20
N ASP A 861 29.12 23.55 -36.33
CA ASP A 861 29.69 23.58 -35.00
C ASP A 861 28.57 23.17 -34.04
N GLY A 862 28.63 21.94 -33.54
CA GLY A 862 27.51 21.42 -32.75
C GLY A 862 26.91 20.16 -33.36
N GLY A 863 27.65 19.07 -33.28
CA GLY A 863 27.21 17.79 -33.79
C GLY A 863 27.31 16.72 -32.73
N ASP A 864 27.38 17.14 -31.47
CA ASP A 864 27.40 16.19 -30.37
C ASP A 864 25.98 15.97 -29.85
N LEU A 865 25.86 15.14 -28.81
CA LEU A 865 24.54 14.79 -28.31
C LEU A 865 23.83 16.00 -27.71
N SER A 866 24.61 16.92 -27.11
CA SER A 866 24.06 18.11 -26.50
C SER A 866 23.37 18.98 -27.55
N ALA A 867 23.99 19.11 -28.72
CA ALA A 867 23.37 19.90 -29.78
C ALA A 867 22.13 19.20 -30.29
N PHE A 868 22.17 17.87 -30.37
CA PHE A 868 20.98 17.17 -30.82
C PHE A 868 19.86 17.31 -29.78
N LEU A 869 20.18 17.19 -28.48
CA LEU A 869 19.15 17.41 -27.45
C LEU A 869 18.59 18.82 -27.51
N ARG A 870 19.45 19.81 -27.81
CA ARG A 870 18.97 21.18 -27.95
C ARG A 870 17.98 21.30 -29.11
N SER A 871 18.23 20.60 -30.22
CA SER A 871 17.28 20.60 -31.34
C SER A 871 15.96 19.94 -30.95
N MET A 872 16.02 18.85 -30.23
CA MET A 872 14.79 18.25 -29.76
C MET A 872 14.07 19.16 -28.77
N ALA A 873 14.83 19.92 -27.97
CA ALA A 873 14.23 20.87 -27.03
C ALA A 873 13.48 21.96 -27.78
N THR A 874 14.11 22.48 -28.84
CA THR A 874 13.46 23.47 -29.67
C THR A 874 12.18 22.92 -30.27
N ALA A 875 12.20 21.65 -30.65
CA ALA A 875 10.97 21.11 -31.21
C ALA A 875 9.93 21.00 -30.10
N HIS A 876 10.39 20.64 -28.92
CA HIS A 876 9.50 20.35 -27.80
C HIS A 876 8.84 21.61 -27.27
N VAL A 877 9.58 22.72 -27.13
CA VAL A 877 8.96 23.91 -26.56
C VAL A 877 7.90 24.45 -27.49
N SER A 878 7.84 23.95 -28.72
CA SER A 878 6.81 24.32 -29.66
C SER A 878 5.85 23.16 -29.91
N GLY A 879 5.83 22.17 -29.04
CA GLY A 879 4.77 21.20 -29.03
C GLY A 879 5.07 19.82 -29.59
N VAL A 880 6.28 19.54 -30.06
CA VAL A 880 6.59 18.17 -30.48
C VAL A 880 6.87 17.36 -29.23
N ASP A 881 6.20 16.22 -29.09
CA ASP A 881 6.39 15.44 -27.88
C ASP A 881 7.68 14.63 -28.00
N ILE A 882 8.51 14.71 -26.97
CA ILE A 882 9.80 14.04 -26.87
C ILE A 882 9.76 13.12 -25.65
N ARG A 883 10.33 11.92 -25.80
CA ARG A 883 10.48 10.96 -24.71
C ARG A 883 11.83 11.19 -24.04
N TRP A 884 11.84 12.16 -23.14
CA TRP A 884 13.08 12.65 -22.56
C TRP A 884 13.78 11.60 -21.71
N ASP A 885 13.05 10.64 -21.18
CA ASP A 885 13.66 9.60 -20.34
C ASP A 885 14.67 8.77 -21.12
N VAL A 886 14.51 8.65 -22.44
CA VAL A 886 15.50 7.93 -23.23
C VAL A 886 16.89 8.55 -23.06
N ALA A 887 16.96 9.86 -22.81
CA ALA A 887 18.24 10.55 -22.57
C ALA A 887 18.84 10.27 -21.19
N LEU A 888 18.11 9.58 -20.33
CA LEU A 888 18.48 9.56 -18.91
C LEU A 888 18.33 8.14 -18.39
N PRO A 889 18.97 7.17 -19.02
CA PRO A 889 18.79 5.78 -18.61
C PRO A 889 19.44 5.57 -17.25
N GLY A 890 18.78 4.82 -16.41
CA GLY A 890 19.33 4.52 -15.09
C GLY A 890 19.09 5.58 -14.04
N ALA A 891 18.51 6.73 -14.41
CA ALA A 891 18.32 7.76 -13.41
C ALA A 891 17.10 7.42 -12.58
N ALA A 892 17.07 7.99 -11.38
CA ALA A 892 15.86 7.88 -10.57
C ALA A 892 15.27 9.26 -10.38
N PRO A 893 13.94 9.40 -10.47
CA PRO A 893 13.34 10.76 -10.37
C PRO A 893 13.54 11.35 -8.98
N PHE A 894 13.99 12.59 -8.97
CA PHE A 894 14.28 13.32 -7.73
C PHE A 894 13.04 14.11 -7.36
N ALA A 895 12.78 14.25 -6.06
CA ALA A 895 11.67 15.05 -5.58
C ALA A 895 11.86 16.52 -5.94
N LEU A 896 10.79 17.14 -6.37
CA LEU A 896 10.81 18.50 -6.89
C LEU A 896 9.88 19.40 -6.10
N PRO A 897 10.09 20.72 -6.09
CA PRO A 897 9.04 21.62 -5.60
C PRO A 897 7.77 21.49 -6.43
N THR A 898 6.68 22.05 -5.90
CA THR A 898 5.40 22.03 -6.59
C THR A 898 5.17 23.33 -7.37
N TYR A 899 4.09 23.34 -8.15
CA TYR A 899 3.85 24.40 -9.09
C TYR A 899 3.83 25.76 -8.39
N PRO A 900 4.58 26.79 -8.92
CA PRO A 900 4.60 28.13 -8.29
C PRO A 900 3.37 28.97 -8.65
N PHE A 901 2.28 28.73 -7.91
CA PHE A 901 1.02 29.42 -8.18
C PHE A 901 1.21 30.94 -8.14
N GLN A 902 0.62 31.62 -9.11
CA GLN A 902 0.70 33.09 -9.23
C GLN A 902 -0.64 33.64 -8.75
N ARG A 903 -0.65 34.18 -7.54
CA ARG A 903 -1.88 34.46 -6.82
C ARG A 903 -2.27 35.91 -6.88
N LYS A 904 -3.57 36.13 -6.99
CA LYS A 904 -4.26 37.38 -6.73
C LYS A 904 -5.28 37.14 -5.64
N ARG A 905 -5.70 38.22 -5.01
CA ARG A 905 -6.68 38.22 -3.94
C ARG A 905 -8.10 38.16 -4.49
N TYR A 906 -8.89 37.22 -3.98
CA TYR A 906 -10.32 37.19 -4.22
C TYR A 906 -11.02 37.04 -2.89
N TRP A 907 -11.84 38.02 -2.53
CA TRP A 907 -12.56 38.02 -1.27
C TRP A 907 -13.80 38.88 -1.45
N LEU A 908 -14.97 38.27 -1.26
CA LEU A 908 -16.23 39.02 -1.15
C LEU A 908 -16.37 39.60 0.26
N GLN A 909 -16.44 40.85 0.31
CA GLN A 909 -16.59 41.64 1.54
C GLN A 909 -18.05 42.02 1.78
N PRO A 910 -18.51 42.08 3.03
CA PRO A 910 -19.87 42.56 3.35
C PRO A 910 -20.16 43.98 2.86
N ASP B 17 3.49 -53.24 13.24
CA ASP B 17 3.43 -52.39 12.05
C ASP B 17 2.47 -51.21 12.30
N VAL B 18 2.21 -50.89 13.59
CA VAL B 18 1.22 -49.87 13.96
C VAL B 18 1.86 -48.49 13.95
N VAL B 19 1.12 -47.53 13.40
CA VAL B 19 1.62 -46.18 13.11
C VAL B 19 1.27 -45.27 14.28
N MET B 20 2.29 -44.75 14.94
CA MET B 20 2.13 -43.85 16.07
C MET B 20 2.73 -42.47 15.77
N THR B 21 2.22 -41.45 16.49
CA THR B 21 2.82 -40.12 16.51
C THR B 21 3.23 -39.76 17.92
N GLN B 22 4.25 -38.93 18.03
CA GLN B 22 4.65 -38.38 19.32
C GLN B 22 4.85 -36.88 19.19
N SER B 23 4.39 -36.16 20.18
CA SER B 23 4.62 -34.73 20.31
C SER B 23 5.13 -34.46 21.71
N PRO B 24 5.71 -33.28 21.97
CA PRO B 24 6.16 -32.96 23.34
C PRO B 24 5.04 -33.08 24.37
N LEU B 25 5.43 -33.48 25.58
CA LEU B 25 4.47 -33.72 26.65
C LEU B 25 3.81 -32.42 27.11
N SER B 26 4.59 -31.35 27.21
CA SER B 26 4.09 -30.06 27.68
C SER B 26 4.71 -28.95 26.84
N LEU B 27 4.08 -27.80 26.87
CA LEU B 27 4.67 -26.66 26.17
C LEU B 27 4.15 -25.38 26.77
N PRO B 28 4.90 -24.74 27.66
CA PRO B 28 4.49 -23.41 28.13
C PRO B 28 4.53 -22.43 26.97
N VAL B 29 3.56 -21.51 26.93
CA VAL B 29 3.55 -20.49 25.89
C VAL B 29 3.34 -19.11 26.49
N THR B 30 3.68 -18.09 25.70
CA THR B 30 3.53 -16.68 26.11
C THR B 30 2.62 -15.95 25.14
N PRO B 31 1.48 -15.41 25.56
CA PRO B 31 0.67 -14.66 24.60
C PRO B 31 1.45 -13.48 24.03
N GLY B 32 1.20 -13.19 22.76
CA GLY B 32 1.93 -12.20 22.01
C GLY B 32 3.07 -12.76 21.20
N GLU B 33 3.57 -13.93 21.57
CA GLU B 33 4.75 -14.56 20.99
C GLU B 33 4.39 -15.84 20.26
N PRO B 34 5.24 -16.30 19.36
CA PRO B 34 4.95 -17.51 18.61
C PRO B 34 5.11 -18.77 19.45
N ALA B 35 4.51 -19.86 18.97
CA ALA B 35 4.70 -21.17 19.57
C ALA B 35 4.71 -22.21 18.46
N SER B 36 5.44 -23.28 18.71
CA SER B 36 5.59 -24.37 17.77
C SER B 36 5.42 -25.69 18.51
N ILE B 37 4.67 -26.60 17.93
CA ILE B 37 4.54 -27.95 18.46
C ILE B 37 5.06 -28.91 17.40
N SER B 38 6.05 -29.70 17.76
CA SER B 38 6.61 -30.68 16.85
C SER B 38 5.86 -32.02 17.01
N CYS B 39 5.95 -32.82 15.96
CA CYS B 39 5.26 -34.09 15.85
C CYS B 39 6.19 -35.00 15.07
N ARG B 40 6.40 -36.21 15.56
CA ARG B 40 7.17 -37.20 14.82
C ARG B 40 6.36 -38.48 14.68
N SER B 41 6.30 -39.05 13.47
CA SER B 41 5.63 -40.33 13.29
C SER B 41 6.64 -41.47 13.18
N SER B 42 6.18 -42.70 13.47
CA SER B 42 7.00 -43.91 13.32
C SER B 42 7.20 -44.32 11.88
N GLN B 43 6.59 -43.61 10.95
CA GLN B 43 6.54 -44.05 9.57
C GLN B 43 6.18 -42.80 8.79
N SER B 44 6.74 -42.68 7.60
CA SER B 44 6.38 -41.58 6.75
C SER B 44 4.87 -41.54 6.56
N LEU B 45 4.31 -40.33 6.61
CA LEU B 45 2.91 -40.14 6.31
C LEU B 45 2.70 -39.61 4.92
N LEU B 46 3.76 -39.56 4.10
CA LEU B 46 3.63 -39.00 2.78
C LEU B 46 2.97 -40.01 1.87
N HIS B 47 1.89 -39.60 1.24
CA HIS B 47 1.17 -40.47 0.34
C HIS B 47 1.63 -40.16 -1.07
N SER B 48 1.39 -41.13 -1.97
CA SER B 48 1.72 -40.95 -3.39
C SER B 48 1.00 -39.75 -4.01
N ASN B 49 -0.16 -39.38 -3.48
CA ASN B 49 -0.87 -38.23 -4.03
C ASN B 49 -0.25 -36.88 -3.63
N GLY B 50 0.79 -36.90 -2.82
CA GLY B 50 1.53 -35.70 -2.49
C GLY B 50 1.23 -35.13 -1.13
N TYR B 51 0.27 -35.67 -0.39
CA TYR B 51 -0.12 -35.08 0.87
C TYR B 51 0.40 -35.93 2.01
N ASN B 52 0.67 -35.29 3.13
CA ASN B 52 0.94 -35.99 4.37
C ASN B 52 -0.35 -36.19 5.18
N TYR B 53 -0.63 -37.44 5.56
CA TYR B 53 -1.88 -37.79 6.24
C TYR B 53 -1.68 -37.59 7.73
N LEU B 54 -1.75 -36.32 8.12
CA LEU B 54 -1.51 -35.85 9.47
C LEU B 54 -2.44 -34.68 9.71
N ASP B 55 -3.26 -34.78 10.75
CA ASP B 55 -4.21 -33.75 11.13
C ASP B 55 -3.91 -33.28 12.54
N TRP B 56 -4.26 -32.01 12.83
CA TRP B 56 -4.03 -31.43 14.14
C TRP B 56 -5.36 -31.07 14.77
N TYR B 57 -5.51 -31.45 16.02
CA TYR B 57 -6.70 -31.15 16.79
C TYR B 57 -6.30 -30.44 18.09
N LEU B 58 -7.28 -29.75 18.67
CA LEU B 58 -7.13 -29.05 19.94
C LEU B 58 -8.34 -29.36 20.82
N GLN B 59 -8.08 -29.71 22.07
CA GLN B 59 -9.16 -29.78 23.07
C GLN B 59 -8.91 -28.74 24.15
N LYS B 60 -9.71 -27.69 24.16
CA LYS B 60 -9.65 -26.71 25.24
C LYS B 60 -10.29 -27.28 26.52
N PRO B 61 -9.83 -26.84 27.70
CA PRO B 61 -10.40 -27.38 28.96
C PRO B 61 -11.91 -27.23 29.03
N GLY B 62 -12.57 -28.33 29.43
CA GLY B 62 -14.02 -28.38 29.51
C GLY B 62 -14.77 -28.22 28.20
N GLN B 63 -14.08 -28.20 27.06
CA GLN B 63 -14.70 -28.12 25.74
C GLN B 63 -14.48 -29.44 25.00
N SER B 64 -15.20 -29.61 23.89
CA SER B 64 -14.99 -30.76 23.03
C SER B 64 -13.81 -30.48 22.09
N PRO B 65 -13.18 -31.52 21.55
CA PRO B 65 -12.11 -31.31 20.55
C PRO B 65 -12.59 -30.50 19.36
N GLN B 66 -11.63 -29.92 18.64
CA GLN B 66 -11.89 -29.20 17.42
C GLN B 66 -10.73 -29.41 16.45
N LEU B 67 -11.06 -29.47 15.17
CA LEU B 67 -10.08 -29.59 14.11
C LEU B 67 -9.38 -28.25 13.86
N LEU B 68 -8.08 -28.32 13.59
CA LEU B 68 -7.29 -27.13 13.26
C LEU B 68 -6.75 -27.22 11.85
N ILE B 69 -6.00 -28.28 11.56
CA ILE B 69 -5.24 -28.42 10.32
C ILE B 69 -5.47 -29.83 9.81
N TYR B 70 -5.67 -29.97 8.50
CA TYR B 70 -5.78 -31.30 7.89
C TYR B 70 -4.79 -31.52 6.76
N LEU B 71 -4.42 -32.79 6.55
CA LEU B 71 -3.39 -33.13 5.59
C LEU B 71 -2.19 -32.19 5.74
N GLY B 72 -1.68 -32.11 6.96
CA GLY B 72 -0.40 -31.45 7.23
C GLY B 72 -0.39 -29.95 7.27
N SER B 73 -0.98 -29.30 6.26
CA SER B 73 -0.83 -27.86 6.13
C SER B 73 -2.09 -27.12 5.65
N ASN B 74 -3.26 -27.74 5.65
CA ASN B 74 -4.48 -27.07 5.22
C ASN B 74 -5.27 -26.64 6.44
N ARG B 75 -5.68 -25.38 6.46
CA ARG B 75 -6.37 -24.80 7.60
C ARG B 75 -7.84 -24.82 7.28
N ALA B 76 -8.63 -25.42 8.16
CA ALA B 76 -10.05 -25.52 7.90
C ALA B 76 -10.68 -24.14 8.04
N SER B 77 -11.70 -23.90 7.24
CA SER B 77 -12.49 -22.68 7.34
C SER B 77 -12.90 -22.44 8.79
N GLY B 78 -12.76 -21.18 9.23
CA GLY B 78 -13.10 -20.78 10.58
C GLY B 78 -12.01 -20.94 11.61
N VAL B 79 -10.92 -21.63 11.29
CA VAL B 79 -9.84 -21.74 12.26
C VAL B 79 -9.05 -20.44 12.13
N PRO B 80 -8.59 -19.81 13.23
CA PRO B 80 -7.85 -18.54 13.10
C PRO B 80 -6.57 -18.70 12.30
N ASP B 81 -6.25 -17.69 11.49
CA ASP B 81 -5.16 -17.91 10.54
C ASP B 81 -3.80 -17.74 11.19
N ARG B 82 -3.75 -17.49 12.50
CA ARG B 82 -2.51 -17.64 13.23
C ARG B 82 -2.04 -19.08 13.34
N PHE B 83 -2.89 -20.08 13.09
CA PHE B 83 -2.49 -21.49 13.06
C PHE B 83 -2.05 -21.91 11.67
N SER B 84 -0.92 -22.58 11.59
CA SER B 84 -0.52 -23.20 10.34
C SER B 84 0.20 -24.47 10.69
N GLY B 85 0.30 -25.34 9.71
CA GLY B 85 1.08 -26.54 9.84
C GLY B 85 2.03 -26.73 8.67
N SER B 86 3.13 -27.43 8.96
CA SER B 86 4.11 -27.77 7.94
C SER B 86 4.76 -29.08 8.31
N GLY B 87 5.68 -29.49 7.45
CA GLY B 87 6.43 -30.71 7.63
C GLY B 87 6.15 -31.68 6.51
N SER B 88 6.85 -32.81 6.58
CA SER B 88 6.65 -33.85 5.58
C SER B 88 7.33 -35.12 6.07
N GLY B 89 6.86 -36.24 5.56
CA GLY B 89 7.48 -37.50 5.90
C GLY B 89 7.16 -37.94 7.30
N THR B 90 8.14 -37.81 8.21
CA THR B 90 7.93 -38.18 9.60
C THR B 90 7.98 -36.99 10.55
N ASP B 91 8.15 -35.75 10.06
CA ASP B 91 8.38 -34.64 10.97
C ASP B 91 7.49 -33.47 10.62
N PHE B 92 6.76 -33.00 11.61
CA PHE B 92 5.71 -32.05 11.38
C PHE B 92 5.72 -31.02 12.49
N THR B 93 5.24 -29.84 12.16
CA THR B 93 5.12 -28.78 13.13
C THR B 93 3.78 -28.07 13.01
N LEU B 94 3.13 -27.84 14.14
CA LEU B 94 2.04 -26.89 14.23
C LEU B 94 2.61 -25.57 14.72
N LYS B 95 2.36 -24.49 14.00
CA LYS B 95 2.87 -23.19 14.39
C LYS B 95 1.72 -22.27 14.74
N ILE B 96 1.84 -21.58 15.86
CA ILE B 96 0.97 -20.47 16.18
C ILE B 96 1.81 -19.19 16.01
N SER B 97 1.41 -18.32 15.08
CA SER B 97 2.19 -17.11 14.81
C SER B 97 2.24 -16.19 16.03
N ARG B 98 1.11 -15.95 16.68
CA ARG B 98 1.06 -15.19 17.94
C ARG B 98 0.03 -15.85 18.83
N VAL B 99 0.51 -16.43 19.92
CA VAL B 99 -0.35 -17.13 20.85
C VAL B 99 -1.32 -16.17 21.51
N GLU B 100 -2.56 -16.62 21.70
CA GLU B 100 -3.50 -15.94 22.57
C GLU B 100 -3.76 -16.79 23.80
N ALA B 101 -4.18 -16.13 24.89
CA ALA B 101 -4.43 -16.88 26.12
C ALA B 101 -5.51 -17.94 25.92
N GLU B 102 -6.45 -17.70 25.01
CA GLU B 102 -7.50 -18.68 24.77
C GLU B 102 -6.98 -19.93 24.05
N ASP B 103 -5.71 -19.96 23.67
CA ASP B 103 -5.17 -21.10 22.94
C ASP B 103 -4.67 -22.23 23.84
N VAL B 104 -4.76 -22.09 25.17
CA VAL B 104 -4.29 -23.16 26.06
C VAL B 104 -5.23 -24.36 25.94
N GLY B 105 -4.69 -25.55 26.22
CA GLY B 105 -5.41 -26.82 26.14
C GLY B 105 -4.45 -27.92 25.69
N VAL B 106 -5.02 -28.98 25.11
CA VAL B 106 -4.25 -30.12 24.64
C VAL B 106 -4.31 -30.17 23.12
N TYR B 107 -3.14 -30.16 22.49
CA TYR B 107 -3.01 -30.26 21.05
C TYR B 107 -2.66 -31.70 20.72
N TYR B 108 -3.25 -32.23 19.65
CA TYR B 108 -2.99 -33.59 19.21
C TYR B 108 -2.62 -33.60 17.73
N CYS B 109 -1.56 -34.28 17.40
CA CYS B 109 -1.30 -34.58 16.00
C CYS B 109 -1.74 -36.02 15.78
N MET B 110 -2.51 -36.23 14.73
CA MET B 110 -3.10 -37.53 14.48
C MET B 110 -2.80 -37.93 13.07
N GLN B 111 -2.14 -39.07 12.92
CA GLN B 111 -1.93 -39.65 11.59
C GLN B 111 -3.22 -40.26 11.11
N SER B 112 -3.38 -40.26 9.80
CA SER B 112 -4.51 -40.89 9.11
C SER B 112 -4.08 -41.89 8.06
N LEU B 113 -2.80 -42.27 8.03
CA LEU B 113 -2.36 -43.32 7.13
C LEU B 113 -2.99 -44.65 7.49
N GLN B 114 -3.09 -44.93 8.78
CA GLN B 114 -3.58 -46.21 9.27
C GLN B 114 -4.78 -45.97 10.18
N THR B 115 -5.90 -46.63 9.87
CA THR B 115 -7.14 -46.42 10.59
C THR B 115 -7.69 -47.78 11.02
N PRO B 116 -8.50 -47.83 12.09
CA PRO B 116 -8.84 -46.67 12.90
C PRO B 116 -7.73 -46.27 13.85
N ARG B 117 -7.79 -45.02 14.30
CA ARG B 117 -6.98 -44.53 15.42
C ARG B 117 -7.70 -44.91 16.70
N LEU B 118 -7.09 -45.75 17.54
CA LEU B 118 -7.78 -46.21 18.75
C LEU B 118 -7.75 -45.17 19.85
N THR B 119 -6.74 -44.32 19.84
CA THR B 119 -6.56 -43.32 20.86
C THR B 119 -6.04 -42.05 20.20
N PHE B 120 -6.31 -40.90 20.84
CA PHE B 120 -5.62 -39.68 20.46
C PHE B 120 -4.26 -39.53 21.11
N GLY B 121 -3.88 -40.38 22.07
CA GLY B 121 -2.60 -40.26 22.71
C GLY B 121 -2.62 -39.18 23.77
N PRO B 122 -1.46 -38.94 24.39
CA PRO B 122 -1.39 -37.94 25.47
C PRO B 122 -1.41 -36.51 25.00
N GLY B 123 -1.07 -36.25 23.73
CA GLY B 123 -1.11 -34.91 23.17
C GLY B 123 -0.10 -33.98 23.83
N THR B 124 -0.11 -32.71 23.48
CA THR B 124 0.79 -31.72 24.03
C THR B 124 -0.03 -30.75 24.87
N LYS B 125 0.27 -30.73 26.17
CA LYS B 125 -0.41 -29.82 27.10
C LYS B 125 0.22 -28.44 27.03
N VAL B 126 -0.54 -27.49 26.51
CA VAL B 126 -0.12 -26.11 26.36
C VAL B 126 -0.74 -25.31 27.50
N ASP B 127 0.10 -24.54 28.20
CA ASP B 127 -0.36 -23.69 29.29
C ASP B 127 0.44 -22.39 29.27
N ILE B 128 0.14 -21.52 30.23
CA ILE B 128 0.75 -20.18 30.24
C ILE B 128 2.13 -20.26 30.85
N LYS B 129 3.11 -19.76 30.11
CA LYS B 129 4.48 -19.60 30.60
C LYS B 129 4.51 -18.69 31.83
N ARG B 130 5.26 -19.09 32.83
CA ARG B 130 5.59 -18.21 33.94
C ARG B 130 6.87 -18.73 34.55
N THR B 131 7.39 -17.98 35.52
CA THR B 131 8.61 -18.40 36.19
C THR B 131 8.32 -19.61 37.06
N VAL B 132 9.26 -20.54 37.10
CA VAL B 132 9.12 -21.70 37.96
C VAL B 132 8.77 -21.22 39.36
N ALA B 133 8.04 -22.07 40.10
CA ALA B 133 7.61 -21.75 41.45
C ALA B 133 7.53 -23.08 42.19
N ALA B 134 7.99 -23.08 43.42
CA ALA B 134 7.95 -24.35 44.12
C ALA B 134 6.65 -24.49 44.91
N PRO B 135 6.24 -25.73 45.16
CA PRO B 135 5.01 -25.95 45.94
C PRO B 135 5.23 -25.60 47.40
N SER B 136 4.37 -24.74 47.92
CA SER B 136 4.26 -24.49 49.35
C SER B 136 3.48 -25.62 49.99
N VAL B 137 4.18 -26.58 50.61
CA VAL B 137 3.58 -27.82 51.09
C VAL B 137 2.95 -27.64 52.47
N PHE B 138 1.86 -28.38 52.71
CA PHE B 138 1.16 -28.40 53.99
C PHE B 138 0.66 -29.81 54.24
N ILE B 139 0.68 -30.22 55.52
CA ILE B 139 0.09 -31.48 55.95
C ILE B 139 -0.99 -31.15 56.97
N PHE B 140 -2.13 -31.80 56.81
CA PHE B 140 -3.25 -31.69 57.73
C PHE B 140 -3.54 -33.06 58.30
N PRO B 141 -3.91 -33.16 59.58
CA PRO B 141 -4.17 -34.46 60.16
C PRO B 141 -5.66 -34.75 60.16
N PRO B 142 -6.05 -36.01 60.37
CA PRO B 142 -7.47 -36.33 60.44
C PRO B 142 -8.15 -35.59 61.59
N SER B 143 -9.39 -35.15 61.35
CA SER B 143 -10.11 -34.46 62.40
C SER B 143 -10.60 -35.47 63.44
N ASP B 144 -11.04 -34.95 64.59
CA ASP B 144 -11.58 -35.84 65.62
C ASP B 144 -13.01 -36.24 65.30
N GLU B 145 -13.78 -35.36 64.67
CA GLU B 145 -15.13 -35.71 64.23
C GLU B 145 -15.11 -36.90 63.28
N GLN B 146 -14.06 -37.00 62.46
CA GLN B 146 -13.93 -38.10 61.51
C GLN B 146 -13.45 -39.38 62.19
N LEU B 147 -12.48 -39.26 63.10
CA LEU B 147 -12.01 -40.43 63.82
C LEU B 147 -13.12 -41.09 64.60
N LYS B 148 -14.06 -40.30 65.13
CA LYS B 148 -15.22 -40.88 65.79
C LYS B 148 -16.01 -41.79 64.85
N SER B 149 -15.96 -41.51 63.54
CA SER B 149 -16.68 -42.33 62.56
C SER B 149 -16.06 -43.72 62.46
N GLY B 150 -14.79 -43.79 62.05
CA GLY B 150 -14.09 -45.06 61.98
C GLY B 150 -13.03 -45.11 60.91
N THR B 151 -12.73 -43.95 60.33
CA THR B 151 -11.81 -43.85 59.21
C THR B 151 -10.98 -42.57 59.38
N ALA B 152 -9.80 -42.55 58.78
CA ALA B 152 -8.86 -41.46 58.97
C ALA B 152 -8.40 -40.93 57.61
N SER B 153 -8.61 -39.64 57.38
CA SER B 153 -8.16 -38.95 56.18
C SER B 153 -7.10 -37.92 56.56
N VAL B 154 -5.89 -38.10 56.03
CA VAL B 154 -4.80 -37.15 56.21
C VAL B 154 -4.42 -36.57 54.84
N VAL B 155 -4.37 -35.24 54.76
CA VAL B 155 -4.22 -34.51 53.51
C VAL B 155 -2.83 -33.87 53.46
N CYS B 156 -2.20 -33.90 52.28
CA CYS B 156 -0.95 -33.19 52.01
C CYS B 156 -1.17 -32.28 50.80
N LEU B 157 -1.03 -30.98 51.00
CA LEU B 157 -1.33 -29.98 49.98
C LEU B 157 -0.05 -29.38 49.41
N LEU B 158 0.03 -29.33 48.08
CA LEU B 158 1.12 -28.67 47.35
C LEU B 158 0.50 -27.49 46.60
N ASN B 159 0.66 -26.27 47.15
CA ASN B 159 -0.02 -25.08 46.66
C ASN B 159 0.87 -24.20 45.78
N ASN B 160 0.29 -23.68 44.70
CA ASN B 160 0.90 -22.71 43.79
C ASN B 160 2.32 -23.05 43.35
N PHE B 161 2.45 -24.02 42.44
CA PHE B 161 3.73 -24.38 41.84
C PHE B 161 3.63 -24.27 40.32
N TYR B 162 4.77 -24.44 39.66
CA TYR B 162 4.80 -24.42 38.21
C TYR B 162 6.13 -25.00 37.70
N PRO B 163 6.07 -25.81 36.63
CA PRO B 163 4.89 -26.31 35.91
C PRO B 163 4.27 -27.46 36.67
N ARG B 164 3.28 -28.12 36.08
CA ARG B 164 2.73 -29.33 36.69
C ARG B 164 3.84 -30.36 36.85
N GLY B 165 3.55 -31.40 37.61
CA GLY B 165 4.48 -32.48 37.79
C GLY B 165 5.03 -32.63 39.18
N ALA B 166 4.39 -32.05 40.18
CA ALA B 166 4.78 -32.24 41.57
C ALA B 166 4.33 -33.62 42.04
N LYS B 167 5.28 -34.41 42.55
CA LYS B 167 5.01 -35.77 43.02
C LYS B 167 4.98 -35.82 44.55
N VAL B 168 4.23 -36.76 45.09
CA VAL B 168 4.10 -36.94 46.53
C VAL B 168 4.24 -38.41 46.88
N GLN B 169 4.96 -38.69 47.97
CA GLN B 169 5.06 -40.02 48.56
C GLN B 169 4.69 -39.93 50.03
N TRP B 170 4.11 -41.01 50.56
CA TRP B 170 3.75 -41.07 51.96
C TRP B 170 4.53 -42.16 52.68
N LYS B 171 4.74 -41.94 54.00
CA LYS B 171 5.47 -42.88 54.87
C LYS B 171 4.82 -42.83 56.27
N VAL B 172 3.81 -43.68 56.47
CA VAL B 172 3.16 -43.83 57.77
C VAL B 172 3.97 -44.78 58.67
N GLN B 177 4.20 -45.86 51.58
CA GLN B 177 2.89 -46.47 51.38
C GLN B 177 2.46 -46.50 49.92
N SER B 178 1.50 -47.37 49.61
CA SER B 178 1.01 -47.53 48.25
C SER B 178 -0.43 -48.04 48.28
N GLY B 179 -1.18 -47.63 47.25
CA GLY B 179 -2.53 -48.14 47.06
C GLY B 179 -3.55 -47.64 48.05
N ASN B 180 -3.24 -46.58 48.81
CA ASN B 180 -4.20 -46.00 49.73
C ASN B 180 -4.15 -44.48 49.71
N SER B 181 -3.68 -43.88 48.60
CA SER B 181 -3.70 -42.44 48.40
C SER B 181 -4.40 -42.09 47.09
N GLN B 182 -5.04 -40.91 47.08
CA GLN B 182 -5.60 -40.33 45.87
C GLN B 182 -5.25 -38.86 45.78
N GLU B 183 -4.92 -38.42 44.57
CA GLU B 183 -4.47 -37.06 44.29
C GLU B 183 -5.41 -36.38 43.29
N SER B 184 -5.41 -35.06 43.34
CA SER B 184 -6.23 -34.21 42.48
C SER B 184 -5.45 -32.93 42.19
N VAL B 185 -5.68 -32.35 41.01
CA VAL B 185 -4.99 -31.14 40.59
C VAL B 185 -6.00 -30.16 40.02
N THR B 186 -5.79 -28.87 40.30
CA THR B 186 -6.55 -27.77 39.73
C THR B 186 -6.11 -27.51 38.29
N GLU B 187 -6.90 -26.71 37.60
CA GLU B 187 -6.47 -26.09 36.34
C GLU B 187 -5.56 -24.88 36.63
N GLN B 188 -4.79 -24.48 35.63
CA GLN B 188 -3.87 -23.34 35.77
C GLN B 188 -4.64 -22.10 36.22
N ASP B 189 -4.17 -21.46 37.29
CA ASP B 189 -4.88 -20.32 37.85
C ASP B 189 -4.90 -19.15 36.85
N SER B 190 -6.08 -18.51 36.77
CA SER B 190 -6.25 -17.38 35.86
C SER B 190 -5.41 -16.17 36.25
N LYS B 191 -4.99 -16.08 37.51
CA LYS B 191 -4.23 -14.91 37.96
C LYS B 191 -2.73 -15.17 37.93
N ASP B 192 -2.25 -16.01 38.83
CA ASP B 192 -0.82 -16.28 38.99
C ASP B 192 -0.28 -17.37 38.07
N SER B 193 -1.16 -18.07 37.33
CA SER B 193 -0.77 -19.08 36.36
C SER B 193 -0.08 -20.29 37.01
N THR B 194 -0.47 -20.67 38.21
CA THR B 194 0.12 -21.84 38.84
C THR B 194 -0.93 -22.91 39.04
N TYR B 195 -0.46 -24.07 39.47
CA TYR B 195 -1.29 -25.20 39.77
C TYR B 195 -1.23 -25.49 41.27
N SER B 196 -2.23 -26.23 41.75
CA SER B 196 -2.19 -26.78 43.10
C SER B 196 -2.64 -28.22 43.05
N LEU B 197 -2.20 -28.99 44.05
CA LEU B 197 -2.45 -30.42 44.12
C LEU B 197 -2.81 -30.80 45.55
N SER B 198 -3.69 -31.78 45.67
CA SER B 198 -4.06 -32.37 46.96
C SER B 198 -3.93 -33.88 46.86
N SER B 199 -3.20 -34.48 47.79
CA SER B 199 -3.16 -35.91 47.98
C SER B 199 -3.86 -36.23 49.28
N THR B 200 -4.41 -37.44 49.36
CA THR B 200 -5.27 -37.81 50.47
C THR B 200 -5.05 -39.27 50.78
N LEU B 201 -4.36 -39.52 51.89
CA LEU B 201 -4.06 -40.88 52.35
C LEU B 201 -5.19 -41.34 53.25
N THR B 202 -5.66 -42.57 53.04
CA THR B 202 -6.87 -43.06 53.69
C THR B 202 -6.57 -44.41 54.32
N LEU B 203 -6.71 -44.48 55.65
CA LEU B 203 -6.60 -45.74 56.36
C LEU B 203 -7.68 -45.77 57.43
N SER B 204 -7.94 -46.96 57.96
CA SER B 204 -8.93 -47.10 59.02
C SER B 204 -8.37 -46.56 60.32
N LYS B 205 -9.28 -46.16 61.23
CA LYS B 205 -8.83 -45.67 62.53
C LYS B 205 -7.92 -46.70 63.19
N ALA B 206 -8.19 -47.98 63.01
CA ALA B 206 -7.30 -49.05 63.48
C ALA B 206 -5.88 -48.84 62.96
N ASP B 207 -5.67 -49.08 61.66
CA ASP B 207 -4.35 -48.93 61.05
C ASP B 207 -3.73 -47.56 61.28
N TYR B 208 -4.53 -46.58 61.70
CA TYR B 208 -3.99 -45.24 61.93
C TYR B 208 -3.36 -45.14 63.31
N GLU B 209 -4.07 -45.59 64.35
CA GLU B 209 -3.49 -45.63 65.70
C GLU B 209 -2.22 -46.46 65.74
N LYS B 210 -2.14 -47.51 64.92
CA LYS B 210 -1.01 -48.44 64.90
C LYS B 210 0.29 -47.82 64.40
N HIS B 211 0.33 -46.50 64.25
CA HIS B 211 1.54 -45.81 63.83
C HIS B 211 1.55 -44.40 64.39
N LYS B 212 2.72 -43.78 64.35
CA LYS B 212 2.93 -42.48 64.98
C LYS B 212 4.11 -41.76 64.33
N ALA B 215 3.65 -38.74 57.55
CA ALA B 215 4.29 -37.68 56.75
C ALA B 215 4.25 -37.91 55.22
N CYS B 216 4.51 -36.83 54.45
CA CYS B 216 4.44 -36.84 52.98
C CYS B 216 5.66 -36.19 52.36
N GLU B 217 6.32 -36.90 51.44
CA GLU B 217 7.53 -36.43 50.78
C GLU B 217 7.19 -35.94 49.39
N VAL B 218 7.47 -34.66 49.15
CA VAL B 218 7.21 -34.00 47.88
C VAL B 218 8.47 -33.98 47.05
N THR B 219 8.29 -33.92 45.74
CA THR B 219 9.36 -33.60 44.83
C THR B 219 8.80 -32.59 43.83
N HIS B 220 9.69 -31.86 43.18
CA HIS B 220 9.29 -30.90 42.15
C HIS B 220 10.51 -30.20 41.61
N GLN B 221 10.51 -29.85 40.32
CA GLN B 221 11.71 -29.24 39.75
C GLN B 221 12.02 -27.89 40.39
N GLY B 222 11.01 -27.14 40.83
CA GLY B 222 11.24 -25.86 41.49
C GLY B 222 11.81 -25.94 42.88
N LEU B 223 12.00 -27.15 43.42
CA LEU B 223 12.59 -27.37 44.73
C LEU B 223 14.05 -27.77 44.58
N SER B 224 14.88 -27.29 45.51
CA SER B 224 16.28 -27.68 45.52
C SER B 224 16.43 -29.18 45.79
N SER B 225 15.66 -29.72 46.72
CA SER B 225 15.69 -31.14 47.05
C SER B 225 14.35 -31.51 47.63
N PRO B 226 14.05 -32.82 47.73
CA PRO B 226 12.75 -33.23 48.29
C PRO B 226 12.38 -32.55 49.60
N VAL B 227 11.10 -32.64 49.95
CA VAL B 227 10.51 -31.90 51.06
C VAL B 227 9.49 -32.78 51.75
N THR B 228 9.60 -32.89 53.08
CA THR B 228 8.73 -33.72 53.89
C THR B 228 7.96 -32.86 54.87
N LYS B 229 6.77 -33.32 55.26
CA LYS B 229 5.97 -32.67 56.30
C LYS B 229 5.25 -33.76 57.09
N SER B 230 5.53 -33.82 58.40
CA SER B 230 5.02 -34.86 59.26
C SER B 230 4.05 -34.29 60.28
N PHE B 231 3.27 -35.19 60.86
CA PHE B 231 2.31 -34.81 61.89
C PHE B 231 3.00 -34.03 63.00
N GLU C 3 -26.18 -22.91 10.27
CA GLU C 3 -24.85 -23.37 10.67
C GLU C 3 -24.90 -24.82 11.16
N VAL C 4 -23.73 -25.45 11.13
CA VAL C 4 -23.61 -26.86 11.48
C VAL C 4 -23.82 -27.00 12.97
N GLN C 5 -24.67 -27.95 13.35
CA GLN C 5 -24.85 -28.27 14.75
C GLN C 5 -24.95 -29.76 14.95
N LEU C 6 -24.38 -30.24 16.05
CA LEU C 6 -24.49 -31.62 16.49
C LEU C 6 -24.99 -31.56 17.92
N VAL C 7 -26.25 -31.86 18.16
CA VAL C 7 -26.85 -31.74 19.49
C VAL C 7 -27.02 -33.13 20.08
N GLN C 8 -26.34 -33.36 21.18
CA GLN C 8 -26.27 -34.66 21.84
C GLN C 8 -27.24 -34.70 23.01
N SER C 9 -27.84 -35.87 23.23
CA SER C 9 -28.70 -36.08 24.38
C SER C 9 -28.70 -37.56 24.73
N GLY C 10 -29.26 -37.87 25.90
CA GLY C 10 -29.66 -39.21 26.25
C GLY C 10 -28.80 -39.94 27.27
N GLY C 11 -27.90 -39.25 27.95
CA GLY C 11 -27.00 -39.97 28.84
C GLY C 11 -27.45 -39.91 30.29
N GLY C 12 -26.51 -39.71 31.19
CA GLY C 12 -26.80 -39.62 32.62
C GLY C 12 -26.34 -40.83 33.39
N LEU C 13 -27.03 -41.05 34.52
CA LEU C 13 -26.65 -42.08 35.49
C LEU C 13 -27.29 -43.42 35.13
N VAL C 14 -26.52 -44.49 35.20
CA VAL C 14 -27.05 -45.80 34.87
C VAL C 14 -26.32 -46.83 35.70
N GLN C 15 -27.00 -47.94 35.99
CA GLN C 15 -26.40 -49.00 36.77
C GLN C 15 -25.64 -49.98 35.89
N PRO C 16 -24.64 -50.66 36.47
CA PRO C 16 -23.92 -51.69 35.71
C PRO C 16 -24.88 -52.75 35.21
N GLY C 17 -24.62 -53.27 34.00
CA GLY C 17 -25.50 -54.23 33.37
C GLY C 17 -26.65 -53.63 32.58
N ARG C 18 -26.99 -52.37 32.83
CA ARG C 18 -28.13 -51.78 32.13
C ARG C 18 -27.68 -51.11 30.82
N SER C 19 -28.66 -50.50 30.15
CA SER C 19 -28.58 -50.01 28.78
C SER C 19 -28.86 -48.52 28.77
N LEU C 20 -28.29 -47.83 27.78
CA LEU C 20 -28.63 -46.44 27.46
C LEU C 20 -28.46 -46.27 25.96
N ARG C 21 -29.25 -45.38 25.38
CA ARG C 21 -29.08 -45.02 23.98
C ARG C 21 -28.75 -43.54 23.93
N LEU C 22 -27.59 -43.21 23.37
CA LEU C 22 -27.26 -41.81 23.15
C LEU C 22 -27.64 -41.42 21.72
N SER C 23 -28.01 -40.16 21.55
CA SER C 23 -28.38 -39.65 20.25
C SER C 23 -27.53 -38.41 19.96
N CYS C 24 -27.32 -38.19 18.69
CA CYS C 24 -26.67 -36.98 18.20
C CYS C 24 -27.53 -36.47 17.05
N THR C 25 -28.15 -35.30 17.22
CA THR C 25 -29.11 -34.78 16.24
C THR C 25 -28.42 -33.70 15.44
N ALA C 26 -28.29 -33.91 14.14
CA ALA C 26 -27.50 -33.00 13.34
C ALA C 26 -28.41 -32.00 12.64
N SER C 27 -27.87 -30.81 12.36
CA SER C 27 -28.57 -29.76 11.64
C SER C 27 -27.56 -28.94 10.83
N GLY C 28 -28.00 -28.36 9.72
CA GLY C 28 -27.16 -27.42 8.99
C GLY C 28 -26.18 -28.04 8.01
N PHE C 29 -26.32 -29.32 7.70
CA PHE C 29 -25.49 -29.95 6.66
C PHE C 29 -26.24 -31.19 6.24
N THR C 30 -25.74 -31.87 5.22
CA THR C 30 -26.41 -33.07 4.73
C THR C 30 -25.85 -34.27 5.51
N PHE C 31 -26.57 -34.64 6.57
CA PHE C 31 -26.10 -35.66 7.48
C PHE C 31 -25.79 -36.95 6.73
N GLY C 32 -26.67 -37.30 5.81
CA GLY C 32 -26.57 -38.55 5.09
C GLY C 32 -25.31 -38.73 4.25
N ASP C 33 -24.58 -37.63 3.97
CA ASP C 33 -23.33 -37.71 3.23
C ASP C 33 -22.11 -38.05 4.11
N TYR C 34 -22.23 -38.00 5.42
CA TYR C 34 -21.09 -38.19 6.32
C TYR C 34 -21.14 -39.50 7.08
N ALA C 35 -19.99 -40.14 7.17
CA ALA C 35 -19.73 -41.05 8.27
C ALA C 35 -19.82 -40.29 9.59
N MET C 36 -20.25 -40.99 10.64
CA MET C 36 -20.35 -40.38 11.97
C MET C 36 -19.64 -41.27 12.97
N SER C 37 -18.91 -40.64 13.88
CA SER C 37 -18.09 -41.38 14.85
C SER C 37 -18.47 -40.99 16.27
N TRP C 38 -18.20 -41.94 17.17
CA TRP C 38 -18.29 -41.72 18.60
C TRP C 38 -16.91 -41.86 19.21
N VAL C 39 -16.58 -40.93 20.09
CA VAL C 39 -15.31 -40.89 20.82
C VAL C 39 -15.60 -40.58 22.27
N ARG C 40 -14.91 -41.23 23.20
CA ARG C 40 -15.23 -41.00 24.61
C ARG C 40 -13.99 -40.63 25.39
N GLN C 41 -14.23 -40.01 26.55
CA GLN C 41 -13.16 -39.47 27.40
C GLN C 41 -13.50 -39.76 28.86
N ALA C 42 -12.84 -40.74 29.45
CA ALA C 42 -13.06 -41.02 30.86
C ALA C 42 -12.56 -39.84 31.68
N PRO C 43 -13.11 -39.60 32.88
CA PRO C 43 -12.80 -38.36 33.61
C PRO C 43 -11.30 -38.23 33.83
N GLY C 44 -10.74 -37.12 33.38
CA GLY C 44 -9.32 -36.85 33.50
C GLY C 44 -8.42 -37.68 32.62
N LYS C 45 -8.95 -38.34 31.60
CA LYS C 45 -8.11 -39.17 30.74
C LYS C 45 -8.17 -38.71 29.28
N GLY C 46 -7.59 -39.52 28.40
CA GLY C 46 -7.47 -39.18 27.00
C GLY C 46 -8.74 -39.54 26.24
N LEU C 47 -8.69 -39.28 24.93
CA LEU C 47 -9.82 -39.52 24.06
C LEU C 47 -9.64 -40.89 23.44
N GLU C 48 -10.66 -41.73 23.57
CA GLU C 48 -10.65 -43.11 23.06
C GLU C 48 -11.75 -43.26 22.01
N TRP C 49 -11.38 -43.80 20.84
CA TRP C 49 -12.34 -44.06 19.77
C TRP C 49 -13.28 -45.20 20.15
N VAL C 50 -14.58 -44.96 20.00
CA VAL C 50 -15.58 -45.98 20.36
C VAL C 50 -16.04 -46.76 19.15
N GLY C 51 -16.37 -46.06 18.07
CA GLY C 51 -16.84 -46.72 16.87
C GLY C 51 -17.25 -45.66 15.87
N PHE C 52 -17.67 -46.15 14.71
CA PHE C 52 -18.21 -45.20 13.72
C PHE C 52 -19.10 -45.95 12.76
N ILE C 53 -19.94 -45.18 12.08
CA ILE C 53 -20.82 -45.68 11.03
C ILE C 53 -20.59 -44.91 9.75
N ARG C 54 -20.51 -45.65 8.65
CA ARG C 54 -20.31 -45.08 7.34
C ARG C 54 -21.62 -44.53 6.81
N SER C 55 -21.49 -43.61 5.86
CA SER C 55 -22.66 -43.15 5.13
C SER C 55 -23.17 -44.24 4.22
N LYS C 56 -24.41 -44.08 3.78
CA LYS C 56 -24.97 -44.99 2.81
C LYS C 56 -24.13 -45.06 1.55
N ALA C 57 -23.50 -43.96 1.14
CA ALA C 57 -22.68 -43.98 -0.06
C ALA C 57 -21.53 -44.99 0.01
N TYR C 58 -21.14 -45.44 1.21
CA TYR C 58 -20.00 -46.35 1.40
C TYR C 58 -20.45 -47.64 2.09
N GLY C 59 -21.74 -47.88 2.15
CA GLY C 59 -22.29 -49.15 2.67
C GLY C 59 -22.97 -49.09 4.00
N GLY C 60 -22.91 -47.98 4.74
CA GLY C 60 -23.71 -47.90 5.97
C GLY C 60 -23.25 -48.77 7.12
N THR C 61 -22.10 -49.41 7.01
CA THR C 61 -21.61 -50.35 8.01
C THR C 61 -20.84 -49.66 9.14
N THR C 62 -20.59 -50.42 10.19
CA THR C 62 -19.98 -49.93 11.42
C THR C 62 -18.69 -50.63 11.74
N GLU C 63 -17.90 -49.98 12.59
CA GLU C 63 -16.74 -50.58 13.21
C GLU C 63 -16.72 -50.10 14.66
N TYR C 64 -16.07 -50.88 15.53
CA TYR C 64 -16.11 -50.71 16.99
C TYR C 64 -14.76 -51.03 17.58
N ALA C 65 -14.40 -50.28 18.63
CA ALA C 65 -13.26 -50.63 19.48
C ALA C 65 -13.49 -51.98 20.13
N ALA C 66 -12.41 -52.76 20.27
CA ALA C 66 -12.53 -54.10 20.86
C ALA C 66 -13.13 -54.06 22.25
N SER C 67 -12.92 -52.98 23.03
CA SER C 67 -13.47 -52.92 24.39
C SER C 67 -15.00 -52.79 24.43
N VAL C 68 -15.65 -52.37 23.35
CA VAL C 68 -17.09 -52.21 23.35
C VAL C 68 -17.77 -53.14 22.39
N LYS C 69 -17.01 -53.84 21.57
CA LYS C 69 -17.59 -54.71 20.57
C LYS C 69 -18.44 -55.76 21.27
N GLY C 70 -19.61 -56.02 20.71
CA GLY C 70 -20.55 -56.94 21.32
C GLY C 70 -21.36 -56.38 22.48
N ARG C 71 -21.13 -55.14 22.88
CA ARG C 71 -21.99 -54.48 23.86
C ARG C 71 -22.61 -53.21 23.30
N PHE C 72 -21.90 -52.49 22.45
CA PHE C 72 -22.34 -51.22 21.90
C PHE C 72 -22.64 -51.38 20.42
N THR C 73 -23.64 -50.66 19.92
CA THR C 73 -23.90 -50.64 18.50
C THR C 73 -24.26 -49.23 18.09
N ILE C 74 -23.87 -48.88 16.86
CA ILE C 74 -24.10 -47.56 16.30
C ILE C 74 -25.13 -47.74 15.20
N SER C 75 -26.06 -46.81 15.11
CA SER C 75 -27.00 -46.79 13.99
C SER C 75 -27.25 -45.35 13.62
N ARG C 76 -27.98 -45.15 12.53
CA ARG C 76 -28.27 -43.80 12.05
C ARG C 76 -29.65 -43.77 11.44
N ASP C 77 -30.28 -42.60 11.48
CA ASP C 77 -31.58 -42.36 10.86
C ASP C 77 -31.40 -41.16 9.96
N ASP C 78 -31.28 -41.38 8.65
CA ASP C 78 -30.96 -40.25 7.77
C ASP C 78 -32.14 -39.35 7.52
N SER C 79 -33.35 -39.83 7.80
CA SER C 79 -34.54 -38.98 7.67
C SER C 79 -34.61 -37.96 8.80
N LYS C 80 -34.29 -38.34 10.02
CA LYS C 80 -34.26 -37.41 11.13
C LYS C 80 -32.89 -36.81 11.34
N SER C 81 -31.87 -37.27 10.64
CA SER C 81 -30.52 -36.73 10.83
C SER C 81 -30.05 -37.00 12.25
N ILE C 82 -30.14 -38.27 12.70
CA ILE C 82 -29.70 -38.67 14.02
C ILE C 82 -28.74 -39.85 13.90
N ALA C 83 -27.64 -39.78 14.65
CA ALA C 83 -26.79 -40.92 14.90
C ALA C 83 -27.00 -41.38 16.33
N TYR C 84 -27.03 -42.69 16.54
CA TYR C 84 -27.27 -43.29 17.83
C TYR C 84 -26.09 -44.14 18.26
N LEU C 85 -25.86 -44.18 19.56
CA LEU C 85 -24.96 -45.12 20.20
C LEU C 85 -25.82 -45.89 21.18
N GLN C 86 -26.08 -47.16 20.88
CA GLN C 86 -26.82 -48.04 21.77
C GLN C 86 -25.81 -48.73 22.67
N MET C 87 -25.91 -48.52 23.97
CA MET C 87 -24.96 -49.14 24.91
C MET C 87 -25.63 -50.14 25.83
N ASN C 88 -25.26 -51.41 25.68
CA ASN C 88 -25.80 -52.47 26.51
C ASN C 88 -24.72 -52.98 27.45
N SER C 89 -25.15 -53.67 28.49
CA SER C 89 -24.24 -54.35 29.41
C SER C 89 -23.17 -53.40 29.93
N LEU C 90 -23.61 -52.21 30.32
CA LEU C 90 -22.68 -51.15 30.68
C LEU C 90 -21.87 -51.52 31.90
N LYS C 91 -20.63 -51.02 31.92
CA LYS C 91 -19.68 -51.32 32.98
C LYS C 91 -19.17 -50.00 33.54
N THR C 92 -18.67 -50.06 34.78
CA THR C 92 -18.21 -48.83 35.43
C THR C 92 -17.12 -48.15 34.61
N GLU C 93 -16.23 -48.93 34.01
CA GLU C 93 -15.18 -48.25 33.23
C GLU C 93 -15.71 -47.62 31.95
N ASP C 94 -16.99 -47.80 31.60
CA ASP C 94 -17.57 -47.07 30.49
C ASP C 94 -17.90 -45.64 30.88
N THR C 95 -17.70 -45.30 32.16
CA THR C 95 -18.01 -43.95 32.61
C THR C 95 -17.18 -42.94 31.82
N ALA C 96 -17.84 -41.94 31.23
CA ALA C 96 -17.11 -41.07 30.32
C ALA C 96 -18.04 -40.01 29.78
N VAL C 97 -17.41 -38.97 29.22
CA VAL C 97 -18.10 -38.06 28.30
C VAL C 97 -17.99 -38.67 26.91
N TYR C 98 -19.12 -38.77 26.21
CA TYR C 98 -19.20 -39.40 24.89
C TYR C 98 -19.45 -38.28 23.90
N TYR C 99 -18.55 -38.15 22.93
CA TYR C 99 -18.67 -37.17 21.88
C TYR C 99 -19.09 -37.86 20.60
N CYS C 100 -20.00 -37.22 19.91
CA CYS C 100 -20.32 -37.58 18.56
C CYS C 100 -19.54 -36.61 17.66
N THR C 101 -19.02 -37.12 16.56
CA THR C 101 -18.32 -36.24 15.63
C THR C 101 -18.64 -36.62 14.21
N ARG C 102 -18.67 -35.60 13.35
CA ARG C 102 -18.88 -35.76 11.94
C ARG C 102 -17.57 -36.26 11.32
N GLY C 103 -17.64 -37.28 10.50
CA GLY C 103 -16.47 -37.79 9.80
C GLY C 103 -16.01 -39.10 10.41
N GLY C 104 -15.50 -39.99 9.56
CA GLY C 104 -14.89 -41.22 10.02
C GLY C 104 -13.37 -41.20 10.15
N THR C 105 -12.73 -40.32 9.38
CA THR C 105 -11.29 -40.12 9.42
C THR C 105 -10.92 -38.70 9.83
N LEU C 106 -11.51 -37.72 9.18
CA LEU C 106 -11.38 -36.32 9.54
C LEU C 106 -12.55 -35.90 10.43
N PHE C 107 -12.25 -35.55 11.68
CA PHE C 107 -13.29 -35.23 12.65
C PHE C 107 -13.48 -33.70 12.70
N ASP C 108 -14.19 -33.17 11.70
CA ASP C 108 -14.18 -31.74 11.47
C ASP C 108 -15.29 -31.01 12.20
N TYR C 109 -16.19 -31.72 12.87
CA TYR C 109 -17.14 -31.01 13.72
C TYR C 109 -17.63 -31.95 14.81
N TRP C 110 -17.66 -31.47 16.04
CA TRP C 110 -17.84 -32.30 17.21
C TRP C 110 -19.05 -31.84 17.98
N GLY C 111 -19.81 -32.80 18.52
CA GLY C 111 -20.88 -32.47 19.43
C GLY C 111 -20.34 -31.91 20.75
N GLN C 112 -21.26 -31.51 21.61
CA GLN C 112 -20.86 -30.93 22.89
C GLN C 112 -20.54 -31.98 23.95
N GLY C 113 -20.81 -33.26 23.70
CA GLY C 113 -20.49 -34.32 24.65
C GLY C 113 -21.66 -34.63 25.58
N THR C 114 -21.73 -35.89 25.99
CA THR C 114 -22.75 -36.41 26.89
C THR C 114 -22.08 -37.24 27.98
N LEU C 115 -22.29 -36.85 29.21
CA LEU C 115 -21.71 -37.60 30.30
C LEU C 115 -22.57 -38.81 30.58
N VAL C 116 -21.91 -39.96 30.69
CA VAL C 116 -22.50 -41.23 31.06
C VAL C 116 -21.73 -41.70 32.26
N THR C 117 -22.45 -41.91 33.36
CA THR C 117 -21.85 -42.41 34.60
C THR C 117 -22.48 -43.75 34.92
N VAL C 118 -21.66 -44.78 35.00
CA VAL C 118 -22.12 -46.11 35.32
C VAL C 118 -21.74 -46.38 36.77
N SER C 119 -22.74 -46.58 37.64
CA SER C 119 -22.49 -46.77 39.07
C SER C 119 -23.67 -47.46 39.71
N SER C 120 -23.41 -48.32 40.69
CA SER C 120 -24.49 -48.90 41.49
C SER C 120 -24.75 -48.12 42.78
N ALA C 121 -24.14 -46.94 42.95
CA ALA C 121 -24.21 -46.18 44.20
C ALA C 121 -25.55 -45.49 44.39
N SER C 122 -25.92 -45.31 45.66
CA SER C 122 -27.12 -44.59 46.06
C SER C 122 -26.81 -43.14 46.38
N THR C 123 -27.82 -42.28 46.25
CA THR C 123 -27.68 -40.87 46.60
C THR C 123 -27.29 -40.74 48.06
N LYS C 124 -26.27 -39.92 48.33
CA LYS C 124 -25.71 -39.83 49.67
C LYS C 124 -25.11 -38.45 49.89
N GLY C 125 -25.56 -37.80 50.95
CA GLY C 125 -25.08 -36.49 51.32
C GLY C 125 -23.67 -36.62 51.83
N PRO C 126 -22.88 -35.57 51.67
CA PRO C 126 -21.48 -35.64 52.08
C PRO C 126 -21.30 -35.46 53.58
N SER C 127 -20.09 -35.75 54.03
CA SER C 127 -19.60 -35.44 55.36
C SER C 127 -18.50 -34.41 55.23
N VAL C 128 -18.54 -33.36 56.05
CA VAL C 128 -17.53 -32.32 56.02
C VAL C 128 -16.65 -32.44 57.26
N PHE C 129 -15.36 -32.23 57.06
CA PHE C 129 -14.40 -32.36 58.11
C PHE C 129 -13.34 -31.28 57.90
N PRO C 130 -12.83 -30.70 58.99
CA PRO C 130 -11.91 -29.56 58.84
C PRO C 130 -10.47 -29.96 58.64
N LEU C 131 -9.76 -29.09 57.91
CA LEU C 131 -8.33 -29.19 57.70
C LEU C 131 -7.73 -27.95 58.37
N ALA C 132 -7.42 -28.07 59.65
CA ALA C 132 -6.98 -26.88 60.41
C ALA C 132 -5.45 -26.76 60.54
N PRO C 133 -4.92 -25.53 60.73
CA PRO C 133 -3.49 -25.27 60.88
C PRO C 133 -3.03 -25.49 62.33
N SER C 134 -1.81 -25.03 62.58
CA SER C 134 -1.16 -25.14 63.90
C SER C 134 -0.16 -24.01 64.16
N SER C 135 0.75 -23.77 63.22
CA SER C 135 1.82 -22.78 63.38
C SER C 135 1.45 -21.43 62.76
N ALA C 143 -0.13 -21.02 57.12
CA ALA C 143 -1.02 -19.98 56.60
C ALA C 143 -2.11 -20.58 55.69
N ALA C 144 -2.44 -21.87 55.88
CA ALA C 144 -3.31 -22.59 54.94
C ALA C 144 -4.26 -23.52 55.68
N LEU C 145 -5.55 -23.44 55.35
CA LEU C 145 -6.57 -24.33 55.91
C LEU C 145 -7.62 -24.66 54.85
N GLY C 146 -8.48 -25.60 55.18
CA GLY C 146 -9.51 -26.01 54.23
C GLY C 146 -10.55 -26.92 54.87
N CYS C 147 -11.43 -27.44 54.00
CA CYS C 147 -12.42 -28.44 54.34
C CYS C 147 -12.24 -29.68 53.46
N LEU C 148 -12.61 -30.83 54.01
CA LEU C 148 -12.63 -32.11 53.28
C LEU C 148 -14.09 -32.53 53.19
N VAL C 149 -14.59 -32.67 51.96
CA VAL C 149 -15.98 -33.01 51.72
C VAL C 149 -16.00 -34.43 51.19
N LYS C 150 -16.41 -35.38 52.03
CA LYS C 150 -16.13 -36.79 51.81
C LYS C 150 -17.40 -37.61 51.66
N ASP C 151 -17.37 -38.58 50.74
CA ASP C 151 -18.34 -39.67 50.68
C ASP C 151 -19.73 -39.24 50.23
N TYR C 152 -19.84 -38.65 49.03
CA TYR C 152 -21.13 -38.28 48.50
C TYR C 152 -21.37 -38.88 47.12
N PHE C 153 -22.64 -38.90 46.73
CA PHE C 153 -23.03 -39.37 45.42
C PHE C 153 -24.44 -38.86 45.10
N PRO C 154 -24.66 -38.40 43.87
CA PRO C 154 -23.69 -38.24 42.78
C PRO C 154 -23.01 -36.87 42.83
N GLU C 155 -22.16 -36.60 41.85
CA GLU C 155 -21.68 -35.25 41.67
C GLU C 155 -22.88 -34.39 41.31
N PRO C 156 -22.75 -33.06 41.43
CA PRO C 156 -21.66 -32.29 42.02
C PRO C 156 -21.92 -31.86 43.48
N VAL C 157 -20.89 -31.26 44.05
CA VAL C 157 -21.00 -30.54 45.32
C VAL C 157 -20.24 -29.24 45.15
N THR C 158 -20.87 -28.13 45.54
CA THR C 158 -20.25 -26.82 45.48
C THR C 158 -19.70 -26.41 46.84
N VAL C 159 -18.71 -25.52 46.81
CA VAL C 159 -18.01 -25.08 48.01
C VAL C 159 -17.70 -23.60 47.85
N SER C 160 -18.23 -22.78 48.76
CA SER C 160 -17.81 -21.40 48.96
C SER C 160 -17.15 -21.28 50.33
N TRP C 161 -16.54 -20.14 50.58
CA TRP C 161 -16.00 -19.82 51.89
C TRP C 161 -16.63 -18.52 52.35
N ASN C 162 -17.14 -18.51 53.59
CA ASN C 162 -17.77 -17.33 54.18
C ASN C 162 -18.87 -16.81 53.25
N SER C 163 -19.73 -17.72 52.82
CA SER C 163 -20.86 -17.41 51.97
C SER C 163 -20.44 -16.51 50.79
N GLY C 164 -19.34 -16.89 50.15
CA GLY C 164 -18.88 -16.22 48.95
C GLY C 164 -18.21 -14.88 49.16
N ALA C 165 -17.80 -14.58 50.40
CA ALA C 165 -17.08 -13.35 50.68
C ALA C 165 -15.59 -13.51 50.44
N LEU C 166 -15.05 -14.68 50.78
CA LEU C 166 -13.65 -14.99 50.57
C LEU C 166 -13.53 -15.83 49.29
N THR C 167 -12.79 -15.30 48.32
CA THR C 167 -12.42 -15.98 47.09
C THR C 167 -10.93 -16.06 46.90
N SER C 168 -10.20 -15.03 47.34
CA SER C 168 -8.78 -14.96 47.11
C SER C 168 -8.09 -16.11 47.82
N GLY C 169 -7.15 -16.75 47.13
CA GLY C 169 -6.39 -17.86 47.66
C GLY C 169 -7.13 -19.16 47.74
N VAL C 170 -8.40 -19.22 47.32
CA VAL C 170 -9.19 -20.44 47.38
C VAL C 170 -8.84 -21.36 46.22
N HIS C 171 -8.77 -22.65 46.51
CA HIS C 171 -8.61 -23.68 45.49
C HIS C 171 -9.56 -24.81 45.85
N THR C 172 -10.59 -24.99 45.03
CA THR C 172 -11.49 -26.13 45.17
C THR C 172 -11.11 -27.18 44.14
N PHE C 173 -10.82 -28.33 44.60
CA PHE C 173 -10.21 -29.38 43.79
C PHE C 173 -11.27 -30.22 43.06
N PRO C 174 -10.91 -30.76 41.89
CA PRO C 174 -11.78 -31.78 41.27
C PRO C 174 -12.07 -32.91 42.23
N ALA C 175 -13.32 -33.34 42.25
CA ALA C 175 -13.69 -34.55 42.98
C ALA C 175 -12.91 -35.75 42.49
N VAL C 176 -12.67 -36.68 43.39
CA VAL C 176 -12.08 -37.96 43.06
C VAL C 176 -13.09 -39.02 43.42
N LEU C 177 -13.09 -40.11 42.67
CA LEU C 177 -13.99 -41.22 42.89
C LEU C 177 -13.23 -42.27 43.68
N GLN C 178 -13.73 -42.61 44.87
CA GLN C 178 -13.08 -43.58 45.73
C GLN C 178 -13.50 -44.99 45.37
N SER C 179 -12.69 -45.96 45.81
CA SER C 179 -12.97 -47.38 45.59
C SER C 179 -14.36 -47.80 46.08
N SER C 180 -14.93 -47.05 47.02
CA SER C 180 -16.28 -47.32 47.51
C SER C 180 -17.39 -46.91 46.53
N GLY C 181 -17.08 -46.13 45.48
CA GLY C 181 -18.12 -45.60 44.61
C GLY C 181 -18.64 -44.24 45.01
N LEU C 182 -18.06 -43.62 46.03
CA LEU C 182 -18.48 -42.30 46.46
C LEU C 182 -17.38 -41.31 46.16
N TYR C 183 -17.80 -40.08 45.92
CA TYR C 183 -16.89 -39.01 45.56
C TYR C 183 -16.40 -38.29 46.80
N SER C 184 -15.32 -37.56 46.62
CA SER C 184 -14.75 -36.75 47.68
C SER C 184 -13.93 -35.67 47.01
N LEU C 185 -14.11 -34.43 47.44
CA LEU C 185 -13.20 -33.36 47.04
C LEU C 185 -12.72 -32.64 48.29
N SER C 186 -11.81 -31.70 48.09
CA SER C 186 -11.38 -30.84 49.19
C SER C 186 -11.20 -29.44 48.66
N SER C 187 -11.64 -28.45 49.45
CA SER C 187 -11.40 -27.05 49.19
C SER C 187 -10.40 -26.52 50.20
N VAL C 188 -9.56 -25.60 49.76
CA VAL C 188 -8.53 -25.01 50.60
C VAL C 188 -8.40 -23.54 50.22
N VAL C 189 -7.74 -22.80 51.11
CA VAL C 189 -7.48 -21.38 50.91
C VAL C 189 -6.30 -21.01 51.79
N THR C 190 -5.56 -20.00 51.39
CA THR C 190 -4.41 -19.52 52.15
C THR C 190 -4.70 -18.12 52.69
N VAL C 191 -4.43 -17.94 53.99
CA VAL C 191 -4.42 -16.66 54.71
C VAL C 191 -3.53 -16.85 55.94
N PRO C 192 -2.63 -15.92 56.30
CA PRO C 192 -1.97 -15.99 57.61
C PRO C 192 -2.76 -15.27 58.71
N SER C 193 -2.45 -15.66 59.95
CA SER C 193 -3.15 -15.21 61.18
C SER C 193 -4.67 -14.95 61.03
N THR C 200 -13.38 -17.08 62.16
CA THR C 200 -13.64 -16.15 61.06
C THR C 200 -13.46 -16.85 59.68
N TYR C 201 -13.43 -18.20 59.67
CA TYR C 201 -13.20 -18.98 58.46
C TYR C 201 -14.17 -20.17 58.40
N ILE C 202 -15.19 -20.07 57.52
CA ILE C 202 -16.15 -21.15 57.30
C ILE C 202 -16.20 -21.53 55.83
N CYS C 203 -16.30 -22.83 55.56
CA CYS C 203 -16.55 -23.34 54.21
C CYS C 203 -18.01 -23.76 54.12
N ASN C 204 -18.69 -23.33 53.06
CA ASN C 204 -20.09 -23.63 52.83
C ASN C 204 -20.23 -24.64 51.70
N VAL C 205 -20.72 -25.83 52.02
CA VAL C 205 -20.76 -26.98 51.13
C VAL C 205 -22.22 -27.27 50.78
N ASN C 206 -22.50 -27.42 49.48
CA ASN C 206 -23.87 -27.60 48.99
C ASN C 206 -23.93 -28.80 48.04
N HIS C 207 -24.77 -29.78 48.38
CA HIS C 207 -24.98 -30.98 47.57
C HIS C 207 -26.45 -31.13 47.23
N LYS C 208 -26.89 -30.49 46.14
CA LYS C 208 -28.31 -30.50 45.75
C LYS C 208 -28.91 -31.91 45.65
N PRO C 209 -28.28 -32.87 44.99
CA PRO C 209 -28.98 -34.15 44.75
C PRO C 209 -29.54 -34.80 45.99
N SER C 210 -28.94 -34.58 47.16
CA SER C 210 -29.48 -35.07 48.43
C SER C 210 -30.07 -33.97 49.28
N ASN C 211 -30.12 -32.74 48.78
CA ASN C 211 -30.69 -31.62 49.53
C ASN C 211 -29.97 -31.48 50.87
N THR C 212 -28.66 -31.31 50.78
CA THR C 212 -27.78 -31.27 51.94
C THR C 212 -26.96 -29.98 51.89
N LYS C 213 -26.99 -29.21 52.98
CA LYS C 213 -26.18 -28.02 53.10
C LYS C 213 -25.45 -28.07 54.43
N VAL C 214 -24.25 -27.51 54.46
CA VAL C 214 -23.37 -27.67 55.61
C VAL C 214 -22.40 -26.51 55.64
N ASP C 215 -22.21 -25.96 56.84
CA ASP C 215 -21.18 -24.97 57.09
C ASP C 215 -20.30 -25.49 58.22
N LYS C 216 -18.99 -25.27 58.13
CA LYS C 216 -18.10 -25.78 59.17
C LYS C 216 -16.95 -24.82 59.41
N LYS C 217 -16.68 -24.54 60.69
CA LYS C 217 -15.63 -23.63 61.10
C LYS C 217 -14.31 -24.36 61.22
N VAL C 218 -13.25 -23.73 60.75
CA VAL C 218 -11.91 -24.32 60.76
C VAL C 218 -11.03 -23.51 61.71
N GLU C 219 -10.52 -24.19 62.74
CA GLU C 219 -9.55 -23.61 63.67
C GLU C 219 -8.76 -24.74 64.30
N PRO C 220 -7.58 -24.45 64.88
CA PRO C 220 -6.87 -25.50 65.61
C PRO C 220 -7.62 -25.95 66.85
#